data_1Z1H
# 
_entry.id   1Z1H 
# 
_audit_conform.dict_name       mmcif_pdbx.dic 
_audit_conform.dict_version    5.381 
_audit_conform.dict_location   http://mmcif.pdb.org/dictionaries/ascii/mmcif_pdbx.dic 
# 
loop_
_database_2.database_id 
_database_2.database_code 
_database_2.pdbx_database_accession 
_database_2.pdbx_DOI 
PDB   1Z1H         pdb_00001z1h 10.2210/pdb1z1h/pdb 
RCSB  RCSB032178   ?            ?                   
WWPDB D_1000032178 ?            ?                   
# 
_pdbx_database_PDB_obs_spr.id               SPRSDE 
_pdbx_database_PDB_obs_spr.date             2005-03-22 
_pdbx_database_PDB_obs_spr.pdb_id           1Z1H 
_pdbx_database_PDB_obs_spr.replace_pdb_id   1B6N 
_pdbx_database_PDB_obs_spr.details          ? 
# 
loop_
_pdbx_database_related.db_name 
_pdbx_database_related.db_id 
_pdbx_database_related.details 
_pdbx_database_related.content_type 
PDB 1B6N . unspecified 
PDB 1B6J . unspecified 
PDB 1B6L . unspecified 
PDB 1B6K . unspecified 
PDB 1B6M . unspecified 
PDB 1B6P . unspecified 
# 
_pdbx_database_status.status_code                     REL 
_pdbx_database_status.entry_id                        1Z1H 
_pdbx_database_status.recvd_initial_deposition_date   2005-03-04 
_pdbx_database_status.deposit_site                    RCSB 
_pdbx_database_status.process_site                    PDBJ 
_pdbx_database_status.status_code_sf                  REL 
_pdbx_database_status.status_code_mr                  ? 
_pdbx_database_status.SG_entry                        ? 
_pdbx_database_status.pdb_format_compatible           Y 
_pdbx_database_status.status_code_cs                  ? 
_pdbx_database_status.status_code_nmr_data            ? 
_pdbx_database_status.methods_development_category    ? 
# 
loop_
_audit_author.name 
_audit_author.pdbx_ordinal 
'Martin, J.L.'         1  
'Begun, J.'            2  
'Schindeler, A.'       3  
'Wickramasinghe, W.A.' 4  
'Alewood, D.'          5  
'Alewood, P.F.'        6  
'Bergman, D.A.'        7  
'Brinkworth, R.I.'     8  
'Abbenante, G.'        9  
'March, D.R.'          10 
'Reid, R.C.'           11 
'Fairlie, D.P.'        12 
# 
_citation.id                        primary 
_citation.title                     'Molecular recognition of macrocyclic peptidomimetic inhibitors by HIV-1 protease' 
_citation.journal_abbrev            Biochemistry 
_citation.journal_volume            38 
_citation.page_first                7978 
_citation.page_last                 7988 
_citation.year                      1999 
_citation.journal_id_ASTM           BICHAW 
_citation.country                   US 
_citation.journal_id_ISSN           0006-2960 
_citation.journal_id_CSD            0033 
_citation.book_publisher            ? 
_citation.pdbx_database_id_PubMed   10387041 
_citation.pdbx_database_id_DOI      10.1021/bi990174x 
# 
loop_
_citation_author.citation_id 
_citation_author.name 
_citation_author.ordinal 
_citation_author.identifier_ORCID 
primary 'Martin, J.L.'         1  ? 
primary 'Begun, J.'            2  ? 
primary 'Schindeler, A.'       3  ? 
primary 'Wickramasinghe, W.A.' 4  ? 
primary 'Alewood, D.'          5  ? 
primary 'Alewood, P.F.'        6  ? 
primary 'Bergman, D.A.'        7  ? 
primary 'Brinkworth, R.I.'     8  ? 
primary 'Abbenante, G.'        9  ? 
primary 'March, D.R.'          10 ? 
primary 'Reid, R.C.'           11 ? 
primary 'Fairlie, D.P.'        12 ? 
# 
_cell.entry_id           1Z1H 
_cell.length_a           51.400 
_cell.length_b           59.000 
_cell.length_c           62.000 
_cell.angle_alpha        90.00 
_cell.angle_beta         90.00 
_cell.angle_gamma        90.00 
_cell.Z_PDB              8 
_cell.pdbx_unique_axis   ? 
# 
_symmetry.entry_id                         1Z1H 
_symmetry.space_group_name_H-M             'P 21 21 21' 
_symmetry.pdbx_full_space_group_name_H-M   ? 
_symmetry.cell_setting                     ? 
_symmetry.Int_Tables_number                19 
_symmetry.space_group_name_Hall            ? 
# 
loop_
_entity.id 
_entity.type 
_entity.src_method 
_entity.pdbx_description 
_entity.formula_weight 
_entity.pdbx_number_of_molecules 
_entity.pdbx_ec 
_entity.pdbx_mutation 
_entity.pdbx_fragment 
_entity.details 
1 polymer     syn 'Pol polyprotein' 10765.687 2   3.4.23.16 'Gln7Lys Leu33Ile Cys67Aba Cys95Aba' 'HIV-1 protease' ? 
2 non-polymer syn 'SULFATE ION' 96.063    4   ?         ?                                    ?                ? 
3 non-polymer syn 
;N-{(2R)-2-HYDROXY-2-[(8S,11S)-8-ISOPROPYL-6,9-DIOXO-2-OXA-7,10-DIAZABICYCLO[11.2.2]HEPTADECA-1(15),13,16-TRIEN-11-YL]ETHYL}-N-ISOPENTYLBENZENESULFONAMIDE
;
573.744   1   ?         ?                                    ?                ? 
4 water       nat water 18.015    112 ?         ?                                    ?                ? 
# 
_entity_poly.entity_id                      1 
_entity_poly.type                           'polypeptide(L)' 
_entity_poly.nstd_linkage                   no 
_entity_poly.nstd_monomer                   yes 
_entity_poly.pdbx_seq_one_letter_code       
;PQITLWKRPLVTIRIGGQLKEALLDTGADDTVIEEMNLPGKWKPKMIGGIGGFIKVRQYDQIPVEI(ABA)GHKAIGTVL
VGPTPVNIIGRNLLTQIG(ABA)TLNF
;
_entity_poly.pdbx_seq_one_letter_code_can   
;PQITLWKRPLVTIRIGGQLKEALLDTGADDTVIEEMNLPGKWKPKMIGGIGGFIKVRQYDQIPVEIAGHKAIGTVLVGPT
PVNIIGRNLLTQIGATLNF
;
_entity_poly.pdbx_strand_id                 A,B 
_entity_poly.pdbx_target_identifier         ? 
# 
loop_
_entity_poly_seq.entity_id 
_entity_poly_seq.num 
_entity_poly_seq.mon_id 
_entity_poly_seq.hetero 
1 1  PRO n 
1 2  GLN n 
1 3  ILE n 
1 4  THR n 
1 5  LEU n 
1 6  TRP n 
1 7  LYS n 
1 8  ARG n 
1 9  PRO n 
1 10 LEU n 
1 11 VAL n 
1 12 THR n 
1 13 ILE n 
1 14 ARG n 
1 15 ILE n 
1 16 GLY n 
1 17 GLY n 
1 18 GLN n 
1 19 LEU n 
1 20 LYS n 
1 21 GLU n 
1 22 ALA n 
1 23 LEU n 
1 24 LEU n 
1 25 ASP n 
1 26 THR n 
1 27 GLY n 
1 28 ALA n 
1 29 ASP n 
1 30 ASP n 
1 31 THR n 
1 32 VAL n 
1 33 ILE n 
1 34 GLU n 
1 35 GLU n 
1 36 MET n 
1 37 ASN n 
1 38 LEU n 
1 39 PRO n 
1 40 GLY n 
1 41 LYS n 
1 42 TRP n 
1 43 LYS n 
1 44 PRO n 
1 45 LYS n 
1 46 MET n 
1 47 ILE n 
1 48 GLY n 
1 49 GLY n 
1 50 ILE n 
1 51 GLY n 
1 52 GLY n 
1 53 PHE n 
1 54 ILE n 
1 55 LYS n 
1 56 VAL n 
1 57 ARG n 
1 58 GLN n 
1 59 TYR n 
1 60 ASP n 
1 61 GLN n 
1 62 ILE n 
1 63 PRO n 
1 64 VAL n 
1 65 GLU n 
1 66 ILE n 
1 67 ABA n 
1 68 GLY n 
1 69 HIS n 
1 70 LYS n 
1 71 ALA n 
1 72 ILE n 
1 73 GLY n 
1 74 THR n 
1 75 VAL n 
1 76 LEU n 
1 77 VAL n 
1 78 GLY n 
1 79 PRO n 
1 80 THR n 
1 81 PRO n 
1 82 VAL n 
1 83 ASN n 
1 84 ILE n 
1 85 ILE n 
1 86 GLY n 
1 87 ARG n 
1 88 ASN n 
1 89 LEU n 
1 90 LEU n 
1 91 THR n 
1 92 GLN n 
1 93 ILE n 
1 94 GLY n 
1 95 ABA n 
1 96 THR n 
1 97 LEU n 
1 98 ASN n 
1 99 PHE n 
# 
_pdbx_entity_src_syn.entity_id              1 
_pdbx_entity_src_syn.pdbx_src_id            1 
_pdbx_entity_src_syn.pdbx_alt_source_flag   sample 
_pdbx_entity_src_syn.pdbx_beg_seq_num       ? 
_pdbx_entity_src_syn.pdbx_end_seq_num       ? 
_pdbx_entity_src_syn.organism_scientific    ? 
_pdbx_entity_src_syn.organism_common_name   ? 
_pdbx_entity_src_syn.ncbi_taxonomy_id       ? 
_pdbx_entity_src_syn.details                'HIV1 protease synthesised chemically by solid phase peptide synthesis' 
# 
_struct_ref.id                         1 
_struct_ref.db_name                    UNP 
_struct_ref.db_code                    POL_HV1A2 
_struct_ref.pdbx_db_accession          P03369 
_struct_ref.entity_id                  1 
_struct_ref.pdbx_seq_one_letter_code   
;PQITLWQRPLVTIRIGGQLKEALLDTGADDTVLEEMNLPGKWKPKMIGGIGGFIKVRQYDQIPVEICGHKAIGTVLVGPT
PVNIIGRNLLTQIGCTLNF
;
_struct_ref.pdbx_align_begin           57 
_struct_ref.pdbx_db_isoform            ? 
# 
loop_
_struct_ref_seq.align_id 
_struct_ref_seq.ref_id 
_struct_ref_seq.pdbx_PDB_id_code 
_struct_ref_seq.pdbx_strand_id 
_struct_ref_seq.seq_align_beg 
_struct_ref_seq.pdbx_seq_align_beg_ins_code 
_struct_ref_seq.seq_align_end 
_struct_ref_seq.pdbx_seq_align_end_ins_code 
_struct_ref_seq.pdbx_db_accession 
_struct_ref_seq.db_align_beg 
_struct_ref_seq.pdbx_db_align_beg_ins_code 
_struct_ref_seq.db_align_end 
_struct_ref_seq.pdbx_db_align_end_ins_code 
_struct_ref_seq.pdbx_auth_seq_align_beg 
_struct_ref_seq.pdbx_auth_seq_align_end 
1 1 1Z1H A 1 ? 99 ? P03369 57 ? 155 ? 1   99  
2 1 1Z1H B 1 ? 99 ? P03369 57 ? 155 ? 101 199 
# 
loop_
_struct_ref_seq_dif.align_id 
_struct_ref_seq_dif.pdbx_pdb_id_code 
_struct_ref_seq_dif.mon_id 
_struct_ref_seq_dif.pdbx_pdb_strand_id 
_struct_ref_seq_dif.seq_num 
_struct_ref_seq_dif.pdbx_pdb_ins_code 
_struct_ref_seq_dif.pdbx_seq_db_name 
_struct_ref_seq_dif.pdbx_seq_db_accession_code 
_struct_ref_seq_dif.db_mon_id 
_struct_ref_seq_dif.pdbx_seq_db_seq_num 
_struct_ref_seq_dif.details 
_struct_ref_seq_dif.pdbx_auth_seq_num 
_struct_ref_seq_dif.pdbx_ordinal 
1 1Z1H LYS A 7  ? UNP P03369 GLN 63  'engineered mutation' 7   1 
1 1Z1H ILE A 33 ? UNP P03369 LEU 89  'engineered mutation' 33  2 
1 1Z1H ABA A 67 ? UNP P03369 CYS 123 'engineered mutation' 67  3 
1 1Z1H ABA A 95 ? UNP P03369 CYS 151 'engineered mutation' 95  4 
2 1Z1H LYS B 7  ? UNP P03369 GLN 63  'engineered mutation' 107 5 
2 1Z1H ILE B 33 ? UNP P03369 LEU 89  'engineered mutation' 133 6 
2 1Z1H ABA B 67 ? UNP P03369 CYS 123 'engineered mutation' 167 7 
2 1Z1H ABA B 95 ? UNP P03369 CYS 151 'engineered mutation' 195 8 
# 
loop_
_chem_comp.id 
_chem_comp.type 
_chem_comp.mon_nstd_flag 
_chem_comp.name 
_chem_comp.pdbx_synonyms 
_chem_comp.formula 
_chem_comp.formula_weight 
ABA 'L-peptide linking' n 'ALPHA-AMINOBUTYRIC ACID' ? 'C4 H9 N O2'      103.120 
ALA 'L-peptide linking' y ALANINE ? 'C3 H7 N O2'      89.093  
ARG 'L-peptide linking' y ARGININE ? 'C6 H15 N4 O2 1'  175.209 
ASN 'L-peptide linking' y ASPARAGINE ? 'C4 H8 N2 O3'     132.118 
ASP 'L-peptide linking' y 'ASPARTIC ACID' ? 'C4 H7 N O4'      133.103 
CYS 'L-peptide linking' y CYSTEINE ? 'C3 H7 N O2 S'    121.158 
GLN 'L-peptide linking' y GLUTAMINE ? 'C5 H10 N2 O3'    146.144 
GLU 'L-peptide linking' y 'GLUTAMIC ACID' ? 'C5 H9 N O4'      147.129 
GLY 'peptide linking'   y GLYCINE ? 'C2 H5 N O2'      75.067  
HBB non-polymer         . 
;N-{(2R)-2-HYDROXY-2-[(8S,11S)-8-ISOPROPYL-6,9-DIOXO-2-OXA-7,10-DIAZABICYCLO[11.2.2]HEPTADECA-1(15),13,16-TRIEN-11-YL]ETHYL}-N-ISOPENTYLBENZENESULFONAMIDE
;
;N-[2-HYDROXY-2-(8-ISOPROPYL-6,9-DIOXO-2-OXA-7,10-DIAZA-BICYCLO[11.2.2]HEPTADECA-1(16),13(17),14-TRIEN-11-YL)-ETHYL]-N-(3-METHYL-BUTYL)-BENZENESULFONAMIDE; INHIBITOR 3
;
'C30 H43 N3 O6 S' 573.744 
HIS 'L-peptide linking' y HISTIDINE ? 'C6 H10 N3 O2 1'  156.162 
HOH non-polymer         . WATER ? 'H2 O'            18.015  
ILE 'L-peptide linking' y ISOLEUCINE ? 'C6 H13 N O2'     131.173 
LEU 'L-peptide linking' y LEUCINE ? 'C6 H13 N O2'     131.173 
LYS 'L-peptide linking' y LYSINE ? 'C6 H15 N2 O2 1'  147.195 
MET 'L-peptide linking' y METHIONINE ? 'C5 H11 N O2 S'   149.211 
PHE 'L-peptide linking' y PHENYLALANINE ? 'C9 H11 N O2'     165.189 
PRO 'L-peptide linking' y PROLINE ? 'C5 H9 N O2'      115.130 
SO4 non-polymer         . 'SULFATE ION' ? 'O4 S -2'         96.063  
THR 'L-peptide linking' y THREONINE ? 'C4 H9 N O3'      119.119 
TRP 'L-peptide linking' y TRYPTOPHAN ? 'C11 H12 N2 O2'   204.225 
TYR 'L-peptide linking' y TYROSINE ? 'C9 H11 N O3'     181.189 
VAL 'L-peptide linking' y VALINE ? 'C5 H11 N O2'     117.146 
# 
_exptl.entry_id          1Z1H 
_exptl.method            'X-RAY DIFFRACTION' 
_exptl.crystals_number   1 
# 
_exptl_crystal.id                    1 
_exptl_crystal.density_meas          ? 
_exptl_crystal.density_Matthews      1.96 
_exptl_crystal.density_percent_sol   37 
_exptl_crystal.description           ? 
_exptl_crystal.F_000                 ? 
_exptl_crystal.preparation           ? 
# 
_exptl_crystal_grow.crystal_id      1 
_exptl_crystal_grow.method          'VAPOR DIFFUSION, HANGING DROP' 
_exptl_crystal_grow.temp            293 
_exptl_crystal_grow.temp_details    ? 
_exptl_crystal_grow.pH              5.5 
_exptl_crystal_grow.pdbx_details    
'30-60% ammonium sulfate, 0.1M acetate buffer, pH 5.5, VAPOR DIFFUSION, HANGING DROP, temperature 293K' 
_exptl_crystal_grow.pdbx_pH_range   . 
# 
_diffrn.id                     1 
_diffrn.ambient_temp           289 
_diffrn.ambient_temp_details   ? 
_diffrn.crystal_id             1 
# 
_diffrn_detector.diffrn_id              1 
_diffrn_detector.detector               'IMAGE PLATE' 
_diffrn_detector.type                   'RIGAKU RAXIS IIC' 
_diffrn_detector.pdbx_collection_date   1998-07-09 
_diffrn_detector.details                'Yale mirror monochromator' 
# 
_diffrn_radiation.diffrn_id                        1 
_diffrn_radiation.wavelength_id                    1 
_diffrn_radiation.pdbx_monochromatic_or_laue_m_l   M 
_diffrn_radiation.monochromator                    'Yale mirror monchromator with nickel filter' 
_diffrn_radiation.pdbx_diffrn_protocol             'SINGLE WAVELENGTH' 
_diffrn_radiation.pdbx_scattering_type             x-ray 
# 
_diffrn_radiation_wavelength.id           1 
_diffrn_radiation_wavelength.wavelength   1.5418 
_diffrn_radiation_wavelength.wt           1.0 
# 
_diffrn_source.diffrn_id                   1 
_diffrn_source.source                      'ROTATING ANODE' 
_diffrn_source.type                        'RIGAKU RU200' 
_diffrn_source.pdbx_synchrotron_site       ? 
_diffrn_source.pdbx_synchrotron_beamline   ? 
_diffrn_source.pdbx_wavelength             1.5418 
_diffrn_source.pdbx_wavelength_list        ? 
# 
_reflns.entry_id                     1Z1H 
_reflns.observed_criterion_sigma_F   ? 
_reflns.observed_criterion_sigma_I   1.0 
_reflns.d_resolution_high            1.80 
_reflns.d_resolution_low             50.0 
_reflns.number_all                   ? 
_reflns.number_obs                   15458 
_reflns.percent_possible_obs         84.6 
_reflns.pdbx_Rmerge_I_obs            ? 
_reflns.pdbx_Rsym_value              0.064 
_reflns.pdbx_netI_over_sigmaI        10.4 
_reflns.B_iso_Wilson_estimate        ? 
_reflns.pdbx_redundancy              2.400 
_reflns.R_free_details               ? 
_reflns.limit_h_max                  ? 
_reflns.limit_h_min                  ? 
_reflns.limit_k_max                  ? 
_reflns.limit_k_min                  ? 
_reflns.limit_l_max                  ? 
_reflns.limit_l_min                  ? 
_reflns.observed_criterion_F_max     ? 
_reflns.observed_criterion_F_min     ? 
_reflns.pdbx_chi_squared             ? 
_reflns.pdbx_scaling_rejects         ? 
_reflns.pdbx_diffrn_id               1 
_reflns.pdbx_ordinal                 1 
# 
_reflns_shell.d_res_high             1.8 
_reflns_shell.d_res_low              1.86 
_reflns_shell.percent_possible_all   66.2 
_reflns_shell.Rmerge_I_obs           ? 
_reflns_shell.pdbx_Rsym_value        0.293 
_reflns_shell.meanI_over_sigI_obs    2.2 
_reflns_shell.pdbx_redundancy        ? 
_reflns_shell.percent_possible_obs   ? 
_reflns_shell.number_unique_all      ? 
_reflns_shell.number_measured_all    ? 
_reflns_shell.number_measured_obs    ? 
_reflns_shell.number_unique_obs      ? 
_reflns_shell.pdbx_chi_squared       ? 
_reflns_shell.pdbx_diffrn_id         ? 
_reflns_shell.pdbx_ordinal           1 
# 
_refine.entry_id                                 1Z1H 
_refine.ls_d_res_high                            1.85 
_refine.ls_d_res_low                             8.0 
_refine.pdbx_ls_sigma_F                          0.0 
_refine.pdbx_ls_sigma_I                          ? 
_refine.ls_number_reflns_all                     14203 
_refine.ls_number_reflns_obs                     14203 
_refine.ls_number_reflns_R_free                  1446 
_refine.ls_percent_reflns_obs                    ? 
_refine.ls_R_factor_all                          0.1821 
_refine.ls_R_factor_obs                          0.1821 
_refine.ls_R_factor_R_work                       0.178 
_refine.ls_R_factor_R_free                       0.2307 
_refine.ls_redundancy_reflns_obs                 ? 
_refine.pdbx_data_cutoff_high_absF               ? 
_refine.pdbx_data_cutoff_low_absF                ? 
_refine.ls_number_parameters                     ? 
_refine.ls_number_restraints                     ? 
_refine.ls_percent_reflns_R_free                 ? 
_refine.ls_R_factor_R_free_error                 ? 
_refine.ls_R_factor_R_free_error_details         ? 
_refine.pdbx_method_to_determine_struct          'FOURIER SYNTHESIS' 
_refine.pdbx_starting_model                      1B6N 
_refine.pdbx_ls_cross_valid_method               THROUGHOUT 
_refine.pdbx_R_Free_selection_details            random 
_refine.pdbx_stereochem_target_val_spec_case     ? 
_refine.pdbx_stereochemistry_target_values       'Engh & Huber' 
_refine.solvent_model_details                    ? 
_refine.solvent_model_param_bsol                 ? 
_refine.solvent_model_param_ksol                 ? 
_refine.occupancy_max                            ? 
_refine.occupancy_min                            ? 
_refine.pdbx_isotropic_thermal_model             isotropic 
_refine.B_iso_mean                               ? 
_refine.aniso_B[1][1]                            3.132 
_refine.aniso_B[1][2]                            0.000 
_refine.aniso_B[1][3]                            0.000 
_refine.aniso_B[2][2]                            -0.647 
_refine.aniso_B[2][3]                            0.000 
_refine.aniso_B[3][3]                            -2.485 
_refine.details                                  'bulk solvent correction' 
_refine.B_iso_min                                ? 
_refine.B_iso_max                                ? 
_refine.correlation_coeff_Fo_to_Fc               ? 
_refine.correlation_coeff_Fo_to_Fc_free          ? 
_refine.pdbx_solvent_vdw_probe_radii             ? 
_refine.pdbx_solvent_ion_probe_radii             ? 
_refine.pdbx_solvent_shrinkage_radii             ? 
_refine.overall_SU_R_Cruickshank_DPI             ? 
_refine.overall_SU_R_free                        ? 
_refine.overall_SU_B                             ? 
_refine.overall_SU_ML                            ? 
_refine.pdbx_overall_ESU_R                       ? 
_refine.pdbx_overall_ESU_R_Free                  ? 
_refine.pdbx_data_cutoff_high_rms_absF           ? 
_refine.ls_wR_factor_R_free                      ? 
_refine.ls_wR_factor_R_work                      ? 
_refine.overall_FOM_free_R_set                   ? 
_refine.overall_FOM_work_R_set                   ? 
_refine.pdbx_refine_id                           'X-RAY DIFFRACTION' 
_refine.pdbx_diffrn_id                           1 
_refine.pdbx_TLS_residual_ADP_flag               ? 
_refine.pdbx_overall_phase_error                 ? 
_refine.pdbx_overall_SU_R_free_Cruickshank_DPI   ? 
_refine.pdbx_overall_SU_R_Blow_DPI               ? 
_refine.pdbx_overall_SU_R_free_Blow_DPI          ? 
# 
_refine_hist.pdbx_refine_id                   'X-RAY DIFFRACTION' 
_refine_hist.cycle_id                         LAST 
_refine_hist.pdbx_number_atoms_protein        1517 
_refine_hist.pdbx_number_atoms_nucleic_acid   0 
_refine_hist.pdbx_number_atoms_ligand         65 
_refine_hist.number_atoms_solvent             112 
_refine_hist.number_atoms_total               1694 
_refine_hist.d_res_high                       1.85 
_refine_hist.d_res_low                        8.0 
# 
loop_
_refine_ls_restr.type 
_refine_ls_restr.dev_ideal 
_refine_ls_restr.dev_ideal_target 
_refine_ls_restr.weight 
_refine_ls_restr.number 
_refine_ls_restr.pdbx_refine_id 
_refine_ls_restr.pdbx_restraint_function 
c_bond_d    0.009 ? ? ? 'X-RAY DIFFRACTION' ? 
c_angle_deg 1.607 ? ? ? 'X-RAY DIFFRACTION' ? 
# 
_refine_ls_shell.pdbx_total_number_of_bins_used   ? 
_refine_ls_shell.d_res_high                       1.85 
_refine_ls_shell.d_res_low                        1.92 
_refine_ls_shell.number_reflns_R_work             ? 
_refine_ls_shell.R_factor_R_work                  0.2944 
_refine_ls_shell.percent_reflns_obs               ? 
_refine_ls_shell.R_factor_R_free                  0.3088 
_refine_ls_shell.R_factor_R_free_error            ? 
_refine_ls_shell.percent_reflns_R_free            ? 
_refine_ls_shell.number_reflns_R_free             107 
_refine_ls_shell.number_reflns_obs                1176 
_refine_ls_shell.redundancy_reflns_obs            ? 
_refine_ls_shell.number_reflns_all                ? 
_refine_ls_shell.pdbx_refine_id                   'X-RAY DIFFRACTION' 
_refine_ls_shell.R_factor_all                     ? 
# 
_struct.entry_id                  1Z1H 
_struct.title                     'HIV-1 protease complexed with macrocyclic peptidomimetic inhibitor 3' 
_struct.pdbx_model_details        ? 
_struct.pdbx_CASP_flag            ? 
_struct.pdbx_model_type_details   ? 
# 
_struct_keywords.entry_id        1Z1H 
_struct_keywords.pdbx_keywords   HYDROLASE 
_struct_keywords.text            'macrocyclic inhibitors, peptidomimetic inhibitors, HIV1 protease, hydrolase' 
# 
loop_
_struct_asym.id 
_struct_asym.pdbx_blank_PDB_chainid_flag 
_struct_asym.pdbx_modified 
_struct_asym.entity_id 
_struct_asym.details 
A N N 1 ? 
B N N 1 ? 
C N N 2 ? 
D N N 2 ? 
E N N 3 ? 
F N N 2 ? 
G N N 2 ? 
H N N 4 ? 
I N N 4 ? 
# 
_struct_biol.id                    1 
_struct_biol.details               
;The biological unit is a homodimer. 
The two molecules of the homodimer are present in the asymmetric unit
;
_struct_biol.pdbx_parent_biol_id   ? 
# 
loop_
_struct_conf.conf_type_id 
_struct_conf.id 
_struct_conf.pdbx_PDB_helix_id 
_struct_conf.beg_label_comp_id 
_struct_conf.beg_label_asym_id 
_struct_conf.beg_label_seq_id 
_struct_conf.pdbx_beg_PDB_ins_code 
_struct_conf.end_label_comp_id 
_struct_conf.end_label_asym_id 
_struct_conf.end_label_seq_id 
_struct_conf.pdbx_end_PDB_ins_code 
_struct_conf.beg_auth_comp_id 
_struct_conf.beg_auth_asym_id 
_struct_conf.beg_auth_seq_id 
_struct_conf.end_auth_comp_id 
_struct_conf.end_auth_asym_id 
_struct_conf.end_auth_seq_id 
_struct_conf.pdbx_PDB_helix_class 
_struct_conf.details 
_struct_conf.pdbx_PDB_helix_length 
HELX_P HELX_P1 1 GLY A 86 ? THR A 91 ? GLY A 86  THR A 91  1 ? 6 
HELX_P HELX_P2 2 GLY B 86 ? THR B 91 ? GLY B 186 THR B 191 1 ? 6 
HELX_P HELX_P3 3 GLN B 92 ? GLY B 94 ? GLN B 192 GLY B 194 5 ? 3 
# 
_struct_conf_type.id          HELX_P 
_struct_conf_type.criteria    ? 
_struct_conf_type.reference   ? 
# 
loop_
_struct_conn.id 
_struct_conn.conn_type_id 
_struct_conn.pdbx_leaving_atom_flag 
_struct_conn.pdbx_PDB_id 
_struct_conn.ptnr1_label_asym_id 
_struct_conn.ptnr1_label_comp_id 
_struct_conn.ptnr1_label_seq_id 
_struct_conn.ptnr1_label_atom_id 
_struct_conn.pdbx_ptnr1_label_alt_id 
_struct_conn.pdbx_ptnr1_PDB_ins_code 
_struct_conn.pdbx_ptnr1_standard_comp_id 
_struct_conn.ptnr1_symmetry 
_struct_conn.ptnr2_label_asym_id 
_struct_conn.ptnr2_label_comp_id 
_struct_conn.ptnr2_label_seq_id 
_struct_conn.ptnr2_label_atom_id 
_struct_conn.pdbx_ptnr2_label_alt_id 
_struct_conn.pdbx_ptnr2_PDB_ins_code 
_struct_conn.ptnr1_auth_asym_id 
_struct_conn.ptnr1_auth_comp_id 
_struct_conn.ptnr1_auth_seq_id 
_struct_conn.ptnr2_auth_asym_id 
_struct_conn.ptnr2_auth_comp_id 
_struct_conn.ptnr2_auth_seq_id 
_struct_conn.ptnr2_symmetry 
_struct_conn.pdbx_ptnr3_label_atom_id 
_struct_conn.pdbx_ptnr3_label_seq_id 
_struct_conn.pdbx_ptnr3_label_comp_id 
_struct_conn.pdbx_ptnr3_label_asym_id 
_struct_conn.pdbx_ptnr3_label_alt_id 
_struct_conn.pdbx_ptnr3_PDB_ins_code 
_struct_conn.details 
_struct_conn.pdbx_dist_value 
_struct_conn.pdbx_value_order 
_struct_conn.pdbx_role 
covale1 covale both ? A ILE 66 C ? ? ? 1_555 A ABA 67 N ? ? A ILE 66  A ABA 67  1_555 ? ? ? ? ? ? ? 1.326 ? ? 
covale2 covale both ? A ABA 67 C ? ? ? 1_555 A GLY 68 N ? ? A ABA 67  A GLY 68  1_555 ? ? ? ? ? ? ? 1.324 ? ? 
covale3 covale both ? A GLY 94 C ? ? ? 1_555 A ABA 95 N ? ? A GLY 94  A ABA 95  1_555 ? ? ? ? ? ? ? 1.327 ? ? 
covale4 covale both ? A ABA 95 C ? ? ? 1_555 A THR 96 N ? ? A ABA 95  A THR 96  1_555 ? ? ? ? ? ? ? 1.331 ? ? 
covale5 covale both ? B ILE 66 C ? ? ? 1_555 B ABA 67 N ? ? B ILE 166 B ABA 167 1_555 ? ? ? ? ? ? ? 1.329 ? ? 
covale6 covale both ? B ABA 67 C ? ? ? 1_555 B GLY 68 N ? ? B ABA 167 B GLY 168 1_555 ? ? ? ? ? ? ? 1.330 ? ? 
covale7 covale both ? B GLY 94 C ? ? ? 1_555 B ABA 95 N ? ? B GLY 194 B ABA 195 1_555 ? ? ? ? ? ? ? 1.335 ? ? 
covale8 covale both ? B ABA 95 C ? ? ? 1_555 B THR 96 N ? ? B ABA 195 B THR 196 1_555 ? ? ? ? ? ? ? 1.331 ? ? 
# 
_struct_conn_type.id          covale 
_struct_conn_type.criteria    ? 
_struct_conn_type.reference   ? 
# 
loop_
_struct_sheet.id 
_struct_sheet.type 
_struct_sheet.number_strands 
_struct_sheet.details 
A ? 4 ? 
B ? 8 ? 
C ? 8 ? 
# 
loop_
_struct_sheet_order.sheet_id 
_struct_sheet_order.range_id_1 
_struct_sheet_order.range_id_2 
_struct_sheet_order.offset 
_struct_sheet_order.sense 
A 1 2 ? anti-parallel 
A 2 3 ? anti-parallel 
A 3 4 ? anti-parallel 
B 1 2 ? anti-parallel 
B 2 3 ? anti-parallel 
B 3 4 ? parallel      
B 4 5 ? anti-parallel 
B 5 6 ? parallel      
B 6 7 ? anti-parallel 
B 7 8 ? anti-parallel 
C 1 2 ? anti-parallel 
C 2 3 ? anti-parallel 
C 3 4 ? parallel      
C 4 5 ? anti-parallel 
C 5 6 ? parallel      
C 6 7 ? anti-parallel 
C 7 8 ? anti-parallel 
# 
loop_
_struct_sheet_range.sheet_id 
_struct_sheet_range.id 
_struct_sheet_range.beg_label_comp_id 
_struct_sheet_range.beg_label_asym_id 
_struct_sheet_range.beg_label_seq_id 
_struct_sheet_range.pdbx_beg_PDB_ins_code 
_struct_sheet_range.end_label_comp_id 
_struct_sheet_range.end_label_asym_id 
_struct_sheet_range.end_label_seq_id 
_struct_sheet_range.pdbx_end_PDB_ins_code 
_struct_sheet_range.beg_auth_comp_id 
_struct_sheet_range.beg_auth_asym_id 
_struct_sheet_range.beg_auth_seq_id 
_struct_sheet_range.end_auth_comp_id 
_struct_sheet_range.end_auth_asym_id 
_struct_sheet_range.end_auth_seq_id 
A 1 GLN A 2  ? THR A 4  ? GLN A 2   THR A 4   
A 2 THR B 96 ? ASN B 98 ? THR B 196 ASN B 198 
A 3 THR A 96 ? ASN A 98 ? THR A 96  ASN A 98  
A 4 GLN B 2  ? THR B 4  ? GLN B 102 THR B 104 
B 1 LYS A 43 ? GLY A 49 ? LYS A 43  GLY A 49  
B 2 GLY A 52 ? ILE A 66 ? GLY A 52  ILE A 66  
B 3 HIS A 69 ? VAL A 77 ? HIS A 69  VAL A 77  
B 4 VAL A 32 ? ILE A 33 ? VAL A 32  ILE A 33  
B 5 ILE A 84 ? ILE A 85 ? ILE A 84  ILE A 85  
B 6 GLN A 18 ? LEU A 24 ? GLN A 18  LEU A 24  
B 7 LEU A 10 ? ILE A 15 ? LEU A 10  ILE A 15  
B 8 GLY A 52 ? ILE A 66 ? GLY A 52  ILE A 66  
C 1 LYS B 43 ? GLY B 49 ? LYS B 143 GLY B 149 
C 2 GLY B 52 ? ILE B 66 ? GLY B 152 ILE B 166 
C 3 HIS B 69 ? GLY B 78 ? HIS B 169 GLY B 178 
C 4 VAL B 32 ? GLU B 34 ? VAL B 132 GLU B 134 
C 5 ILE B 84 ? ILE B 85 ? ILE B 184 ILE B 185 
C 6 GLN B 18 ? LEU B 24 ? GLN B 118 LEU B 124 
C 7 LEU B 10 ? ILE B 15 ? LEU B 110 ILE B 115 
C 8 GLY B 52 ? ILE B 66 ? GLY B 152 ILE B 166 
# 
loop_
_pdbx_struct_sheet_hbond.sheet_id 
_pdbx_struct_sheet_hbond.range_id_1 
_pdbx_struct_sheet_hbond.range_id_2 
_pdbx_struct_sheet_hbond.range_1_label_atom_id 
_pdbx_struct_sheet_hbond.range_1_label_comp_id 
_pdbx_struct_sheet_hbond.range_1_label_asym_id 
_pdbx_struct_sheet_hbond.range_1_label_seq_id 
_pdbx_struct_sheet_hbond.range_1_PDB_ins_code 
_pdbx_struct_sheet_hbond.range_1_auth_atom_id 
_pdbx_struct_sheet_hbond.range_1_auth_comp_id 
_pdbx_struct_sheet_hbond.range_1_auth_asym_id 
_pdbx_struct_sheet_hbond.range_1_auth_seq_id 
_pdbx_struct_sheet_hbond.range_2_label_atom_id 
_pdbx_struct_sheet_hbond.range_2_label_comp_id 
_pdbx_struct_sheet_hbond.range_2_label_asym_id 
_pdbx_struct_sheet_hbond.range_2_label_seq_id 
_pdbx_struct_sheet_hbond.range_2_PDB_ins_code 
_pdbx_struct_sheet_hbond.range_2_auth_atom_id 
_pdbx_struct_sheet_hbond.range_2_auth_comp_id 
_pdbx_struct_sheet_hbond.range_2_auth_asym_id 
_pdbx_struct_sheet_hbond.range_2_auth_seq_id 
A 1 2 N ILE A 3  ? N ILE A 3   O LEU B 97 ? O LEU B 197 
A 2 3 O THR B 96 ? O THR B 196 N ASN A 98 ? N ASN A 98  
A 3 4 N LEU A 97 ? N LEU A 97  O ILE B 3  ? O ILE B 103 
B 1 2 N LYS A 43 ? N LYS A 43  O GLN A 58 ? O GLN A 58  
B 2 3 N ILE A 66 ? N ILE A 66  O HIS A 69 ? O HIS A 69  
B 3 4 O LEU A 76 ? O LEU A 76  N ILE A 33 ? N ILE A 33  
B 4 5 N VAL A 32 ? N VAL A 32  O ILE A 84 ? O ILE A 84  
B 5 6 O ILE A 85 ? O ILE A 85  N LEU A 23 ? N LEU A 23  
B 6 7 O LYS A 20 ? O LYS A 20  N ILE A 13 ? N ILE A 13  
B 7 8 N ARG A 14 ? N ARG A 14  O GLU A 65 ? O GLU A 65  
C 1 2 N LYS B 45 ? N LYS B 145 O VAL B 56 ? O VAL B 156 
C 2 3 N ILE B 66 ? N ILE B 166 O HIS B 69 ? O HIS B 169 
C 3 4 O LEU B 76 ? O LEU B 176 N ILE B 33 ? N ILE B 133 
C 4 5 N VAL B 32 ? N VAL B 132 O ILE B 84 ? O ILE B 184 
C 5 6 O ILE B 85 ? O ILE B 185 N LEU B 23 ? N LEU B 123 
C 6 7 O ALA B 22 ? O ALA B 122 N VAL B 11 ? N VAL B 111 
C 7 8 N ARG B 14 ? N ARG B 114 O GLU B 65 ? O GLU B 165 
# 
loop_
_struct_site.id 
_struct_site.pdbx_evidence_code 
_struct_site.pdbx_auth_asym_id 
_struct_site.pdbx_auth_comp_id 
_struct_site.pdbx_auth_seq_id 
_struct_site.pdbx_auth_ins_code 
_struct_site.pdbx_num_residues 
_struct_site.details 
AC1 Software B SO4 501 ? 5  'BINDING SITE FOR RESIDUE SO4 B 501' 
AC2 Software A SO4 502 ? 3  'BINDING SITE FOR RESIDUE SO4 A 502' 
AC3 Software A SO4 503 ? 6  'BINDING SITE FOR RESIDUE SO4 A 503' 
AC4 Software B SO4 504 ? 5  'BINDING SITE FOR RESIDUE SO4 B 504' 
AC5 Software A HBB 201 ? 19 'BINDING SITE FOR RESIDUE HBB A 201' 
# 
loop_
_struct_site_gen.id 
_struct_site_gen.site_id 
_struct_site_gen.pdbx_num_res 
_struct_site_gen.label_comp_id 
_struct_site_gen.label_asym_id 
_struct_site_gen.label_seq_id 
_struct_site_gen.pdbx_auth_ins_code 
_struct_site_gen.auth_comp_id 
_struct_site_gen.auth_asym_id 
_struct_site_gen.auth_seq_id 
_struct_site_gen.label_atom_id 
_struct_site_gen.label_alt_id 
_struct_site_gen.symmetry 
_struct_site_gen.details 
1  AC1 5  GLY A 68 ? GLY A 68  . ? 3_545 ? 
2  AC1 5  HIS A 69 ? HIS A 69  . ? 3_545 ? 
3  AC1 5  LYS A 70 ? LYS A 70  . ? 3_545 ? 
4  AC1 5  PRO B 1  ? PRO B 101 . ? 2_554 ? 
5  AC1 5  LYS B 55 ? LYS B 155 . ? 1_555 ? 
6  AC2 3  PRO A 1  ? PRO A 1   . ? 1_555 ? 
7  AC2 3  ARG A 57 ? ARG A 57  . ? 2_455 ? 
8  AC2 3  HIS A 69 ? HIS A 69  . ? 1_555 ? 
9  AC3 6  ARG A 14 ? ARG A 14  . ? 1_555 ? 
10 AC3 6  HOH H .  ? HOH A 370 . ? 1_555 ? 
11 AC3 6  ARG B 14 ? ARG B 114 . ? 1_455 ? 
12 AC3 6  GLY B 16 ? GLY B 116 . ? 1_455 ? 
13 AC3 6  GLY B 17 ? GLY B 117 . ? 1_455 ? 
14 AC3 6  HOH I .  ? HOH B 386 . ? 1_455 ? 
15 AC4 5  GLN A 18 ? GLN A 18  . ? 1_655 ? 
16 AC4 5  MET A 36 ? MET A 36  . ? 1_655 ? 
17 AC4 5  ASN A 37 ? ASN A 37  . ? 1_655 ? 
18 AC4 5  PRO B 39 ? PRO B 139 . ? 1_555 ? 
19 AC4 5  GLY B 40 ? GLY B 140 . ? 1_555 ? 
20 AC5 19 ASP A 25 ? ASP A 25  . ? 1_555 ? 
21 AC5 19 GLY A 27 ? GLY A 27  . ? 1_555 ? 
22 AC5 19 ALA A 28 ? ALA A 28  . ? 1_555 ? 
23 AC5 19 ASP A 29 ? ASP A 29  . ? 1_555 ? 
24 AC5 19 GLY A 48 ? GLY A 48  . ? 1_555 ? 
25 AC5 19 GLY A 49 ? GLY A 49  . ? 1_555 ? 
26 AC5 19 ILE A 50 ? ILE A 50  . ? 1_555 ? 
27 AC5 19 VAL A 82 ? VAL A 82  . ? 1_555 ? 
28 AC5 19 ILE A 84 ? ILE A 84  . ? 1_555 ? 
29 AC5 19 HOH H .  ? HOH A 301 . ? 1_555 ? 
30 AC5 19 ARG B 8  ? ARG B 108 . ? 1_555 ? 
31 AC5 19 ASP B 25 ? ASP B 125 . ? 1_555 ? 
32 AC5 19 GLY B 27 ? GLY B 127 . ? 1_555 ? 
33 AC5 19 ASP B 30 ? ASP B 130 . ? 1_555 ? 
34 AC5 19 VAL B 32 ? VAL B 132 . ? 1_555 ? 
35 AC5 19 GLY B 48 ? GLY B 148 . ? 1_555 ? 
36 AC5 19 GLY B 49 ? GLY B 149 . ? 1_555 ? 
37 AC5 19 ILE B 84 ? ILE B 184 . ? 1_555 ? 
38 AC5 19 HOH I .  ? HOH B 389 . ? 1_555 ? 
# 
_atom_sites.entry_id                    1Z1H 
_atom_sites.fract_transf_matrix[1][1]   0.01133486 
_atom_sites.fract_transf_matrix[1][2]   -0.01509401 
_atom_sites.fract_transf_matrix[1][3]   -0.00471052 
_atom_sites.fract_transf_matrix[2][1]   0.00693906 
_atom_sites.fract_transf_matrix[2][2]   0.00911027 
_atom_sites.fract_transf_matrix[2][3]   -0.01249484 
_atom_sites.fract_transf_matrix[3][1]   0.01132412 
_atom_sites.fract_transf_matrix[3][2]   0.00532871 
_atom_sites.fract_transf_matrix[3][3]   0.01017417 
_atom_sites.fract_transf_vector[1]      0.099759 
_atom_sites.fract_transf_vector[2]      0.020555 
_atom_sites.fract_transf_vector[3]      0.297604 
# 
loop_
_atom_type.symbol 
C 
N 
O 
S 
# 
loop_
_atom_site.group_PDB 
_atom_site.id 
_atom_site.type_symbol 
_atom_site.label_atom_id 
_atom_site.label_alt_id 
_atom_site.label_comp_id 
_atom_site.label_asym_id 
_atom_site.label_entity_id 
_atom_site.label_seq_id 
_atom_site.pdbx_PDB_ins_code 
_atom_site.Cartn_x 
_atom_site.Cartn_y 
_atom_site.Cartn_z 
_atom_site.occupancy 
_atom_site.B_iso_or_equiv 
_atom_site.pdbx_formal_charge 
_atom_site.auth_seq_id 
_atom_site.auth_comp_id 
_atom_site.auth_asym_id 
_atom_site.auth_atom_id 
_atom_site.pdbx_PDB_model_num 
ATOM   1    N N   . PRO A 1 1  ? 8.624   15.259  7.185   1.00 30.08  ? 1   PRO A N   1 
ATOM   2    C CA  . PRO A 1 1  ? 9.477   14.423  8.063   1.00 30.04  ? 1   PRO A CA  1 
ATOM   3    C C   . PRO A 1 1  ? 9.913   13.147  7.352   1.00 28.63  ? 1   PRO A C   1 
ATOM   4    O O   . PRO A 1 1  ? 9.465   12.871  6.244   1.00 29.21  ? 1   PRO A O   1 
ATOM   5    C CB  . PRO A 1 1  ? 8.633   14.086  9.275   1.00 33.40  ? 1   PRO A CB  1 
ATOM   6    C CG  . PRO A 1 1  ? 7.226   14.024  8.646   1.00 31.25  ? 1   PRO A CG  1 
ATOM   7    C CD  . PRO A 1 1  ? 7.221   15.212  7.647   1.00 31.64  ? 1   PRO A CD  1 
ATOM   8    N N   . GLN A 1 2  ? 10.799  12.386  7.988   1.00 27.09  ? 2   GLN A N   1 
ATOM   9    C CA  . GLN A 1 2  ? 11.272  11.112  7.444   1.00 25.97  ? 2   GLN A CA  1 
ATOM   10   C C   . GLN A 1 2  ? 10.636  10.020  8.281   1.00 25.87  ? 2   GLN A C   1 
ATOM   11   O O   . GLN A 1 2  ? 10.816  9.976   9.498   1.00 28.36  ? 2   GLN A O   1 
ATOM   12   C CB  . GLN A 1 2  ? 12.791  11.019  7.520   1.00 28.50  ? 2   GLN A CB  1 
ATOM   13   C CG  . GLN A 1 2  ? 13.328  9.626   7.246   1.00 32.21  ? 2   GLN A CG  1 
ATOM   14   C CD  . GLN A 1 2  ? 14.785  9.634   6.836   1.00 36.13  ? 2   GLN A CD  1 
ATOM   15   O OE1 . GLN A 1 2  ? 15.105  9.821   5.667   1.00 37.69  ? 2   GLN A OE1 1 
ATOM   16   N NE2 . GLN A 1 2  ? 15.680  9.448   7.803   1.00 38.05  ? 2   GLN A NE2 1 
ATOM   17   N N   . ILE A 1 3  ? 9.889   9.140   7.626   1.00 23.10  ? 3   ILE A N   1 
ATOM   18   C CA  . ILE A 1 3  ? 9.168   8.080   8.323   1.00 20.95  ? 3   ILE A CA  1 
ATOM   19   C C   . ILE A 1 3  ? 9.721   6.704   7.982   1.00 19.92  ? 3   ILE A C   1 
ATOM   20   O O   . ILE A 1 3  ? 9.787   6.330   6.810   1.00 17.04  ? 3   ILE A O   1 
ATOM   21   C CB  . ILE A 1 3  ? 7.654   8.139   7.947   1.00 22.77  ? 3   ILE A CB  1 
ATOM   22   C CG1 . ILE A 1 3  ? 7.061   9.497   8.350   1.00 20.98  ? 3   ILE A CG1 1 
ATOM   23   C CG2 . ILE A 1 3  ? 6.888   7.013   8.622   1.00 22.97  ? 3   ILE A CG2 1 
ATOM   24   C CD1 . ILE A 1 3  ? 5.671   9.788   7.744   1.00 26.15  ? 3   ILE A CD1 1 
ATOM   25   N N   . THR A 1 4  ? 10.122  5.957   9.011   1.00 18.84  ? 4   THR A N   1 
ATOM   26   C CA  . THR A 1 4  ? 10.650  4.596   8.838   1.00 20.23  ? 4   THR A CA  1 
ATOM   27   C C   . THR A 1 4  ? 9.481   3.610   8.856   1.00 18.30  ? 4   THR A C   1 
ATOM   28   O O   . THR A 1 4  ? 8.391   3.940   9.316   1.00 19.67  ? 4   THR A O   1 
ATOM   29   C CB  . THR A 1 4  ? 11.660  4.215   9.952   1.00 24.20  ? 4   THR A CB  1 
ATOM   30   O OG1 . THR A 1 4  ? 11.068  4.442   11.243  1.00 24.71  ? 4   THR A OG1 1 
ATOM   31   C CG2 . THR A 1 4  ? 12.946  5.031   9.801   1.00 22.48  ? 4   THR A CG2 1 
ATOM   32   N N   . LEU A 1 5  ? 9.707   2.392   8.394   1.00 16.07  ? 5   LEU A N   1 
ATOM   33   C CA  . LEU A 1 5  ? 8.599   1.454   8.281   1.00 16.48  ? 5   LEU A CA  1 
ATOM   34   C C   . LEU A 1 5  ? 8.492   0.246   9.237   1.00 16.95  ? 5   LEU A C   1 
ATOM   35   O O   . LEU A 1 5  ? 7.812   -0.753  8.923   1.00 14.06  ? 5   LEU A O   1 
ATOM   36   C CB  . LEU A 1 5  ? 8.552   0.994   6.815   1.00 16.99  ? 5   LEU A CB  1 
ATOM   37   C CG  . LEU A 1 5  ? 8.419   2.152   5.811   1.00 16.18  ? 5   LEU A CG  1 
ATOM   38   C CD1 . LEU A 1 5  ? 8.705   1.661   4.393   1.00 16.45  ? 5   LEU A CD1 1 
ATOM   39   C CD2 . LEU A 1 5  ? 7.024   2.761   5.902   1.00 15.25  ? 5   LEU A CD2 1 
ATOM   40   N N   . TRP A 1 6  ? 9.124   0.336   10.405  1.00 18.78  ? 6   TRP A N   1 
ATOM   41   C CA  . TRP A 1 6  ? 9.065   -0.762  11.377  1.00 21.03  ? 6   TRP A CA  1 
ATOM   42   C C   . TRP A 1 6  ? 7.663   -0.828  11.935  1.00 20.43  ? 6   TRP A C   1 
ATOM   43   O O   . TRP A 1 6  ? 7.211   -1.867  12.392  1.00 22.48  ? 6   TRP A O   1 
ATOM   44   C CB  . TRP A 1 6  ? 10.072  -0.547  12.520  1.00 25.10  ? 6   TRP A CB  1 
ATOM   45   C CG  . TRP A 1 6  ? 11.424  -0.227  12.019  1.00 28.11  ? 6   TRP A CG  1 
ATOM   46   C CD1 . TRP A 1 6  ? 11.930  1.017   11.766  1.00 32.13  ? 6   TRP A CD1 1 
ATOM   47   C CD2 . TRP A 1 6  ? 12.413  -1.163  11.578  1.00 27.40  ? 6   TRP A CD2 1 
ATOM   48   N NE1 . TRP A 1 6  ? 13.170  0.913   11.182  1.00 33.07  ? 6   TRP A NE1 1 
ATOM   49   C CE2 . TRP A 1 6  ? 13.492  -0.413  11.057  1.00 29.59  ? 6   TRP A CE2 1 
ATOM   50   C CE3 . TRP A 1 6  ? 12.489  -2.561  11.568  1.00 28.84  ? 6   TRP A CE3 1 
ATOM   51   C CZ2 . TRP A 1 6  ? 14.641  -1.015  10.530  1.00 32.02  ? 6   TRP A CZ2 1 
ATOM   52   C CZ3 . TRP A 1 6  ? 13.629  -3.161  11.043  1.00 32.97  ? 6   TRP A CZ3 1 
ATOM   53   C CH2 . TRP A 1 6  ? 14.693  -2.383  10.532  1.00 33.15  ? 6   TRP A CH2 1 
ATOM   54   N N   . LYS A 1 7  ? 6.979   0.303   11.889  1.00 21.03  ? 7   LYS A N   1 
ATOM   55   C CA  . LYS A 1 7  ? 5.603   0.370   12.345  1.00 25.65  ? 7   LYS A CA  1 
ATOM   56   C C   . LYS A 1 7  ? 4.791   0.813   11.131  1.00 24.88  ? 7   LYS A C   1 
ATOM   57   O O   . LYS A 1 7  ? 5.360   1.353   10.192  1.00 24.36  ? 7   LYS A O   1 
ATOM   58   C CB  . LYS A 1 7  ? 5.480   1.400   13.469  1.00 30.61  ? 7   LYS A CB  1 
ATOM   59   C CG  . LYS A 1 7  ? 6.302   1.051   14.694  1.00 37.46  ? 7   LYS A CG  1 
ATOM   60   C CD  . LYS A 1 7  ? 6.194   2.119   15.786  1.00 43.97  ? 7   LYS A CD  1 
ATOM   61   C CE  . LYS A 1 7  ? 6.835   3.426   15.342  1.00 48.69  ? 7   LYS A CE  1 
ATOM   62   N NZ  . LYS A 1 7  ? 8.289   3.269   15.007  1.00 50.72  ? 7   LYS A NZ  1 
ATOM   63   N N   . ARG A 1 8  ? 3.480   0.575   11.128  1.00 22.95  ? 8   ARG A N   1 
ATOM   64   C CA  . ARG A 1 8  ? 2.659   1.036   10.008  1.00 21.21  ? 8   ARG A CA  1 
ATOM   65   C C   . ARG A 1 8  ? 2.783   2.563   9.938   1.00 18.80  ? 8   ARG A C   1 
ATOM   66   O O   . ARG A 1 8  ? 2.783   3.248   10.964  1.00 18.18  ? 8   ARG A O   1 
ATOM   67   C CB  . ARG A 1 8  ? 1.185   0.663   10.216  1.00 24.56  ? 8   ARG A CB  1 
ATOM   68   C CG  . ARG A 1 8  ? 0.853   -0.789  9.998   1.00 27.76  ? 8   ARG A CG  1 
ATOM   69   C CD  . ARG A 1 8  ? -0.648  -0.973  10.073  1.00 35.08  ? 8   ARG A CD  1 
ATOM   70   N NE  . ARG A 1 8  ? -1.057  -2.329  9.722   1.00 40.17  ? 8   ARG A NE  1 
ATOM   71   C CZ  . ARG A 1 8  ? -2.296  -2.673  9.383   1.00 45.76  ? 8   ARG A CZ  1 
ATOM   72   N NH1 . ARG A 1 8  ? -3.257  -1.756  9.345   1.00 46.65  ? 8   ARG A NH1 1 
ATOM   73   N NH2 . ARG A 1 8  ? -2.575  -3.935  9.080   1.00 45.50  ? 8   ARG A NH2 1 
ATOM   74   N N   . PRO A 1 9  ? 2.897   3.121   8.729   1.00 17.91  ? 9   PRO A N   1 
ATOM   75   C CA  . PRO A 1 9  ? 3.016   4.580   8.613   1.00 15.96  ? 9   PRO A CA  1 
ATOM   76   C C   . PRO A 1 9  ? 1.676   5.301   8.786   1.00 15.93  ? 9   PRO A C   1 
ATOM   77   O O   . PRO A 1 9  ? 1.119   5.844   7.827   1.00 15.49  ? 9   PRO A O   1 
ATOM   78   C CB  . PRO A 1 9  ? 3.633   4.760   7.223   1.00 13.26  ? 9   PRO A CB  1 
ATOM   79   C CG  . PRO A 1 9  ? 3.062   3.584   6.459   1.00 14.78  ? 9   PRO A CG  1 
ATOM   80   C CD  . PRO A 1 9  ? 3.181   2.452   7.450   1.00 15.78  ? 9   PRO A CD  1 
ATOM   81   N N   . LEU A 1 10 ? 1.168   5.304   10.020  1.00 17.60  ? 10  LEU A N   1 
ATOM   82   C CA  . LEU A 1 10 ? -0.106  5.954   10.350  1.00 20.45  ? 10  LEU A CA  1 
ATOM   83   C C   . LEU A 1 10 ? 0.102   7.400   10.753  1.00 20.86  ? 10  LEU A C   1 
ATOM   84   O O   . LEU A 1 10 ? 0.984   7.697   11.545  1.00 24.03  ? 10  LEU A O   1 
ATOM   85   C CB  . LEU A 1 10 ? -0.799  5.227   11.499  1.00 21.88  ? 10  LEU A CB  1 
ATOM   86   C CG  . LEU A 1 10 ? -1.433  3.864   11.205  1.00 25.19  ? 10  LEU A CG  1 
ATOM   87   C CD1 . LEU A 1 10 ? -1.846  3.200   12.516  1.00 25.08  ? 10  LEU A CD1 1 
ATOM   88   C CD2 . LEU A 1 10 ? -2.639  4.040   10.293  1.00 21.32  ? 10  LEU A CD2 1 
ATOM   89   N N   . VAL A 1 11 ? -0.700  8.298   10.194  1.00 18.13  ? 11  VAL A N   1 
ATOM   90   C CA  . VAL A 1 11 ? -0.594  9.716   10.511  1.00 18.00  ? 11  VAL A CA  1 
ATOM   91   C C   . VAL A 1 11 ? -1.975  10.320  10.697  1.00 16.53  ? 11  VAL A C   1 
ATOM   92   O O   . VAL A 1 11 ? -2.970  9.756   10.267  1.00 15.66  ? 11  VAL A O   1 
ATOM   93   C CB  . VAL A 1 11 ? 0.104   10.473  9.390   1.00 16.04  ? 11  VAL A CB  1 
ATOM   94   C CG1 . VAL A 1 11 ? 1.511   9.905   9.185   1.00 19.01  ? 11  VAL A CG1 1 
ATOM   95   C CG2 . VAL A 1 11 ? -0.718  10.355  8.111   1.00 18.63  ? 11  VAL A CG2 1 
ATOM   96   N N   . THR A 1 12 ? -2.041  11.475  11.336  1.00 19.18  ? 12  THR A N   1 
ATOM   97   C CA  . THR A 1 12 ? -3.328  12.120  11.534  1.00 19.39  ? 12  THR A CA  1 
ATOM   98   C C   . THR A 1 12 ? -3.670  13.020  10.347  1.00 18.72  ? 12  THR A C   1 
ATOM   99   O O   . THR A 1 12 ? -2.813  13.745  9.825   1.00 18.70  ? 12  THR A O   1 
ATOM   100  C CB  . THR A 1 12 ? -3.334  12.960  12.842  1.00 23.73  ? 12  THR A CB  1 
ATOM   101  O OG1 . THR A 1 12 ? -3.154  12.085  13.961  1.00 21.20  ? 12  THR A OG1 1 
ATOM   102  C CG2 . THR A 1 12 ? -4.670  13.705  13.002  1.00 26.86  ? 12  THR A CG2 1 
ATOM   103  N N   . ILE A 1 13 ? -4.919  12.943  9.902   1.00 17.12  ? 13  ILE A N   1 
ATOM   104  C CA  . ILE A 1 13 ? -5.391  13.768  8.800   1.00 16.88  ? 13  ILE A CA  1 
ATOM   105  C C   . ILE A 1 13 ? -6.634  14.525  9.238   1.00 18.74  ? 13  ILE A C   1 
ATOM   106  O O   . ILE A 1 13 ? -7.287  14.154  10.216  1.00 19.38  ? 13  ILE A O   1 
ATOM   107  C CB  . ILE A 1 13 ? -5.736  12.927  7.527   1.00 15.91  ? 13  ILE A CB  1 
ATOM   108  C CG1 . ILE A 1 13 ? -6.921  11.998  7.792   1.00 12.48  ? 13  ILE A CG1 1 
ATOM   109  C CG2 . ILE A 1 13 ? -4.513  12.123  7.080   1.00 12.06  ? 13  ILE A CG2 1 
ATOM   110  C CD1 . ILE A 1 13 ? -7.427  11.298  6.519   1.00 14.78  ? 13  ILE A CD1 1 
ATOM   111  N N   . ARG A 1 14 ? -6.953  15.597  8.526   1.00 21.70  ? 14  ARG A N   1 
ATOM   112  C CA  . ARG A 1 14 ? -8.138  16.380  8.830   1.00 23.73  ? 14  ARG A CA  1 
ATOM   113  C C   . ARG A 1 14 ? -8.949  16.421  7.549   1.00 24.96  ? 14  ARG A C   1 
ATOM   114  O O   . ARG A 1 14 ? -8.467  16.888  6.519   1.00 21.20  ? 14  ARG A O   1 
ATOM   115  C CB  . ARG A 1 14 ? -7.763  17.804  9.250   1.00 30.98  ? 14  ARG A CB  1 
ATOM   116  C CG  . ARG A 1 14 ? -8.891  18.557  9.963   1.00 39.07  ? 14  ARG A CG  1 
ATOM   117  C CD  . ARG A 1 14 ? -8.574  20.043  10.175  1.00 46.43  ? 14  ARG A CD  1 
ATOM   118  N NE  . ARG A 1 14 ? -9.071  20.875  9.078   1.00 52.32  ? 14  ARG A NE  1 
ATOM   119  C CZ  . ARG A 1 14 ? -8.316  21.691  8.342   1.00 57.61  ? 14  ARG A CZ  1 
ATOM   120  N NH1 . ARG A 1 14 ? -7.015  21.793  8.581   1.00 59.79  ? 14  ARG A NH1 1 
ATOM   121  N NH2 . ARG A 1 14 ? -8.863  22.404  7.362   1.00 57.45  ? 14  ARG A NH2 1 
ATOM   122  N N   . ILE A 1 15 ? -10.173 15.909  7.596   1.00 24.95  ? 15  ILE A N   1 
ATOM   123  C CA  . ILE A 1 15 ? -11.021 15.908  6.415   1.00 28.08  ? 15  ILE A CA  1 
ATOM   124  C C   . ILE A 1 15 ? -12.469 16.180  6.844   1.00 30.55  ? 15  ILE A C   1 
ATOM   125  O O   . ILE A 1 15 ? -12.928 15.645  7.846   1.00 32.11  ? 15  ILE A O   1 
ATOM   126  C CB  . ILE A 1 15 ? -10.890 14.550  5.646   1.00 25.52  ? 15  ILE A CB  1 
ATOM   127  C CG1 . ILE A 1 15 ? -11.765 14.577  4.397   1.00 23.77  ? 15  ILE A CG1 1 
ATOM   128  C CG2 . ILE A 1 15 ? -11.228 13.384  6.569   1.00 25.07  ? 15  ILE A CG2 1 
ATOM   129  C CD1 . ILE A 1 15 ? -11.693 13.331  3.565   1.00 29.82  ? 15  ILE A CD1 1 
ATOM   130  N N   . GLY A 1 16 ? -13.171 17.031  6.099   1.00 31.24  ? 16  GLY A N   1 
ATOM   131  C CA  . GLY A 1 16 ? -14.539 17.360  6.455   1.00 34.14  ? 16  GLY A CA  1 
ATOM   132  C C   . GLY A 1 16 ? -14.611 18.021  7.823   1.00 36.58  ? 16  GLY A C   1 
ATOM   133  O O   . GLY A 1 16 ? -15.656 17.985  8.479   1.00 37.47  ? 16  GLY A O   1 
ATOM   134  N N   . GLY A 1 17 ? -13.494 18.624  8.244   1.00 36.06  ? 17  GLY A N   1 
ATOM   135  C CA  . GLY A 1 17 ? -13.414 19.288  9.535   1.00 35.26  ? 17  GLY A CA  1 
ATOM   136  C C   . GLY A 1 17 ? -13.194 18.323  10.688  1.00 36.10  ? 17  GLY A C   1 
ATOM   137  O O   . GLY A 1 17 ? -13.139 18.723  11.849  1.00 37.11  ? 17  GLY A O   1 
ATOM   138  N N   . GLN A 1 18 ? -13.049 17.045  10.365  1.00 34.40  ? 18  GLN A N   1 
ATOM   139  C CA  . GLN A 1 18 ? -12.856 16.005  11.373  1.00 34.57  ? 18  GLN A CA  1 
ATOM   140  C C   . GLN A 1 18 ? -11.439 15.407  11.333  1.00 32.31  ? 18  GLN A C   1 
ATOM   141  O O   . GLN A 1 18 ? -10.831 15.312  10.268  1.00 31.25  ? 18  GLN A O   1 
ATOM   142  C CB  . GLN A 1 18 ? -13.880 14.905  11.122  1.00 37.50  ? 18  GLN A CB  1 
ATOM   143  C CG  . GLN A 1 18 ? -14.088 13.956  12.260  1.00 46.38  ? 18  GLN A CG  1 
ATOM   144  C CD  . GLN A 1 18 ? -15.181 12.964  11.947  1.00 51.11  ? 18  GLN A CD  1 
ATOM   145  O OE1 . GLN A 1 18 ? -14.965 11.987  11.225  1.00 53.40  ? 18  GLN A OE1 1 
ATOM   146  N NE2 . GLN A 1 18 ? -16.375 13.222  12.464  1.00 53.63  ? 18  GLN A NE2 1 
ATOM   147  N N   . LEU A 1 19 ? -10.923 15.006  12.492  1.00 26.99  ? 19  LEU A N   1 
ATOM   148  C CA  . LEU A 1 19 ? -9.600  14.400  12.581  1.00 27.90  ? 19  LEU A CA  1 
ATOM   149  C C   . LEU A 1 19 ? -9.726  12.896  12.474  1.00 28.26  ? 19  LEU A C   1 
ATOM   150  O O   . LEU A 1 19 ? -10.645 12.308  13.039  1.00 29.52  ? 19  LEU A O   1 
ATOM   151  C CB  . LEU A 1 19 ? -8.941  14.729  13.919  1.00 28.95  ? 19  LEU A CB  1 
ATOM   152  C CG  . LEU A 1 19 ? -7.907  15.851  13.955  1.00 34.71  ? 19  LEU A CG  1 
ATOM   153  C CD1 . LEU A 1 19 ? -8.416  17.069  13.192  1.00 36.53  ? 19  LEU A CD1 1 
ATOM   154  C CD2 . LEU A 1 19 ? -7.611  16.196  15.402  1.00 32.73  ? 19  LEU A CD2 1 
ATOM   155  N N   . LYS A 1 20 ? -8.805  12.269  11.752  1.00 26.24  ? 20  LYS A N   1 
ATOM   156  C CA  . LYS A 1 20 ? -8.820  10.818  11.600  1.00 25.67  ? 20  LYS A CA  1 
ATOM   157  C C   . LYS A 1 20 ? -7.408  10.302  11.415  1.00 23.02  ? 20  LYS A C   1 
ATOM   158  O O   . LYS A 1 20 ? -6.492  11.078  11.185  1.00 24.18  ? 20  LYS A O   1 
ATOM   159  C CB  . LYS A 1 20 ? -9.672  10.403  10.397  1.00 28.00  ? 20  LYS A CB  1 
ATOM   160  C CG  . LYS A 1 20 ? -11.174 10.404  10.673  1.00 35.68  ? 20  LYS A CG  1 
ATOM   161  C CD  . LYS A 1 20 ? -11.930 9.707   9.562   1.00 40.03  ? 20  LYS A CD  1 
ATOM   162  C CE  . LYS A 1 20 ? -13.387 9.507   9.930   1.00 41.70  ? 20  LYS A CE  1 
ATOM   163  N NZ  . LYS A 1 20 ? -14.120 8.719   8.888   1.00 48.32  ? 20  LYS A NZ  1 
ATOM   164  N N   . GLU A 1 21 ? -7.239  8.991   11.534  1.00 21.16  ? 21  GLU A N   1 
ATOM   165  C CA  . GLU A 1 21 ? -5.942  8.359   11.354  1.00 19.50  ? 21  GLU A CA  1 
ATOM   166  C C   . GLU A 1 21 ? -5.916  7.608   10.015  1.00 17.33  ? 21  GLU A C   1 
ATOM   167  O O   . GLU A 1 21 ? -6.845  6.873   9.687   1.00 18.08  ? 21  GLU A O   1 
ATOM   168  C CB  . GLU A 1 21 ? -5.660  7.401   12.510  0.50 18.56  ? 21  GLU A CB  1 
ATOM   169  C CG  . GLU A 1 21 ? -4.818  8.016   13.595  0.50 24.93  ? 21  GLU A CG  1 
ATOM   170  C CD  . GLU A 1 21 ? -3.834  7.028   14.172  0.50 28.12  ? 21  GLU A CD  1 
ATOM   171  O OE1 . GLU A 1 21 ? -2.740  7.463   14.585  0.50 30.25  ? 21  GLU A OE1 1 
ATOM   172  O OE2 . GLU A 1 21 ? -4.153  5.820   14.213  0.50 28.36  ? 21  GLU A OE2 1 
ATOM   173  N N   . ALA A 1 22 ? -4.851  7.787   9.243   1.00 18.42  ? 22  ALA A N   1 
ATOM   174  C CA  . ALA A 1 22 ? -4.754  7.128   7.942   1.00 15.91  ? 22  ALA A CA  1 
ATOM   175  C C   . ALA A 1 22 ? -3.366  6.588   7.648   1.00 17.93  ? 22  ALA A C   1 
ATOM   176  O O   . ALA A 1 22 ? -2.353  7.093   8.136   1.00 16.87  ? 22  ALA A O   1 
ATOM   177  C CB  . ALA A 1 22 ? -5.174  8.087   6.833   1.00 12.47  ? 22  ALA A CB  1 
ATOM   178  N N   . LEU A 1 23 ? -3.337  5.564   6.815   1.00 15.01  ? 23  LEU A N   1 
ATOM   179  C CA  . LEU A 1 23 ? -2.109  4.911   6.408   1.00 16.35  ? 23  LEU A CA  1 
ATOM   180  C C   . LEU A 1 23 ? -1.550  5.552   5.132   1.00 13.61  ? 23  LEU A C   1 
ATOM   181  O O   . LEU A 1 23 ? -2.293  5.701   4.157   1.00 15.29  ? 23  LEU A O   1 
ATOM   182  C CB  . LEU A 1 23 ? -2.434  3.443   6.146   1.00 19.31  ? 23  LEU A CB  1 
ATOM   183  C CG  . LEU A 1 23 ? -1.355  2.388   5.990   1.00 23.85  ? 23  LEU A CG  1 
ATOM   184  C CD1 . LEU A 1 23 ? -0.543  2.295   7.279   1.00 20.19  ? 23  LEU A CD1 1 
ATOM   185  C CD2 . LEU A 1 23 ? -2.047  1.049   5.695   1.00 25.27  ? 23  LEU A CD2 1 
ATOM   186  N N   . LEU A 1 24 ? -0.272  5.957   5.145   1.00 10.57  ? 24  LEU A N   1 
ATOM   187  C CA  . LEU A 1 24 ? 0.384   6.511   3.938   1.00 10.93  ? 24  LEU A CA  1 
ATOM   188  C C   . LEU A 1 24 ? 0.744   5.250   3.131   1.00 11.71  ? 24  LEU A C   1 
ATOM   189  O O   . LEU A 1 24 ? 1.647   4.482   3.489   1.00 14.14  ? 24  LEU A O   1 
ATOM   190  C CB  . LEU A 1 24 ? 1.641   7.299   4.319   1.00 12.79  ? 24  LEU A CB  1 
ATOM   191  C CG  . LEU A 1 24 ? 1.391   8.477   5.259   1.00 16.92  ? 24  LEU A CG  1 
ATOM   192  C CD1 . LEU A 1 24 ? 2.685   9.246   5.481   1.00 18.92  ? 24  LEU A CD1 1 
ATOM   193  C CD2 . LEU A 1 24 ? 0.320   9.378   4.656   1.00 16.86  ? 24  LEU A CD2 1 
ATOM   194  N N   . ASP A 1 25 ? 0.028   5.040   2.040   1.00 10.43  ? 25  ASP A N   1 
ATOM   195  C CA  . ASP A 1 25 ? 0.136   3.819   1.243   1.00 10.79  ? 25  ASP A CA  1 
ATOM   196  C C   . ASP A 1 25 ? 0.590   4.037   -0.201  1.00 8.84   ? 25  ASP A C   1 
ATOM   197  O O   . ASP A 1 25 ? -0.201  4.393   -1.079  1.00 8.29   ? 25  ASP A O   1 
ATOM   198  C CB  . ASP A 1 25 ? -1.255  3.161   1.283   1.00 14.23  ? 25  ASP A CB  1 
ATOM   199  C CG  . ASP A 1 25 ? -1.311  1.804   0.618   1.00 15.48  ? 25  ASP A CG  1 
ATOM   200  O OD1 . ASP A 1 25 ? -0.299  1.309   0.086   1.00 15.02  ? 25  ASP A OD1 1 
ATOM   201  O OD2 . ASP A 1 25 ? -2.411  1.231   0.651   1.00 18.12  ? 25  ASP A OD2 1 
ATOM   202  N N   . THR A 1 26 ? 1.867   3.783   -0.444  1.00 8.78   ? 26  THR A N   1 
ATOM   203  C CA  . THR A 1 26 ? 2.414   3.958   -1.764  1.00 7.60   ? 26  THR A CA  1 
ATOM   204  C C   . THR A 1 26 ? 1.846   2.940   -2.733  1.00 10.44  ? 26  THR A C   1 
ATOM   205  O O   . THR A 1 26 ? 1.944   3.119   -3.946  1.00 13.09  ? 26  THR A O   1 
ATOM   206  C CB  . THR A 1 26 ? 3.941   3.852   -1.736  1.00 11.16  ? 26  THR A CB  1 
ATOM   207  O OG1 . THR A 1 26 ? 4.338   2.574   -1.201  1.00 10.66  ? 26  THR A OG1 1 
ATOM   208  C CG2 . THR A 1 26 ? 4.510   4.993   -0.894  1.00 10.38  ? 26  THR A CG2 1 
ATOM   209  N N   . GLY A 1 27 ? 1.224   1.890   -2.191  1.00 9.58   ? 27  GLY A N   1 
ATOM   210  C CA  . GLY A 1 27 ? 0.621   0.855   -3.028  1.00 10.76  ? 27  GLY A CA  1 
ATOM   211  C C   . GLY A 1 27 ? -0.821  1.117   -3.431  1.00 11.24  ? 27  GLY A C   1 
ATOM   212  O O   . GLY A 1 27 ? -1.457  0.293   -4.104  1.00 13.11  ? 27  GLY A O   1 
ATOM   213  N N   . ALA A 1 28 ? -1.354  2.265   -3.044  1.00 9.95   ? 28  ALA A N   1 
ATOM   214  C CA  . ALA A 1 28 ? -2.742  2.585   -3.371  1.00 7.24   ? 28  ALA A CA  1 
ATOM   215  C C   . ALA A 1 28 ? -2.796  3.661   -4.458  1.00 10.54  ? 28  ALA A C   1 
ATOM   216  O O   . ALA A 1 28 ? -2.154  4.697   -4.325  1.00 8.05   ? 28  ALA A O   1 
ATOM   217  C CB  . ALA A 1 28 ? -3.447  3.088   -2.129  1.00 9.60   ? 28  ALA A CB  1 
ATOM   218  N N   . ASP A 1 29 ? -3.552  3.436   -5.526  1.00 11.00  ? 29  ASP A N   1 
ATOM   219  C CA  . ASP A 1 29 ? -3.626  4.452   -6.572  1.00 12.60  ? 29  ASP A CA  1 
ATOM   220  C C   . ASP A 1 29 ? -4.468  5.610   -6.061  1.00 15.65  ? 29  ASP A C   1 
ATOM   221  O O   . ASP A 1 29 ? -4.177  6.769   -6.332  1.00 14.11  ? 29  ASP A O   1 
ATOM   222  C CB  . ASP A 1 29 ? -4.305  3.945   -7.846  1.00 14.35  ? 29  ASP A CB  1 
ATOM   223  C CG  . ASP A 1 29 ? -3.532  2.842   -8.549  1.00 15.03  ? 29  ASP A CG  1 
ATOM   224  O OD1 . ASP A 1 29 ? -2.320  2.688   -8.319  1.00 16.84  ? 29  ASP A OD1 1 
ATOM   225  O OD2 . ASP A 1 29 ? -4.165  2.134   -9.363  1.00 16.88  ? 29  ASP A OD2 1 
ATOM   226  N N   . ASP A 1 30 ? -5.509  5.272   -5.314  1.00 14.08  ? 30  ASP A N   1 
ATOM   227  C CA  . ASP A 1 30 ? -6.440  6.255   -4.793  1.00 15.10  ? 30  ASP A CA  1 
ATOM   228  C C   . ASP A 1 30 ? -6.497  6.266   -3.271  1.00 14.79  ? 30  ASP A C   1 
ATOM   229  O O   . ASP A 1 30 ? -5.983  5.372   -2.595  1.00 13.48  ? 30  ASP A O   1 
ATOM   230  C CB  . ASP A 1 30 ? -7.845  5.967   -5.332  1.00 20.29  ? 30  ASP A CB  1 
ATOM   231  C CG  . ASP A 1 30 ? -7.860  5.730   -6.836  1.00 21.95  ? 30  ASP A CG  1 
ATOM   232  O OD1 . ASP A 1 30 ? -7.398  6.614   -7.590  1.00 25.60  ? 30  ASP A OD1 1 
ATOM   233  O OD2 . ASP A 1 30 ? -8.330  4.649   -7.251  1.00 26.70  ? 30  ASP A OD2 1 
ATOM   234  N N   . THR A 1 31 ? -7.159  7.295   -2.761  1.00 12.87  ? 31  THR A N   1 
ATOM   235  C CA  . THR A 1 31 ? -7.355  7.529   -1.337  1.00 9.20   ? 31  THR A CA  1 
ATOM   236  C C   . THR A 1 31 ? -8.764  7.003   -1.010  1.00 13.04  ? 31  THR A C   1 
ATOM   237  O O   . THR A 1 31 ? -9.745  7.366   -1.671  1.00 13.01  ? 31  THR A O   1 
ATOM   238  C CB  . THR A 1 31 ? -7.236  9.052   -1.068  1.00 9.12   ? 31  THR A CB  1 
ATOM   239  O OG1 . THR A 1 31 ? -5.870  9.451   -1.263  1.00 10.12  ? 31  THR A OG1 1 
ATOM   240  C CG2 . THR A 1 31 ? -7.709  9.417   0.333   1.00 5.91   ? 31  THR A CG2 1 
ATOM   241  N N   . VAL A 1 32 ? -8.859  6.124   -0.014  1.00 13.80  ? 32  VAL A N   1 
ATOM   242  C CA  . VAL A 1 32 ? -10.146 5.534   0.363   1.00 13.15  ? 32  VAL A CA  1 
ATOM   243  C C   . VAL A 1 32 ? -10.326 5.709   1.860   1.00 11.97  ? 32  VAL A C   1 
ATOM   244  O O   . VAL A 1 32 ? -9.501  5.254   2.633   1.00 14.16  ? 32  VAL A O   1 
ATOM   245  C CB  . VAL A 1 32 ? -10.201 4.021   0.023   1.00 14.56  ? 32  VAL A CB  1 
ATOM   246  C CG1 . VAL A 1 32 ? -11.612 3.488   0.245   1.00 13.34  ? 32  VAL A CG1 1 
ATOM   247  C CG2 . VAL A 1 32 ? -9.786  3.787   -1.403  1.00 17.94  ? 32  VAL A CG2 1 
ATOM   248  N N   . ILE A 1 33 ? -11.416 6.359   2.251   1.00 9.90   ? 33  ILE A N   1 
ATOM   249  C CA  . ILE A 1 33 ? -11.731 6.654   3.639   1.00 13.98  ? 33  ILE A CA  1 
ATOM   250  C C   . ILE A 1 33 ? -12.966 5.868   4.095   1.00 12.74  ? 33  ILE A C   1 
ATOM   251  O O   . ILE A 1 33 ? -13.869 5.608   3.299   1.00 15.49  ? 33  ILE A O   1 
ATOM   252  C CB  . ILE A 1 33 ? -12.019 8.167   3.791   1.00 14.10  ? 33  ILE A CB  1 
ATOM   253  C CG1 . ILE A 1 33 ? -10.822 8.975   3.280   1.00 16.63  ? 33  ILE A CG1 1 
ATOM   254  C CG2 . ILE A 1 33 ? -12.314 8.513   5.247   1.00 20.47  ? 33  ILE A CG2 1 
ATOM   255  C CD1 . ILE A 1 33 ? -9.554  8.777   4.079   1.00 14.64  ? 33  ILE A CD1 1 
ATOM   256  N N   . GLU A 1 34 ? -13.002 5.499   5.365   1.00 13.09  ? 34  GLU A N   1 
ATOM   257  C CA  . GLU A 1 34 ? -14.129 4.756   5.922   1.00 16.86  ? 34  GLU A CA  1 
ATOM   258  C C   . GLU A 1 34 ? -15.385 5.585   5.788   1.00 20.50  ? 34  GLU A C   1 
ATOM   259  O O   . GLU A 1 34 ? -15.324 6.812   5.734   1.00 22.86  ? 34  GLU A O   1 
ATOM   260  C CB  A GLU A 1 34 ? -13.889 4.433   7.396   0.50 18.61  ? 34  GLU A CB  1 
ATOM   261  C CB  B GLU A 1 34 ? -13.868 4.436   7.392   0.50 17.06  ? 34  GLU A CB  1 
ATOM   262  C CG  A GLU A 1 34 ? -13.059 3.187   7.629   0.50 21.57  ? 34  GLU A CG  1 
ATOM   263  C CG  B GLU A 1 34 ? -13.715 5.664   8.264   0.50 17.64  ? 34  GLU A CG  1 
ATOM   264  C CD  A GLU A 1 34 ? -12.166 3.311   8.844   0.50 25.05  ? 34  GLU A CD  1 
ATOM   265  C CD  B GLU A 1 34 ? -12.959 5.375   9.543   0.50 19.32  ? 34  GLU A CD  1 
ATOM   266  O OE1 A GLU A 1 34 ? -12.637 3.833   9.877   0.50 28.14  ? 34  GLU A OE1 1 
ATOM   267  O OE1 B GLU A 1 34 ? -12.926 4.199   9.960   0.50 23.97  ? 34  GLU A OE1 1 
ATOM   268  O OE2 A GLU A 1 34 ? -10.995 2.885   8.767   0.50 26.46  ? 34  GLU A OE2 1 
ATOM   269  O OE2 B GLU A 1 34 ? -12.403 6.322   10.138  0.50 20.63  ? 34  GLU A OE2 1 
ATOM   270  N N   . GLU A 1 35 ? -16.528 4.910   5.752   1.00 23.46  ? 35  GLU A N   1 
ATOM   271  C CA  . GLU A 1 35 ? -17.797 5.591   5.584   1.00 28.75  ? 35  GLU A CA  1 
ATOM   272  C C   . GLU A 1 35 ? -17.987 6.765   6.534   1.00 28.82  ? 35  GLU A C   1 
ATOM   273  O O   . GLU A 1 35 ? -17.768 6.662   7.734   1.00 26.84  ? 35  GLU A O   1 
ATOM   274  C CB  A GLU A 1 35 ? -18.944 4.580   5.720   0.50 29.86  ? 35  GLU A CB  1 
ATOM   275  C CB  B GLU A 1 35 ? -18.962 4.603   5.742   0.50 29.12  ? 35  GLU A CB  1 
ATOM   276  C CG  A GLU A 1 35 ? -19.070 3.661   4.498   0.50 32.94  ? 35  GLU A CG  1 
ATOM   277  C CG  B GLU A 1 35 ? -19.954 4.620   4.567   0.50 30.81  ? 35  GLU A CG  1 
ATOM   278  C CD  A GLU A 1 35 ? -20.002 2.481   4.718   0.50 33.90  ? 35  GLU A CD  1 
ATOM   279  C CD  B GLU A 1 35 ? -20.634 5.970   4.380   0.50 32.31  ? 35  GLU A CD  1 
ATOM   280  O OE1 A GLU A 1 35 ? -21.192 2.698   5.025   0.50 34.90  ? 35  GLU A OE1 1 
ATOM   281  O OE1 B GLU A 1 35 ? -20.595 6.509   3.249   0.50 29.16  ? 35  GLU A OE1 1 
ATOM   282  O OE2 A GLU A 1 35 ? -19.542 1.330   4.579   0.50 34.55  ? 35  GLU A OE2 1 
ATOM   283  O OE2 B GLU A 1 35 ? -21.210 6.490   5.363   0.50 33.84  ? 35  GLU A OE2 1 
ATOM   284  N N   . MET A 1 36 ? -18.372 7.898   5.968   1.00 30.42  ? 36  MET A N   1 
ATOM   285  C CA  . MET A 1 36 ? -18.610 9.101   6.755   1.00 34.04  ? 36  MET A CA  1 
ATOM   286  C C   . MET A 1 36 ? -19.358 10.082  5.863   1.00 34.84  ? 36  MET A C   1 
ATOM   287  O O   . MET A 1 36 ? -19.443 9.886   4.652   1.00 33.76  ? 36  MET A O   1 
ATOM   288  C CB  . MET A 1 36 ? -17.278 9.708   7.238   1.00 34.15  ? 36  MET A CB  1 
ATOM   289  C CG  . MET A 1 36 ? -16.441 10.421  6.172   1.00 37.12  ? 36  MET A CG  1 
ATOM   290  S SD  . MET A 1 36 ? -14.856 11.110  6.789   1.00 37.41  ? 36  MET A SD  1 
ATOM   291  C CE  . MET A 1 36 ? -15.391 12.711  7.512   1.00 39.39  ? 36  MET A CE  1 
ATOM   292  N N   . ASN A 1 37 ? -19.929 11.115  6.462   1.00 35.90  ? 37  ASN A N   1 
ATOM   293  C CA  . ASN A 1 37 ? -20.645 12.116  5.682   1.00 38.63  ? 37  ASN A CA  1 
ATOM   294  C C   . ASN A 1 37 ? -19.666 13.190  5.244   1.00 37.34  ? 37  ASN A C   1 
ATOM   295  O O   . ASN A 1 37 ? -18.958 13.764  6.069   1.00 38.13  ? 37  ASN A O   1 
ATOM   296  C CB  . ASN A 1 37 ? -21.749 12.784  6.510   1.00 42.36  ? 37  ASN A CB  1 
ATOM   297  C CG  . ASN A 1 37 ? -22.966 11.904  6.687   1.00 45.00  ? 37  ASN A CG  1 
ATOM   298  O OD1 . ASN A 1 37 ? -23.554 11.432  5.711   1.00 46.29  ? 37  ASN A OD1 1 
ATOM   299  N ND2 . ASN A 1 37 ? -23.359 11.686  7.938   1.00 46.79  ? 37  ASN A ND2 1 
ATOM   300  N N   . LEU A 1 38 ? -19.603 13.433  3.945   1.00 35.70  ? 38  LEU A N   1 
ATOM   301  C CA  . LEU A 1 38 ? -18.751 14.479  3.411   1.00 36.11  ? 38  LEU A CA  1 
ATOM   302  C C   . LEU A 1 38 ? -19.694 15.359  2.609   1.00 38.15  ? 38  LEU A C   1 
ATOM   303  O O   . LEU A 1 38 ? -20.531 14.862  1.854   1.00 38.20  ? 38  LEU A O   1 
ATOM   304  C CB  . LEU A 1 38 ? -17.656 13.908  2.500   1.00 31.40  ? 38  LEU A CB  1 
ATOM   305  C CG  . LEU A 1 38 ? -16.376 13.464  3.213   1.00 32.88  ? 38  LEU A CG  1 
ATOM   306  C CD1 . LEU A 1 38 ? -15.435 12.787  2.220   1.00 31.22  ? 38  LEU A CD1 1 
ATOM   307  C CD2 . LEU A 1 38 ? -15.700 14.671  3.848   1.00 29.71  ? 38  LEU A CD2 1 
ATOM   308  N N   . PRO A 1 39 ? -19.603 16.679  2.793   1.00 40.80  ? 39  PRO A N   1 
ATOM   309  C CA  . PRO A 1 39 ? -20.492 17.558  2.036   1.00 41.13  ? 39  PRO A CA  1 
ATOM   310  C C   . PRO A 1 39 ? -20.183 17.502  0.544   1.00 40.34  ? 39  PRO A C   1 
ATOM   311  O O   . PRO A 1 39 ? -19.069 17.176  0.143   1.00 41.37  ? 39  PRO A O   1 
ATOM   312  C CB  . PRO A 1 39 ? -20.219 18.932  2.644   1.00 42.64  ? 39  PRO A CB  1 
ATOM   313  C CG  . PRO A 1 39 ? -18.783 18.829  3.074   1.00 43.60  ? 39  PRO A CG  1 
ATOM   314  C CD  . PRO A 1 39 ? -18.717 17.451  3.683   1.00 41.69  ? 39  PRO A CD  1 
ATOM   315  N N   . GLY A 1 40 ? -21.180 17.815  -0.274  1.00 40.49  ? 40  GLY A N   1 
ATOM   316  C CA  . GLY A 1 40 ? -20.978 17.807  -1.709  1.00 38.21  ? 40  GLY A CA  1 
ATOM   317  C C   . GLY A 1 40 ? -21.573 16.587  -2.380  1.00 38.54  ? 40  GLY A C   1 
ATOM   318  O O   . GLY A 1 40 ? -21.923 15.612  -1.717  1.00 39.01  ? 40  GLY A O   1 
ATOM   319  N N   . LYS A 1 41 ? -21.696 16.642  -3.700  1.00 37.25  ? 41  LYS A N   1 
ATOM   320  C CA  . LYS A 1 41 ? -22.237 15.521  -4.446  1.00 37.20  ? 41  LYS A CA  1 
ATOM   321  C C   . LYS A 1 41 ? -21.174 14.421  -4.530  1.00 36.81  ? 41  LYS A C   1 
ATOM   322  O O   . LYS A 1 41 ? -19.998 14.654  -4.246  1.00 37.06  ? 41  LYS A O   1 
ATOM   323  C CB  . LYS A 1 41 ? -22.639 15.969  -5.848  1.00 38.94  ? 41  LYS A CB  1 
ATOM   324  N N   . TRP A 1 42 ? -21.597 13.221  -4.910  1.00 32.94  ? 42  TRP A N   1 
ATOM   325  C CA  . TRP A 1 42 ? -20.682 12.102  -5.049  1.00 30.97  ? 42  TRP A CA  1 
ATOM   326  C C   . TRP A 1 42 ? -21.202 11.197  -6.156  1.00 29.73  ? 42  TRP A C   1 
ATOM   327  O O   . TRP A 1 42 ? -22.385 11.244  -6.498  1.00 32.15  ? 42  TRP A O   1 
ATOM   328  C CB  . TRP A 1 42 ? -20.551 11.330  -3.723  1.00 30.23  ? 42  TRP A CB  1 
ATOM   329  C CG  . TRP A 1 42 ? -21.838 10.796  -3.166  1.00 29.92  ? 42  TRP A CG  1 
ATOM   330  C CD1 . TRP A 1 42 ? -22.653 11.400  -2.251  1.00 29.50  ? 42  TRP A CD1 1 
ATOM   331  C CD2 . TRP A 1 42 ? -22.459 9.547   -3.494  1.00 29.02  ? 42  TRP A CD2 1 
ATOM   332  N NE1 . TRP A 1 42 ? -23.745 10.600  -1.985  1.00 27.04  ? 42  TRP A NE1 1 
ATOM   333  C CE2 . TRP A 1 42 ? -23.649 9.456   -2.736  1.00 28.69  ? 42  TRP A CE2 1 
ATOM   334  C CE3 . TRP A 1 42 ? -22.126 8.494   -4.358  1.00 29.16  ? 42  TRP A CE3 1 
ATOM   335  C CZ2 . TRP A 1 42 ? -24.510 8.349   -2.813  1.00 28.43  ? 42  TRP A CZ2 1 
ATOM   336  C CZ3 . TRP A 1 42 ? -22.983 7.389   -4.437  1.00 27.88  ? 42  TRP A CZ3 1 
ATOM   337  C CH2 . TRP A 1 42 ? -24.162 7.328   -3.666  1.00 27.68  ? 42  TRP A CH2 1 
ATOM   338  N N   . LYS A 1 43 ? -20.318 10.397  -6.735  1.00 26.32  ? 43  LYS A N   1 
ATOM   339  C CA  . LYS A 1 43 ? -20.702 9.499   -7.815  1.00 25.21  ? 43  LYS A CA  1 
ATOM   340  C C   . LYS A 1 43 ? -20.366 8.071   -7.421  1.00 23.45  ? 43  LYS A C   1 
ATOM   341  O O   . LYS A 1 43 ? -19.366 7.826   -6.753  1.00 22.36  ? 43  LYS A O   1 
ATOM   342  C CB  . LYS A 1 43 ? -19.963 9.878   -9.099  1.00 23.49  ? 43  LYS A CB  1 
ATOM   343  N N   . PRO A 1 44 ? -21.209 7.108   -7.819  1.00 24.16  ? 44  PRO A N   1 
ATOM   344  C CA  . PRO A 1 44 ? -20.922 5.713   -7.463  1.00 22.22  ? 44  PRO A CA  1 
ATOM   345  C C   . PRO A 1 44 ? -19.702 5.277   -8.261  1.00 21.89  ? 44  PRO A C   1 
ATOM   346  O O   . PRO A 1 44 ? -19.537 5.694   -9.398  1.00 22.69  ? 44  PRO A O   1 
ATOM   347  C CB  . PRO A 1 44 ? -22.184 4.966   -7.913  1.00 22.78  ? 44  PRO A CB  1 
ATOM   348  C CG  . PRO A 1 44 ? -23.250 6.050   -7.991  1.00 21.78  ? 44  PRO A CG  1 
ATOM   349  C CD  . PRO A 1 44 ? -22.492 7.220   -8.534  1.00 21.83  ? 44  PRO A CD  1 
ATOM   350  N N   . LYS A 1 45 ? -18.838 4.464   -7.670  1.00 18.03  ? 45  LYS A N   1 
ATOM   351  C CA  . LYS A 1 45 ? -17.669 3.970   -8.384  1.00 16.69  ? 45  LYS A CA  1 
ATOM   352  C C   . LYS A 1 45 ? -17.269 2.650   -7.753  1.00 19.11  ? 45  LYS A C   1 
ATOM   353  O O   . LYS A 1 45 ? -17.713 2.318   -6.660  1.00 19.68  ? 45  LYS A O   1 
ATOM   354  C CB  . LYS A 1 45 ? -16.508 4.969   -8.285  1.00 18.36  ? 45  LYS A CB  1 
ATOM   355  N N   . MET A 1 46 ? -16.439 1.886   -8.447  1.00 17.74  ? 46  MET A N   1 
ATOM   356  C CA  . MET A 1 46 ? -15.979 0.628   -7.887  1.00 20.77  ? 46  MET A CA  1 
ATOM   357  C C   . MET A 1 46 ? -14.464 0.614   -7.960  1.00 18.62  ? 46  MET A C   1 
ATOM   358  O O   . MET A 1 46 ? -13.886 1.115   -8.923  1.00 20.15  ? 46  MET A O   1 
ATOM   359  C CB  . MET A 1 46 ? -16.548 -0.553  -8.667  1.00 24.53  ? 46  MET A CB  1 
ATOM   360  C CG  . MET A 1 46 ? -18.032 -0.771  -8.443  1.00 30.48  ? 46  MET A CG  1 
ATOM   361  S SD  . MET A 1 46 ? -18.603 -2.218  -9.346  1.00 37.41  ? 46  MET A SD  1 
ATOM   362  C CE  . MET A 1 46 ? -17.924 -3.504  -8.368  1.00 35.20  ? 46  MET A CE  1 
ATOM   363  N N   . ILE A 1 47 ? -13.821 0.081   -6.925  1.00 15.95  ? 47  ILE A N   1 
ATOM   364  C CA  . ILE A 1 47 ? -12.360 -0.024  -6.905  1.00 17.26  ? 47  ILE A CA  1 
ATOM   365  C C   . ILE A 1 47 ? -11.999 -1.431  -6.453  1.00 15.69  ? 47  ILE A C   1 
ATOM   366  O O   . ILE A 1 47 ? -12.742 -2.056  -5.704  1.00 15.46  ? 47  ILE A O   1 
ATOM   367  C CB  . ILE A 1 47 ? -11.685 0.977   -5.926  1.00 17.39  ? 47  ILE A CB  1 
ATOM   368  C CG1 . ILE A 1 47 ? -12.179 0.733   -4.502  1.00 16.88  ? 47  ILE A CG1 1 
ATOM   369  C CG2 . ILE A 1 47 ? -11.926 2.407   -6.370  1.00 22.03  ? 47  ILE A CG2 1 
ATOM   370  C CD1 . ILE A 1 47 ? -11.348 1.479   -3.467  1.00 20.20  ? 47  ILE A CD1 1 
ATOM   371  N N   . GLY A 1 48 ? -10.846 -1.918  -6.890  1.00 15.57  ? 48  GLY A N   1 
ATOM   372  C CA  . GLY A 1 48 ? -10.440 -3.253  -6.515  1.00 18.84  ? 48  GLY A CA  1 
ATOM   373  C C   . GLY A 1 48 ? -9.161  -3.359  -5.721  1.00 18.54  ? 48  GLY A C   1 
ATOM   374  O O   . GLY A 1 48 ? -8.280  -2.493  -5.792  1.00 19.61  ? 48  GLY A O   1 
ATOM   375  N N   . GLY A 1 49 ? -9.061  -4.443  -4.962  1.00 18.37  ? 49  GLY A N   1 
ATOM   376  C CA  . GLY A 1 49 ? -7.886  -4.680  -4.150  1.00 21.83  ? 49  GLY A CA  1 
ATOM   377  C C   . GLY A 1 49 ? -7.567  -6.158  -4.123  1.00 22.95  ? 49  GLY A C   1 
ATOM   378  O O   . GLY A 1 49 ? -7.945  -6.885  -5.032  1.00 20.84  ? 49  GLY A O   1 
ATOM   379  N N   . ILE A 1 50 ? -6.883  -6.600  -3.076  1.00 26.23  ? 50  ILE A N   1 
ATOM   380  C CA  . ILE A 1 50 ? -6.503  -8.002  -2.932  1.00 29.58  ? 50  ILE A CA  1 
ATOM   381  C C   . ILE A 1 50 ? -7.669  -8.964  -2.993  1.00 30.16  ? 50  ILE A C   1 
ATOM   382  O O   . ILE A 1 50 ? -7.618  -9.956  -3.714  1.00 33.57  ? 50  ILE A O   1 
ATOM   383  C CB  . ILE A 1 50 ? -5.735  -8.243  -1.599  1.00 30.70  ? 50  ILE A CB  1 
ATOM   384  C CG1 . ILE A 1 50 ? -4.237  -8.040  -1.827  1.00 31.39  ? 50  ILE A CG1 1 
ATOM   385  C CG2 . ILE A 1 50 ? -6.000  -9.651  -1.063  1.00 32.59  ? 50  ILE A CG2 1 
ATOM   386  C CD1 . ILE A 1 50 ? -3.648  -8.992  -2.826  1.00 34.39  ? 50  ILE A CD1 1 
ATOM   387  N N   . GLY A 1 51 ? -8.717  -8.678  -2.235  1.00 28.66  ? 51  GLY A N   1 
ATOM   388  C CA  . GLY A 1 51 ? -9.855  -9.580  -2.218  1.00 27.92  ? 51  GLY A CA  1 
ATOM   389  C C   . GLY A 1 51 ? -11.006 -9.291  -3.165  1.00 28.69  ? 51  GLY A C   1 
ATOM   390  O O   . GLY A 1 51 ? -12.107 -9.804  -2.957  1.00 32.22  ? 51  GLY A O   1 
ATOM   391  N N   . GLY A 1 52 ? -10.775 -8.486  -4.197  1.00 26.48  ? 52  GLY A N   1 
ATOM   392  C CA  . GLY A 1 52 ? -11.845 -8.183  -5.137  1.00 23.52  ? 52  GLY A CA  1 
ATOM   393  C C   . GLY A 1 52 ? -12.239 -6.717  -5.167  1.00 20.78  ? 52  GLY A C   1 
ATOM   394  O O   . GLY A 1 52 ? -11.498 -5.870  -4.697  1.00 19.88  ? 52  GLY A O   1 
ATOM   395  N N   . PHE A 1 53 ? -13.422 -6.421  -5.697  1.00 17.90  ? 53  PHE A N   1 
ATOM   396  C CA  . PHE A 1 53 ? -13.889 -5.050  -5.816  1.00 19.04  ? 53  PHE A CA  1 
ATOM   397  C C   . PHE A 1 53 ? -14.941 -4.675  -4.799  1.00 18.68  ? 53  PHE A C   1 
ATOM   398  O O   . PHE A 1 53 ? -15.640 -5.529  -4.283  1.00 21.23  ? 53  PHE A O   1 
ATOM   399  C CB  . PHE A 1 53 ? -14.471 -4.813  -7.220  1.00 22.91  ? 53  PHE A CB  1 
ATOM   400  C CG  . PHE A 1 53 ? -13.437 -4.793  -8.318  1.00 24.73  ? 53  PHE A CG  1 
ATOM   401  C CD1 . PHE A 1 53 ? -12.773 -5.960  -8.694  1.00 23.91  ? 53  PHE A CD1 1 
ATOM   402  C CD2 . PHE A 1 53 ? -13.099 -3.601  -8.948  1.00 25.66  ? 53  PHE A CD2 1 
ATOM   403  C CE1 . PHE A 1 53 ? -11.788 -5.930  -9.680  1.00 25.58  ? 53  PHE A CE1 1 
ATOM   404  C CE2 . PHE A 1 53 ? -12.113 -3.567  -9.938  1.00 28.38  ? 53  PHE A CE2 1 
ATOM   405  C CZ  . PHE A 1 53 ? -11.456 -4.734  -10.300 1.00 23.55  ? 53  PHE A CZ  1 
ATOM   406  N N   . ILE A 1 54 ? -15.031 -3.385  -4.500  1.00 17.26  ? 54  ILE A N   1 
ATOM   407  C CA  . ILE A 1 54 ? -16.050 -2.869  -3.588  1.00 16.39  ? 54  ILE A CA  1 
ATOM   408  C C   . ILE A 1 54 ? -16.653 -1.623  -4.237  1.00 14.46  ? 54  ILE A C   1 
ATOM   409  O O   . ILE A 1 54 ? -16.079 -1.037  -5.157  1.00 16.73  ? 54  ILE A O   1 
ATOM   410  C CB  . ILE A 1 54 ? -15.473 -2.468  -2.191  1.00 14.30  ? 54  ILE A CB  1 
ATOM   411  C CG1 . ILE A 1 54 ? -14.389 -1.392  -2.350  1.00 14.84  ? 54  ILE A CG1 1 
ATOM   412  C CG2 . ILE A 1 54 ? -14.892 -3.703  -1.485  1.00 19.07  ? 54  ILE A CG2 1 
ATOM   413  C CD1 . ILE A 1 54 ? -13.905 -0.804  -1.013  1.00 15.92  ? 54  ILE A CD1 1 
ATOM   414  N N   . LYS A 1 55 ? -17.814 -1.225  -3.756  1.00 14.66  ? 55  LYS A N   1 
ATOM   415  C CA  . LYS A 1 55 ? -18.494 -0.044  -4.254  1.00 17.25  ? 55  LYS A CA  1 
ATOM   416  C C   . LYS A 1 55 ? -18.159 1.095   -3.307  1.00 14.50  ? 55  LYS A C   1 
ATOM   417  O O   . LYS A 1 55 ? -18.212 0.938   -2.091  1.00 17.03  ? 55  LYS A O   1 
ATOM   418  C CB  . LYS A 1 55 ? -20.010 -0.280  -4.262  1.00 21.80  ? 55  LYS A CB  1 
ATOM   419  C CG  . LYS A 1 55 ? -20.431 -1.422  -5.181  1.00 28.79  ? 55  LYS A CG  1 
ATOM   420  C CD  . LYS A 1 55 ? -21.906 -1.762  -5.027  1.00 37.48  ? 55  LYS A CD  1 
ATOM   421  C CE  . LYS A 1 55 ? -22.803 -0.564  -5.309  1.00 40.44  ? 55  LYS A CE  1 
ATOM   422  N NZ  . LYS A 1 55 ? -24.242 -0.923  -5.174  1.00 45.26  ? 55  LYS A NZ  1 
ATOM   423  N N   . VAL A 1 56 ? -17.811 2.241   -3.867  1.00 14.37  ? 56  VAL A N   1 
ATOM   424  C CA  . VAL A 1 56 ? -17.468 3.391   -3.049  1.00 15.28  ? 56  VAL A CA  1 
ATOM   425  C C   . VAL A 1 56 ? -18.199 4.637   -3.532  1.00 16.78  ? 56  VAL A C   1 
ATOM   426  O O   . VAL A 1 56 ? -18.819 4.627   -4.597  1.00 15.79  ? 56  VAL A O   1 
ATOM   427  C CB  . VAL A 1 56 ? -15.935 3.652   -3.087  1.00 14.47  ? 56  VAL A CB  1 
ATOM   428  C CG1 . VAL A 1 56 ? -15.198 2.487   -2.436  1.00 15.33  ? 56  VAL A CG1 1 
ATOM   429  C CG2 . VAL A 1 56 ? -15.455 3.840   -4.541  1.00 15.83  ? 56  VAL A CG2 1 
ATOM   430  N N   . ARG A 1 57 ? -18.143 5.707   -2.747  1.00 14.03  ? 57  ARG A N   1 
ATOM   431  C CA  . ARG A 1 57 ? -18.758 6.959   -3.165  1.00 16.90  ? 57  ARG A CA  1 
ATOM   432  C C   . ARG A 1 57 ? -17.598 7.834   -3.578  1.00 16.61  ? 57  ARG A C   1 
ATOM   433  O O   . ARG A 1 57 ? -16.655 8.007   -2.816  1.00 17.33  ? 57  ARG A O   1 
ATOM   434  C CB  . ARG A 1 57 ? -19.513 7.603   -2.007  1.00 16.32  ? 57  ARG A CB  1 
ATOM   435  C CG  . ARG A 1 57 ? -20.588 6.672   -1.468  1.00 24.79  ? 57  ARG A CG  1 
ATOM   436  C CD  . ARG A 1 57 ? -21.749 7.396   -0.815  1.00 31.75  ? 57  ARG A CD  1 
ATOM   437  N NE  . ARG A 1 57 ? -21.376 8.106   0.400   1.00 39.57  ? 57  ARG A NE  1 
ATOM   438  C CZ  . ARG A 1 57 ? -22.252 8.497   1.322   1.00 44.19  ? 57  ARG A CZ  1 
ATOM   439  N NH1 . ARG A 1 57 ? -23.549 8.238   1.158   1.00 42.80  ? 57  ARG A NH1 1 
ATOM   440  N NH2 . ARG A 1 57 ? -21.834 9.144   2.403   1.00 45.22  ? 57  ARG A NH2 1 
ATOM   441  N N   . GLN A 1 58 ? -17.622 8.363   -4.788  1.00 16.01  ? 58  GLN A N   1 
ATOM   442  C CA  . GLN A 1 58 ? -16.513 9.206   -5.192  1.00 14.41  ? 58  GLN A CA  1 
ATOM   443  C C   . GLN A 1 58 ? -16.791 10.686  -4.956  1.00 19.85  ? 58  GLN A C   1 
ATOM   444  O O   . GLN A 1 58 ? -17.781 11.233  -5.473  1.00 18.69  ? 58  GLN A O   1 
ATOM   445  C CB  . GLN A 1 58 ? -16.186 8.978   -6.661  1.00 17.65  ? 58  GLN A CB  1 
ATOM   446  C CG  . GLN A 1 58 ? -14.954 9.733   -7.108  1.00 22.31  ? 58  GLN A CG  1 
ATOM   447  C CD  . GLN A 1 58 ? -14.700 9.581   -8.583  1.00 25.43  ? 58  GLN A CD  1 
ATOM   448  O OE1 . GLN A 1 58 ? -14.837 8.495   -9.133  1.00 30.13  ? 58  GLN A OE1 1 
ATOM   449  N NE2 . GLN A 1 58 ? -14.309 10.668  -9.231  1.00 29.35  ? 58  GLN A NE2 1 
ATOM   450  N N   . TYR A 1 59 ? -15.925 11.324  -4.164  1.00 15.68  ? 59  TYR A N   1 
ATOM   451  C CA  . TYR A 1 59 ? -16.021 12.751  -3.868  1.00 20.35  ? 59  TYR A CA  1 
ATOM   452  C C   . TYR A 1 59 ? -14.852 13.466  -4.529  1.00 21.85  ? 59  TYR A C   1 
ATOM   453  O O   . TYR A 1 59 ? -13.697 13.085  -4.334  1.00 21.28  ? 59  TYR A O   1 
ATOM   454  C CB  . TYR A 1 59 ? -15.953 13.001  -2.365  1.00 19.04  ? 59  TYR A CB  1 
ATOM   455  C CG  . TYR A 1 59 ? -17.217 12.636  -1.632  1.00 23.24  ? 59  TYR A CG  1 
ATOM   456  C CD1 . TYR A 1 59 ? -18.279 13.534  -1.552  1.00 24.05  ? 59  TYR A CD1 1 
ATOM   457  C CD2 . TYR A 1 59 ? -17.349 11.400  -1.004  1.00 20.61  ? 59  TYR A CD2 1 
ATOM   458  C CE1 . TYR A 1 59 ? -19.428 13.211  -0.860  1.00 25.18  ? 59  TYR A CE1 1 
ATOM   459  C CE2 . TYR A 1 59 ? -18.498 11.069  -0.311  1.00 25.65  ? 59  TYR A CE2 1 
ATOM   460  C CZ  . TYR A 1 59 ? -19.537 11.984  -0.236  1.00 23.36  ? 59  TYR A CZ  1 
ATOM   461  O OH  . TYR A 1 59 ? -20.664 11.681  0.499   1.00 24.74  ? 59  TYR A OH  1 
ATOM   462  N N   . ASP A 1 60 ? -15.142 14.509  -5.302  1.00 23.29  ? 60  ASP A N   1 
ATOM   463  C CA  . ASP A 1 60 ? -14.085 15.247  -5.981  1.00 24.00  ? 60  ASP A CA  1 
ATOM   464  C C   . ASP A 1 60 ? -13.675 16.544  -5.287  1.00 23.94  ? 60  ASP A C   1 
ATOM   465  O O   . ASP A 1 60 ? -14.464 17.154  -4.567  1.00 21.43  ? 60  ASP A O   1 
ATOM   466  C CB  . ASP A 1 60 ? -14.507 15.590  -7.418  1.00 27.90  ? 60  ASP A CB  1 
ATOM   467  C CG  . ASP A 1 60 ? -14.666 14.365  -8.295  1.00 35.43  ? 60  ASP A CG  1 
ATOM   468  O OD1 . ASP A 1 60 ? -13.777 13.486  -8.268  1.00 36.15  ? 60  ASP A OD1 1 
ATOM   469  O OD2 . ASP A 1 60 ? -15.675 14.290  -9.026  1.00 37.99  ? 60  ASP A OD2 1 
ATOM   470  N N   . GLN A 1 61 ? -12.427 16.947  -5.513  1.00 22.62  ? 61  GLN A N   1 
ATOM   471  C CA  . GLN A 1 61 ? -11.882 18.200  -4.994  1.00 23.89  ? 61  GLN A CA  1 
ATOM   472  C C   . GLN A 1 61 ? -12.095 18.452  -3.502  1.00 23.46  ? 61  GLN A C   1 
ATOM   473  O O   . GLN A 1 61 ? -12.496 19.548  -3.092  1.00 21.67  ? 61  GLN A O   1 
ATOM   474  C CB  . GLN A 1 61 ? -12.479 19.362  -5.805  1.00 27.45  ? 61  GLN A CB  1 
ATOM   475  C CG  . GLN A 1 61 ? -11.479 20.370  -6.316  1.00 34.76  ? 61  GLN A CG  1 
ATOM   476  C CD  . GLN A 1 61 ? -12.135 21.389  -7.234  1.00 41.35  ? 61  GLN A CD  1 
ATOM   477  O OE1 . GLN A 1 61 ? -12.828 21.023  -8.188  1.00 42.55  ? 61  GLN A OE1 1 
ATOM   478  N NE2 . GLN A 1 61 ? -11.919 22.671  -6.953  1.00 41.32  ? 61  GLN A NE2 1 
ATOM   479  N N   . ILE A 1 62 ? -11.821 17.441  -2.693  1.00 20.01  ? 62  ILE A N   1 
ATOM   480  C CA  . ILE A 1 62 ? -11.978 17.560  -1.259  1.00 18.27  ? 62  ILE A CA  1 
ATOM   481  C C   . ILE A 1 62 ? -10.669 17.984  -0.621  1.00 18.56  ? 62  ILE A C   1 
ATOM   482  O O   . ILE A 1 62 ? -9.618  17.423  -0.922  1.00 16.22  ? 62  ILE A O   1 
ATOM   483  C CB  . ILE A 1 62 ? -12.376 16.203  -0.647  1.00 19.71  ? 62  ILE A CB  1 
ATOM   484  C CG1 . ILE A 1 62 ? -13.729 15.744  -1.208  1.00 21.80  ? 62  ILE A CG1 1 
ATOM   485  C CG2 . ILE A 1 62 ? -12.352 16.292  0.866   1.00 18.66  ? 62  ILE A CG2 1 
ATOM   486  C CD1 . ILE A 1 62 ? -14.895 16.646  -0.877  1.00 23.44  ? 62  ILE A CD1 1 
ATOM   487  N N   . PRO A 1 63 ? -10.706 19.001  0.256   1.00 18.65  ? 63  PRO A N   1 
ATOM   488  C CA  . PRO A 1 63 ? -9.471  19.447  0.921   1.00 17.54  ? 63  PRO A CA  1 
ATOM   489  C C   . PRO A 1 63 ? -9.136  18.427  2.029   1.00 18.56  ? 63  PRO A C   1 
ATOM   490  O O   . PRO A 1 63 ? -10.015 18.008  2.790   1.00 18.52  ? 63  PRO A O   1 
ATOM   491  C CB  . PRO A 1 63 ? -9.860  20.813  1.515   1.00 19.37  ? 63  PRO A CB  1 
ATOM   492  C CG  . PRO A 1 63 ? -11.032 21.253  0.678   1.00 20.25  ? 63  PRO A CG  1 
ATOM   493  C CD  . PRO A 1 63 ? -11.795 19.971  0.470   1.00 20.04  ? 63  PRO A CD  1 
ATOM   494  N N   . VAL A 1 64 ? -7.880  18.008  2.114   1.00 18.02  ? 64  VAL A N   1 
ATOM   495  C CA  . VAL A 1 64 ? -7.472  17.048  3.130   1.00 12.49  ? 64  VAL A CA  1 
ATOM   496  C C   . VAL A 1 64 ? -6.137  17.547  3.626   1.00 16.01  ? 64  VAL A C   1 
ATOM   497  O O   . VAL A 1 64 ? -5.300  17.958  2.825   1.00 17.56  ? 64  VAL A O   1 
ATOM   498  C CB  . VAL A 1 64 ? -7.265  15.645  2.527   1.00 19.45  ? 64  VAL A CB  1 
ATOM   499  C CG1 . VAL A 1 64 ? -6.830  14.665  3.612   1.00 18.58  ? 64  VAL A CG1 1 
ATOM   500  C CG2 . VAL A 1 64 ? -8.551  15.163  1.843   1.00 15.49  ? 64  VAL A CG2 1 
ATOM   501  N N   . GLU A 1 65 ? -5.946  17.549  4.939   1.00 14.52  ? 65  GLU A N   1 
ATOM   502  C CA  . GLU A 1 65 ? -4.694  17.998  5.522   1.00 17.09  ? 65  GLU A CA  1 
ATOM   503  C C   . GLU A 1 65 ? -3.998  16.756  6.059   1.00 18.17  ? 65  GLU A C   1 
ATOM   504  O O   . GLU A 1 65 ? -4.569  15.994  6.851   1.00 18.97  ? 65  GLU A O   1 
ATOM   505  C CB  . GLU A 1 65 ? -4.960  18.996  6.644   1.00 20.61  ? 65  GLU A CB  1 
ATOM   506  C CG  . GLU A 1 65 ? -3.702  19.571  7.258   1.00 30.89  ? 65  GLU A CG  1 
ATOM   507  C CD  . GLU A 1 65 ? -4.010  20.629  8.291   1.00 33.83  ? 65  GLU A CD  1 
ATOM   508  O OE1 . GLU A 1 65 ? -3.824  20.359  9.496   1.00 37.42  ? 65  GLU A OE1 1 
ATOM   509  O OE2 . GLU A 1 65 ? -4.453  21.725  7.886   1.00 37.56  ? 65  GLU A OE2 1 
ATOM   510  N N   . ILE A 1 66 ? -2.773  16.533  5.601   1.00 15.40  ? 66  ILE A N   1 
ATOM   511  C CA  . ILE A 1 66 ? -2.017  15.349  6.012   1.00 15.44  ? 66  ILE A CA  1 
ATOM   512  C C   . ILE A 1 66 ? -0.787  15.788  6.791   1.00 17.12  ? 66  ILE A C   1 
ATOM   513  O O   . ILE A 1 66 ? 0.169   16.329  6.225   1.00 18.42  ? 66  ILE A O   1 
ATOM   514  C CB  . ILE A 1 66 ? -1.588  14.527  4.768   1.00 17.70  ? 66  ILE A CB  1 
ATOM   515  C CG1 . ILE A 1 66 ? -2.830  14.188  3.926   1.00 17.48  ? 66  ILE A CG1 1 
ATOM   516  C CG2 . ILE A 1 66 ? -0.878  13.246  5.202   1.00 15.73  ? 66  ILE A CG2 1 
ATOM   517  C CD1 . ILE A 1 66 ? -2.544  13.924  2.463   1.00 21.27  ? 66  ILE A CD1 1 
HETATM 518  N N   . ABA A 1 67 ? -0.806  15.579  8.100   1.00 19.97  ? 67  ABA A N   1 
HETATM 519  C CA  . ABA A 1 67 ? 0.332   15.992  8.925   1.00 21.10  ? 67  ABA A CA  1 
HETATM 520  C C   . ABA A 1 67 ? 0.744   17.442  8.652   1.00 21.04  ? 67  ABA A C   1 
HETATM 521  O O   . ABA A 1 67 ? 1.915   17.740  8.431   1.00 24.00  ? 67  ABA A O   1 
HETATM 522  C CB  . ABA A 1 67 ? 1.525   15.077  8.663   1.00 23.27  ? 67  ABA A CB  1 
HETATM 523  C CG  . ABA A 1 67 ? 1.286   13.675  9.045   1.00 21.05  ? 67  ABA A CG  1 
ATOM   524  N N   . GLY A 1 68 ? -0.231  18.338  8.660   1.00 22.02  ? 68  GLY A N   1 
ATOM   525  C CA  . GLY A 1 68 ? 0.065   19.739  8.427   1.00 24.10  ? 68  GLY A CA  1 
ATOM   526  C C   . GLY A 1 68 ? 0.203   20.147  6.973   1.00 23.49  ? 68  GLY A C   1 
ATOM   527  O O   . GLY A 1 68 ? 0.265   21.335  6.674   1.00 25.29  ? 68  GLY A O   1 
ATOM   528  N N   . HIS A 1 69 ? 0.244   19.177  6.066   1.00 20.40  ? 69  HIS A N   1 
ATOM   529  C CA  . HIS A 1 69 ? 0.381   19.486  4.647   1.00 17.77  ? 69  HIS A CA  1 
ATOM   530  C C   . HIS A 1 69 ? -0.949  19.436  3.936   1.00 18.90  ? 69  HIS A C   1 
ATOM   531  O O   . HIS A 1 69 ? -1.722  18.496  4.108   1.00 16.55  ? 69  HIS A O   1 
ATOM   532  C CB  . HIS A 1 69 ? 1.350   18.516  3.984   1.00 20.08  ? 69  HIS A CB  1 
ATOM   533  C CG  . HIS A 1 69 ? 2.761   18.681  4.454   1.00 17.68  ? 69  HIS A CG  1 
ATOM   534  N ND1 . HIS A 1 69 ? 3.164   18.342  5.723   1.00 23.36  ? 69  HIS A ND1 1 
ATOM   535  C CD2 . HIS A 1 69 ? 3.841   19.220  3.845   1.00 20.99  ? 69  HIS A CD2 1 
ATOM   536  C CE1 . HIS A 1 69 ? 4.436   18.666  5.879   1.00 19.54  ? 69  HIS A CE1 1 
ATOM   537  N NE2 . HIS A 1 69 ? 4.868   19.199  4.755   1.00 19.59  ? 69  HIS A NE2 1 
ATOM   538  N N   . LYS A 1 70 ? -1.204  20.436  3.106   1.00 16.88  ? 70  LYS A N   1 
ATOM   539  C CA  . LYS A 1 70 ? -2.476  20.497  2.406   1.00 21.64  ? 70  LYS A CA  1 
ATOM   540  C C   . LYS A 1 70 ? -2.519  19.851  1.028   1.00 18.52  ? 70  LYS A C   1 
ATOM   541  O O   . LYS A 1 70 ? -1.574  19.926  0.253   1.00 18.60  ? 70  LYS A O   1 
ATOM   542  C CB  . LYS A 1 70 ? -2.936  21.954  2.302   1.00 26.78  ? 70  LYS A CB  1 
ATOM   543  C CG  . LYS A 1 70 ? -4.298  22.190  2.924   1.00 34.86  ? 70  LYS A CG  1 
ATOM   544  C CD  . LYS A 1 70 ? -5.414  21.634  2.039   1.00 37.44  ? 70  LYS A CD  1 
ATOM   545  C CE  . LYS A 1 70 ? -6.509  21.002  2.872   1.00 42.47  ? 70  LYS A CE  1 
ATOM   546  N NZ  . LYS A 1 70 ? -6.953  21.861  4.012   1.00 45.14  ? 70  LYS A NZ  1 
ATOM   547  N N   . ALA A 1 71 ? -3.636  19.203  0.747   1.00 16.41  ? 71  ALA A N   1 
ATOM   548  C CA  . ALA A 1 71 ? -3.871  18.573  -0.542  1.00 14.87  ? 71  ALA A CA  1 
ATOM   549  C C   . ALA A 1 71 ? -5.345  18.799  -0.825  1.00 14.68  ? 71  ALA A C   1 
ATOM   550  O O   . ALA A 1 71 ? -6.129  19.001  0.104   1.00 15.09  ? 71  ALA A O   1 
ATOM   551  C CB  . ALA A 1 71 ? -3.576  17.069  -0.465  1.00 11.00  ? 71  ALA A CB  1 
ATOM   552  N N   . ILE A 1 72 ? -5.716  18.797  -2.101  1.00 13.30  ? 72  ILE A N   1 
ATOM   553  C CA  . ILE A 1 72 ? -7.114  18.941  -2.488  1.00 14.29  ? 72  ILE A CA  1 
ATOM   554  C C   . ILE A 1 72 ? -7.304  17.967  -3.639  1.00 14.21  ? 72  ILE A C   1 
ATOM   555  O O   . ILE A 1 72 ? -6.698  18.129  -4.697  1.00 15.02  ? 72  ILE A O   1 
ATOM   556  C CB  . ILE A 1 72 ? -7.467  20.364  -2.999  1.00 13.28  ? 72  ILE A CB  1 
ATOM   557  C CG1 . ILE A 1 72 ? -7.151  21.404  -1.929  1.00 14.67  ? 72  ILE A CG1 1 
ATOM   558  C CG2 . ILE A 1 72 ? -8.960  20.410  -3.367  1.00 13.71  ? 72  ILE A CG2 1 
ATOM   559  C CD1 . ILE A 1 72 ? -7.345  22.831  -2.406  1.00 16.77  ? 72  ILE A CD1 1 
ATOM   560  N N   . GLY A 1 73 ? -8.134  16.946  -3.439  1.00 13.20  ? 73  GLY A N   1 
ATOM   561  C CA  . GLY A 1 73 ? -8.305  15.982  -4.503  1.00 13.88  ? 73  GLY A CA  1 
ATOM   562  C C   . GLY A 1 73 ? -9.438  15.009  -4.294  1.00 15.13  ? 73  GLY A C   1 
ATOM   563  O O   . GLY A 1 73 ? -10.303 15.223  -3.445  1.00 17.52  ? 73  GLY A O   1 
ATOM   564  N N   . THR A 1 74 ? -9.425  13.932  -5.073  1.00 14.67  ? 74  THR A N   1 
ATOM   565  C CA  . THR A 1 74 ? -10.467 12.916  -4.995  1.00 16.35  ? 74  THR A CA  1 
ATOM   566  C C   . THR A 1 74 ? -10.345 12.007  -3.790  1.00 15.94  ? 74  THR A C   1 
ATOM   567  O O   . THR A 1 74 ? -9.272  11.479  -3.497  1.00 15.47  ? 74  THR A O   1 
ATOM   568  C CB  . THR A 1 74 ? -10.472 12.029  -6.233  1.00 18.23  ? 74  THR A CB  1 
ATOM   569  O OG1 . THR A 1 74 ? -10.696 12.839  -7.390  1.00 17.39  ? 74  THR A OG1 1 
ATOM   570  C CG2 . THR A 1 74 ? -11.584 10.966  -6.122  1.00 16.89  ? 74  THR A CG2 1 
ATOM   571  N N   . VAL A 1 75 ? -11.462 11.821  -3.101  1.00 14.78  ? 75  VAL A N   1 
ATOM   572  C CA  . VAL A 1 75 ? -11.500 10.957  -1.939  1.00 13.77  ? 75  VAL A CA  1 
ATOM   573  C C   . VAL A 1 75 ? -12.646 9.949   -2.123  1.00 15.78  ? 75  VAL A C   1 
ATOM   574  O O   . VAL A 1 75 ? -13.779 10.343  -2.401  1.00 16.02  ? 75  VAL A O   1 
ATOM   575  C CB  . VAL A 1 75 ? -11.726 11.795  -0.661  1.00 14.71  ? 75  VAL A CB  1 
ATOM   576  C CG1 . VAL A 1 75 ? -11.959 10.898  0.509   1.00 18.91  ? 75  VAL A CG1 1 
ATOM   577  C CG2 . VAL A 1 75 ? -10.508 12.677  -0.390  1.00 16.20  ? 75  VAL A CG2 1 
ATOM   578  N N   . LEU A 1 76 ? -12.352 8.654   -1.987  1.00 13.71  ? 76  LEU A N   1 
ATOM   579  C CA  . LEU A 1 76 ? -13.374 7.607   -2.133  1.00 12.77  ? 76  LEU A CA  1 
ATOM   580  C C   . LEU A 1 76 ? -13.821 7.171   -0.749  1.00 14.86  ? 76  LEU A C   1 
ATOM   581  O O   . LEU A 1 76 ? -12.996 6.958   0.131   1.00 17.66  ? 76  LEU A O   1 
ATOM   582  C CB  . LEU A 1 76 ? -12.808 6.401   -2.893  1.00 12.27  ? 76  LEU A CB  1 
ATOM   583  C CG  . LEU A 1 76 ? -12.111 6.737   -4.218  1.00 12.21  ? 76  LEU A CG  1 
ATOM   584  C CD1 . LEU A 1 76 ? -11.602 5.475   -4.909  1.00 14.48  ? 76  LEU A CD1 1 
ATOM   585  C CD2 . LEU A 1 76 ? -13.067 7.457   -5.096  1.00 12.53  ? 76  LEU A CD2 1 
ATOM   586  N N   . VAL A 1 77 ? -15.130 7.049   -0.556  1.00 15.17  ? 77  VAL A N   1 
ATOM   587  C CA  . VAL A 1 77 ? -15.670 6.666   0.740   1.00 14.04  ? 77  VAL A CA  1 
ATOM   588  C C   . VAL A 1 77 ? -16.388 5.345   0.613   1.00 14.21  ? 77  VAL A C   1 
ATOM   589  O O   . VAL A 1 77 ? -17.227 5.166   -0.269  1.00 17.39  ? 77  VAL A O   1 
ATOM   590  C CB  . VAL A 1 77 ? -16.643 7.745   1.265   1.00 15.35  ? 77  VAL A CB  1 
ATOM   591  C CG1 . VAL A 1 77 ? -17.292 7.290   2.552   1.00 13.50  ? 77  VAL A CG1 1 
ATOM   592  C CG2 . VAL A 1 77 ? -15.874 9.030   1.513   1.00 17.03  ? 77  VAL A CG2 1 
ATOM   593  N N   . GLY A 1 78 ? -16.037 4.409   1.486   1.00 15.40  ? 78  GLY A N   1 
ATOM   594  C CA  . GLY A 1 78 ? -16.662 3.107   1.430   1.00 17.27  ? 78  GLY A CA  1 
ATOM   595  C C   . GLY A 1 78 ? -16.171 2.166   2.509   1.00 17.85  ? 78  GLY A C   1 
ATOM   596  O O   . GLY A 1 78 ? -15.429 2.574   3.398   1.00 18.08  ? 78  GLY A O   1 
ATOM   597  N N   . PRO A 1 79 ? -16.579 0.893   2.458   1.00 20.74  ? 79  PRO A N   1 
ATOM   598  C CA  . PRO A 1 79 ? -16.161 -0.090  3.457   1.00 22.79  ? 79  PRO A CA  1 
ATOM   599  C C   . PRO A 1 79 ? -14.718 -0.598  3.346   1.00 25.03  ? 79  PRO A C   1 
ATOM   600  O O   . PRO A 1 79 ? -14.466 -1.697  2.869   1.00 29.32  ? 79  PRO A O   1 
ATOM   601  C CB  . PRO A 1 79 ? -17.198 -1.210  3.293   1.00 22.31  ? 79  PRO A CB  1 
ATOM   602  C CG  . PRO A 1 79 ? -17.517 -1.168  1.831   1.00 21.44  ? 79  PRO A CG  1 
ATOM   603  C CD  . PRO A 1 79 ? -17.618 0.330   1.570   1.00 20.15  ? 79  PRO A CD  1 
ATOM   604  N N   . THR A 1 80 ? -13.769 0.205   3.801   1.00 27.52  ? 80  THR A N   1 
ATOM   605  C CA  . THR A 1 80 ? -12.376 -0.211  3.775   1.00 23.21  ? 80  THR A CA  1 
ATOM   606  C C   . THR A 1 80 ? -11.974 -0.542  5.213   1.00 24.80  ? 80  THR A C   1 
ATOM   607  O O   . THR A 1 80 ? -12.517 0.021   6.163   1.00 26.53  ? 80  THR A O   1 
ATOM   608  C CB  . THR A 1 80 ? -11.455 0.903   3.227   1.00 22.77  ? 80  THR A CB  1 
ATOM   609  O OG1 . THR A 1 80 ? -10.091 0.529   3.434   1.00 20.26  ? 80  THR A OG1 1 
ATOM   610  C CG2 . THR A 1 80 ? -11.706 2.221   3.942   1.00 20.57  ? 80  THR A CG2 1 
ATOM   611  N N   . PRO A 1 81 ? -11.029 -1.482  5.386   1.00 23.41  ? 81  PRO A N   1 
ATOM   612  C CA  . PRO A 1 81 ? -10.507 -1.935  6.682   1.00 22.17  ? 81  PRO A CA  1 
ATOM   613  C C   . PRO A 1 81 ? -9.786  -0.823  7.439   1.00 24.16  ? 81  PRO A C   1 
ATOM   614  O O   . PRO A 1 81 ? -9.701  -0.848  8.668   1.00 23.81  ? 81  PRO A O   1 
ATOM   615  C CB  . PRO A 1 81 ? -9.528  -3.047  6.295   1.00 22.32  ? 81  PRO A CB  1 
ATOM   616  C CG  . PRO A 1 81 ? -10.089 -3.565  5.025   1.00 24.25  ? 81  PRO A CG  1 
ATOM   617  C CD  . PRO A 1 81 ? -10.534 -2.335  4.293   1.00 20.51  ? 81  PRO A CD  1 
ATOM   618  N N   . VAL A 1 82 ? -9.252  0.140   6.689   1.00 21.82  ? 82  VAL A N   1 
ATOM   619  C CA  . VAL A 1 82 ? -8.509  1.254   7.270   1.00 22.80  ? 82  VAL A CA  1 
ATOM   620  C C   . VAL A 1 82 ? -8.494  2.449   6.310   1.00 18.96  ? 82  VAL A C   1 
ATOM   621  O O   . VAL A 1 82 ? -8.676  2.273   5.095   1.00 16.42  ? 82  VAL A O   1 
ATOM   622  C CB  . VAL A 1 82 ? -7.046  0.822   7.576   1.00 28.26  ? 82  VAL A CB  1 
ATOM   623  C CG1 . VAL A 1 82 ? -6.427  0.184   6.341   1.00 28.48  ? 82  VAL A CG1 1 
ATOM   624  C CG2 . VAL A 1 82 ? -6.209  2.023   8.019   1.00 33.38  ? 82  VAL A CG2 1 
ATOM   625  N N   . ASN A 1 83 ? -8.303  3.652   6.859   1.00 12.82  ? 83  ASN A N   1 
ATOM   626  C CA  . ASN A 1 83 ? -8.244  4.874   6.061   1.00 14.82  ? 83  ASN A CA  1 
ATOM   627  C C   . ASN A 1 83 ? -6.923  4.881   5.304   1.00 13.62  ? 83  ASN A C   1 
ATOM   628  O O   . ASN A 1 83 ? -5.849  4.724   5.886   1.00 11.96  ? 83  ASN A O   1 
ATOM   629  C CB  . ASN A 1 83 ? -8.358  6.117   6.957   1.00 16.35  ? 83  ASN A CB  1 
ATOM   630  C CG  . ASN A 1 83 ? -9.701  6.199   7.651   1.00 17.62  ? 83  ASN A CG  1 
ATOM   631  O OD1 . ASN A 1 83 ? -10.739 5.957   7.030   1.00 20.86  ? 83  ASN A OD1 1 
ATOM   632  N ND2 . ASN A 1 83 ? -9.694  6.537   8.938   1.00 14.44  ? 83  ASN A ND2 1 
ATOM   633  N N   . ILE A 1 84 ? -7.008  5.071   4.000   1.00 10.96  ? 84  ILE A N   1 
ATOM   634  C CA  . ILE A 1 84 ? -5.817  5.018   3.159   1.00 11.51  ? 84  ILE A CA  1 
ATOM   635  C C   . ILE A 1 84 ? -5.546  6.289   2.369   1.00 9.31   ? 84  ILE A C   1 
ATOM   636  O O   . ILE A 1 84 ? -6.428  6.782   1.676   1.00 11.17  ? 84  ILE A O   1 
ATOM   637  C CB  . ILE A 1 84 ? -5.976  3.855   2.142   1.00 13.40  ? 84  ILE A CB  1 
ATOM   638  C CG1 . ILE A 1 84 ? -5.945  2.526   2.888   1.00 15.37  ? 84  ILE A CG1 1 
ATOM   639  C CG2 . ILE A 1 84 ? -4.898  3.906   1.060   1.00 12.05  ? 84  ILE A CG2 1 
ATOM   640  C CD1 . ILE A 1 84 ? -6.565  1.402   2.078   1.00 19.08  ? 84  ILE A CD1 1 
ATOM   641  N N   . ILE A 1 85 ? -4.342  6.837   2.507   1.00 9.15   ? 85  ILE A N   1 
ATOM   642  C CA  . ILE A 1 85 ? -3.976  7.985   1.697   1.00 7.85   ? 85  ILE A CA  1 
ATOM   643  C C   . ILE A 1 85 ? -3.187  7.389   0.525   1.00 11.21  ? 85  ILE A C   1 
ATOM   644  O O   . ILE A 1 85 ? -2.092  6.851   0.726   1.00 11.37  ? 85  ILE A O   1 
ATOM   645  C CB  . ILE A 1 85 ? -3.063  8.955   2.446   1.00 9.38   ? 85  ILE A CB  1 
ATOM   646  C CG1 . ILE A 1 85 ? -3.774  9.486   3.701   1.00 11.16  ? 85  ILE A CG1 1 
ATOM   647  C CG2 . ILE A 1 85 ? -2.670  10.094  1.499   1.00 10.50  ? 85  ILE A CG2 1 
ATOM   648  C CD1 . ILE A 1 85 ? -5.111  10.186  3.415   1.00 10.93  ? 85  ILE A CD1 1 
ATOM   649  N N   . GLY A 1 86 ? -3.739  7.489   -0.686  1.00 7.90   ? 86  GLY A N   1 
ATOM   650  C CA  . GLY A 1 86 ? -3.085  6.938   -1.868  1.00 10.39  ? 86  GLY A CA  1 
ATOM   651  C C   . GLY A 1 86 ? -2.216  7.904   -2.637  1.00 8.25   ? 86  GLY A C   1 
ATOM   652  O O   . GLY A 1 86 ? -2.104  9.066   -2.260  1.00 9.83   ? 86  GLY A O   1 
ATOM   653  N N   . ARG A 1 87 ? -1.615  7.429   -3.730  1.00 11.37  ? 87  ARG A N   1 
ATOM   654  C CA  . ARG A 1 87 ? -0.706  8.251   -4.542  1.00 9.91   ? 87  ARG A CA  1 
ATOM   655  C C   . ARG A 1 87 ? -1.290  9.555   -5.068  1.00 10.63  ? 87  ARG A C   1 
ATOM   656  O O   . ARG A 1 87 ? -0.557  10.529  -5.253  1.00 10.88  ? 87  ARG A O   1 
ATOM   657  C CB  . ARG A 1 87 ? -0.121  7.440   -5.711  1.00 9.28   ? 87  ARG A CB  1 
ATOM   658  C CG  . ARG A 1 87 ? 0.827   6.313   -5.269  1.00 8.72   ? 87  ARG A CG  1 
ATOM   659  C CD  . ARG A 1 87 ? 1.540   5.630   -6.469  1.00 8.50   ? 87  ARG A CD  1 
ATOM   660  N NE  . ARG A 1 87 ? 0.570   5.008   -7.380  1.00 9.88   ? 87  ARG A NE  1 
ATOM   661  C CZ  . ARG A 1 87 ? 0.133   5.534   -8.527  1.00 15.57  ? 87  ARG A CZ  1 
ATOM   662  N NH1 . ARG A 1 87 ? 0.589   6.716   -8.956  1.00 10.15  ? 87  ARG A NH1 1 
ATOM   663  N NH2 . ARG A 1 87 ? -0.816  4.901   -9.218  1.00 14.22  ? 87  ARG A NH2 1 
ATOM   664  N N   . ASN A 1 88 ? -2.590  9.600   -5.302  1.00 9.40   ? 88  ASN A N   1 
ATOM   665  C CA  . ASN A 1 88 ? -3.165  10.843  -5.792  1.00 11.96  ? 88  ASN A CA  1 
ATOM   666  C C   . ASN A 1 88 ? -2.926  12.003  -4.816  1.00 10.51  ? 88  ASN A C   1 
ATOM   667  O O   . ASN A 1 88 ? -2.715  13.133  -5.254  1.00 12.61  ? 88  ASN A O   1 
ATOM   668  C CB  . ASN A 1 88 ? -4.668  10.668  -6.102  1.00 11.66  ? 88  ASN A CB  1 
ATOM   669  C CG  . ASN A 1 88 ? -5.510  10.483  -4.860  1.00 9.94   ? 88  ASN A CG  1 
ATOM   670  O OD1 . ASN A 1 88 ? -5.230  9.624   -4.025  1.00 13.49  ? 88  ASN A OD1 1 
ATOM   671  N ND2 . ASN A 1 88 ? -6.552  11.303  -4.730  1.00 13.00  ? 88  ASN A ND2 1 
ATOM   672  N N   . LEU A 1 89 ? -2.941  11.756  -3.504  1.00 8.31   ? 89  LEU A N   1 
ATOM   673  C CA  . LEU A 1 89 ? -2.682  12.862  -2.558  1.00 11.63  ? 89  LEU A CA  1 
ATOM   674  C C   . LEU A 1 89 ? -1.221  12.913  -2.115  1.00 10.33  ? 89  LEU A C   1 
ATOM   675  O O   . LEU A 1 89 ? -0.681  13.991  -1.826  1.00 10.87  ? 89  LEU A O   1 
ATOM   676  C CB  . LEU A 1 89 ? -3.588  12.782  -1.333  1.00 8.80   ? 89  LEU A CB  1 
ATOM   677  C CG  . LEU A 1 89 ? -5.084  12.912  -1.652  1.00 12.29  ? 89  LEU A CG  1 
ATOM   678  C CD1 . LEU A 1 89 ? -5.881  12.753  -0.373  1.00 13.38  ? 89  LEU A CD1 1 
ATOM   679  C CD2 . LEU A 1 89 ? -5.375  14.280  -2.308  1.00 14.10  ? 89  LEU A CD2 1 
ATOM   680  N N   . LEU A 1 90 ? -0.568  11.749  -2.060  1.00 9.64   ? 90  LEU A N   1 
ATOM   681  C CA  . LEU A 1 90 ? 0.846   11.706  -1.694  1.00 9.96   ? 90  LEU A CA  1 
ATOM   682  C C   . LEU A 1 90 ? 1.696   12.558  -2.651  1.00 7.93   ? 90  LEU A C   1 
ATOM   683  O O   . LEU A 1 90 ? 2.629   13.228  -2.216  1.00 7.77   ? 90  LEU A O   1 
ATOM   684  C CB  . LEU A 1 90 ? 1.353   10.249  -1.687  1.00 10.89  ? 90  LEU A CB  1 
ATOM   685  C CG  . LEU A 1 90 ? 0.779   9.312   -0.601  1.00 12.42  ? 90  LEU A CG  1 
ATOM   686  C CD1 . LEU A 1 90 ? 1.400   7.914   -0.739  1.00 13.98  ? 90  LEU A CD1 1 
ATOM   687  C CD2 . LEU A 1 90 ? 1.068   9.836   0.775   1.00 9.33   ? 90  LEU A CD2 1 
ATOM   688  N N   . THR A 1 91 ? 1.378   12.552  -3.948  1.00 8.50   ? 91  THR A N   1 
ATOM   689  C CA  . THR A 1 91 ? 2.158   13.358  -4.878  1.00 6.50   ? 91  THR A CA  1 
ATOM   690  C C   . THR A 1 91 ? 1.948   14.852  -4.620  1.00 10.57  ? 91  THR A C   1 
ATOM   691  O O   . THR A 1 91 ? 2.840   15.663  -4.883  1.00 11.94  ? 91  THR A O   1 
ATOM   692  C CB  . THR A 1 91 ? 1.802   13.056  -6.344  1.00 11.47  ? 91  THR A CB  1 
ATOM   693  O OG1 . THR A 1 91 ? 0.389   13.178  -6.527  1.00 14.54  ? 91  THR A OG1 1 
ATOM   694  C CG2 . THR A 1 91 ? 2.243   11.626  -6.714  1.00 7.93   ? 91  THR A CG2 1 
ATOM   695  N N   . GLN A 1 92 ? 0.789   15.223  -4.096  1.00 12.48  ? 92  GLN A N   1 
ATOM   696  C CA  . GLN A 1 92 ? 0.519   16.636  -3.835  1.00 12.75  ? 92  GLN A CA  1 
ATOM   697  C C   . GLN A 1 92 ? 1.337   17.163  -2.668  1.00 15.24  ? 92  GLN A C   1 
ATOM   698  O O   . GLN A 1 92 ? 1.659   18.346  -2.642  1.00 18.68  ? 92  GLN A O   1 
ATOM   699  C CB  . GLN A 1 92 ? -0.971  16.884  -3.576  1.00 13.53  ? 92  GLN A CB  1 
ATOM   700  C CG  . GLN A 1 92 ? -1.881  16.655  -4.807  1.00 14.18  ? 92  GLN A CG  1 
ATOM   701  C CD  . GLN A 1 92 ? -3.307  17.162  -4.562  1.00 16.89  ? 92  GLN A CD  1 
ATOM   702  O OE1 . GLN A 1 92 ? -3.536  18.012  -3.697  1.00 16.04  ? 92  GLN A OE1 1 
ATOM   703  N NE2 . GLN A 1 92 ? -4.261  16.655  -5.332  1.00 13.88  ? 92  GLN A NE2 1 
ATOM   704  N N   . ILE A 1 93 ? 1.686   16.309  -1.705  1.00 15.67  ? 93  ILE A N   1 
ATOM   705  C CA  . ILE A 1 93 ? 2.486   16.785  -0.583  1.00 15.70  ? 93  ILE A CA  1 
ATOM   706  C C   . ILE A 1 93 ? 3.978   16.513  -0.790  1.00 17.15  ? 93  ILE A C   1 
ATOM   707  O O   . ILE A 1 93 ? 4.800   16.719  0.119   1.00 17.75  ? 93  ILE A O   1 
ATOM   708  C CB  . ILE A 1 93 ? 2.020   16.194  0.777   1.00 15.12  ? 93  ILE A CB  1 
ATOM   709  C CG1 . ILE A 1 93 ? 2.214   14.689  0.820   1.00 12.84  ? 93  ILE A CG1 1 
ATOM   710  C CG2 . ILE A 1 93 ? 0.533   16.515  1.015   1.00 15.91  ? 93  ILE A CG2 1 
ATOM   711  C CD1 . ILE A 1 93 ? 1.908   14.128  2.209   1.00 14.46  ? 93  ILE A CD1 1 
ATOM   712  N N   . GLY A 1 94 ? 4.326   16.070  -1.994  1.00 13.67  ? 94  GLY A N   1 
ATOM   713  C CA  . GLY A 1 94 ? 5.722   15.813  -2.325  1.00 14.64  ? 94  GLY A CA  1 
ATOM   714  C C   . GLY A 1 94 ? 6.352   14.595  -1.669  1.00 15.11  ? 94  GLY A C   1 
ATOM   715  O O   . GLY A 1 94 ? 7.566   14.554  -1.463  1.00 16.09  ? 94  GLY A O   1 
HETATM 716  N N   . ABA A 1 95 ? 5.541   13.592  -1.358  1.00 13.01  ? 95  ABA A N   1 
HETATM 717  C CA  . ABA A 1 95 ? 6.056   12.381  -0.734  1.00 11.65  ? 95  ABA A CA  1 
HETATM 718  C C   . ABA A 1 95 ? 6.855   11.540  -1.732  1.00 12.60  ? 95  ABA A C   1 
HETATM 719  O O   . ABA A 1 95 ? 6.466   11.402  -2.898  1.00 13.14  ? 95  ABA A O   1 
HETATM 720  C CB  . ABA A 1 95 ? 4.895   11.560  -0.157  1.00 12.50  ? 95  ABA A CB  1 
HETATM 721  C CG  . ABA A 1 95 ? 5.342   10.405  0.696   1.00 16.32  ? 95  ABA A CG  1 
ATOM   722  N N   . THR A 1 96 ? 7.995   11.021  -1.282  1.00 12.76  ? 96  THR A N   1 
ATOM   723  C CA  . THR A 1 96 ? 8.849   10.160  -2.103  1.00 12.37  ? 96  THR A CA  1 
ATOM   724  C C   . THR A 1 96 ? 9.307   8.955   -1.277  1.00 13.50  ? 96  THR A C   1 
ATOM   725  O O   . THR A 1 96 ? 9.278   8.979   -0.045  1.00 14.59  ? 96  THR A O   1 
ATOM   726  C CB  . THR A 1 96 ? 10.128  10.878  -2.603  1.00 13.57  ? 96  THR A CB  1 
ATOM   727  O OG1 . THR A 1 96 ? 10.903  11.323  -1.478  1.00 15.46  ? 96  THR A OG1 1 
ATOM   728  C CG2 . THR A 1 96 ? 9.765   12.076  -3.508  1.00 17.45  ? 96  THR A CG2 1 
ATOM   729  N N   . LEU A 1 97 ? 9.713   7.896   -1.965  1.00 13.90  ? 97  LEU A N   1 
ATOM   730  C CA  . LEU A 1 97 ? 10.220  6.709   -1.304  1.00 16.24  ? 97  LEU A CA  1 
ATOM   731  C C   . LEU A 1 97 ? 11.726  6.830   -1.459  1.00 15.51  ? 97  LEU A C   1 
ATOM   732  O O   . LEU A 1 97 ? 12.217  7.142   -2.533  1.00 15.02  ? 97  LEU A O   1 
ATOM   733  C CB  . LEU A 1 97 ? 9.710   5.438   -1.994  1.00 18.55  ? 97  LEU A CB  1 
ATOM   734  C CG  . LEU A 1 97 ? 8.371   4.881   -1.494  1.00 22.37  ? 97  LEU A CG  1 
ATOM   735  C CD1 . LEU A 1 97 ? 7.920   3.698   -2.358  1.00 21.19  ? 97  LEU A CD1 1 
ATOM   736  C CD2 . LEU A 1 97 ? 8.549   4.425   -0.046  1.00 21.29  ? 97  LEU A CD2 1 
ATOM   737  N N   . ASN A 1 98 ? 12.452  6.598   -0.382  1.00 16.57  ? 98  ASN A N   1 
ATOM   738  C CA  . ASN A 1 98 ? 13.901  6.720   -0.430  1.00 20.94  ? 98  ASN A CA  1 
ATOM   739  C C   . ASN A 1 98 ? 14.617  5.544   0.210   1.00 20.98  ? 98  ASN A C   1 
ATOM   740  O O   . ASN A 1 98 ? 14.189  5.012   1.238   1.00 20.60  ? 98  ASN A O   1 
ATOM   741  C CB  . ASN A 1 98 ? 14.354  7.997   0.289   1.00 18.02  ? 98  ASN A CB  1 
ATOM   742  C CG  . ASN A 1 98 ? 13.829  9.270   -0.367  1.00 23.69  ? 98  ASN A CG  1 
ATOM   743  O OD1 . ASN A 1 98 ? 14.456  9.813   -1.274  1.00 28.84  ? 98  ASN A OD1 1 
ATOM   744  N ND2 . ASN A 1 98 ? 12.672  9.747   0.091   1.00 23.19  ? 98  ASN A ND2 1 
ATOM   745  N N   . PHE A 1 99 ? 15.715  5.146   -0.418  1.00 21.24  ? 99  PHE A N   1 
ATOM   746  C CA  . PHE A 1 99 ? 16.560  4.083   0.096   1.00 25.08  ? 99  PHE A CA  1 
ATOM   747  C C   . PHE A 1 99 ? 17.823  4.005   -0.759  1.00 27.91  ? 99  PHE A C   1 
ATOM   748  O O   . PHE A 1 99 ? 18.768  3.303   -0.406  1.00 31.85  ? 99  PHE A O   1 
ATOM   749  C CB  . PHE A 1 99 ? 15.812  2.731   0.133   1.00 25.41  ? 99  PHE A CB  1 
ATOM   750  C CG  . PHE A 1 99 ? 15.540  2.127   -1.217  1.00 28.48  ? 99  PHE A CG  1 
ATOM   751  C CD1 . PHE A 1 99 ? 16.490  1.327   -1.841  1.00 30.59  ? 99  PHE A CD1 1 
ATOM   752  C CD2 . PHE A 1 99 ? 14.326  2.343   -1.856  1.00 28.63  ? 99  PHE A CD2 1 
ATOM   753  C CE1 . PHE A 1 99 ? 16.240  0.749   -3.076  1.00 31.28  ? 99  PHE A CE1 1 
ATOM   754  C CE2 . PHE A 1 99 ? 14.064  1.765   -3.101  1.00 32.09  ? 99  PHE A CE2 1 
ATOM   755  C CZ  . PHE A 1 99 ? 15.028  0.967   -3.708  1.00 32.75  ? 99  PHE A CZ  1 
ATOM   756  N N   . PRO B 1 1  ? 18.162  5.232   -4.042  1.00 28.96  ? 101 PRO B N   1 
ATOM   757  C CA  . PRO B 1 1  ? 17.523  6.102   -5.038  1.00 27.24  ? 101 PRO B CA  1 
ATOM   758  C C   . PRO B 1 1  ? 16.351  6.851   -4.420  1.00 25.57  ? 101 PRO B C   1 
ATOM   759  O O   . PRO B 1 1  ? 16.015  6.651   -3.250  1.00 23.60  ? 101 PRO B O   1 
ATOM   760  C CB  . PRO B 1 1  ? 17.026  5.120   -6.107  1.00 27.38  ? 101 PRO B CB  1 
ATOM   761  C CG  . PRO B 1 1  ? 17.846  3.897   -5.901  1.00 30.40  ? 101 PRO B CG  1 
ATOM   762  C CD  . PRO B 1 1  ? 17.990  3.816   -4.401  1.00 28.51  ? 101 PRO B CD  1 
ATOM   763  N N   . GLN B 1 2  ? 15.731  7.709   -5.217  1.00 24.05  ? 102 GLN B N   1 
ATOM   764  C CA  . GLN B 1 2  ? 14.558  8.443   -4.769  1.00 24.41  ? 102 GLN B CA  1 
ATOM   765  C C   . GLN B 1 2  ? 13.456  8.101   -5.755  1.00 25.33  ? 102 GLN B C   1 
ATOM   766  O O   . GLN B 1 2  ? 13.611  8.306   -6.954  1.00 26.09  ? 102 GLN B O   1 
ATOM   767  C CB  . GLN B 1 2  ? 14.805  9.942   -4.775  1.00 25.51  ? 102 GLN B CB  1 
ATOM   768  C CG  . GLN B 1 2  ? 13.622  10.720  -4.223  1.00 32.09  ? 102 GLN B CG  1 
ATOM   769  C CD  . GLN B 1 2  ? 13.945  12.184  -3.977  1.00 38.01  ? 102 GLN B CD  1 
ATOM   770  O OE1 . GLN B 1 2  ? 13.982  12.990  -4.908  1.00 43.62  ? 102 GLN B OE1 1 
ATOM   771  N NE2 . GLN B 1 2  ? 14.190  12.532  -2.717  1.00 36.65  ? 102 GLN B NE2 1 
ATOM   772  N N   . ILE B 1 3  ? 12.349  7.561   -5.266  1.00 21.70  ? 103 ILE B N   1 
ATOM   773  C CA  . ILE B 1 3  ? 11.277  7.204   -6.172  1.00 19.61  ? 103 ILE B CA  1 
ATOM   774  C C   . ILE B 1 3  ? 10.071  8.124   -5.971  1.00 18.74  ? 103 ILE B C   1 
ATOM   775  O O   . ILE B 1 3  ? 9.575   8.294   -4.847  1.00 15.63  ? 103 ILE B O   1 
ATOM   776  C CB  . ILE B 1 3  ? 10.902  5.720   -5.958  1.00 20.23  ? 103 ILE B CB  1 
ATOM   777  C CG1 . ILE B 1 3  ? 12.128  4.860   -6.256  1.00 24.05  ? 103 ILE B CG1 1 
ATOM   778  C CG2 . ILE B 1 3  ? 9.744   5.304   -6.850  1.00 19.98  ? 103 ILE B CG2 1 
ATOM   779  C CD1 . ILE B 1 3  ? 11.911  3.405   -6.023  1.00 25.63  ? 103 ILE B CD1 1 
ATOM   780  N N   . THR B 1 4  ? 9.625   8.751   -7.054  1.00 14.93  ? 104 THR B N   1 
ATOM   781  C CA  . THR B 1 4  ? 8.470   9.634   -6.964  1.00 15.17  ? 104 THR B CA  1 
ATOM   782  C C   . THR B 1 4  ? 7.208   8.783   -7.140  1.00 16.42  ? 104 THR B C   1 
ATOM   783  O O   . THR B 1 4  ? 7.280   7.631   -7.587  1.00 15.25  ? 104 THR B O   1 
ATOM   784  C CB  . THR B 1 4  ? 8.519   10.769  -8.020  1.00 18.58  ? 104 THR B CB  1 
ATOM   785  O OG1 . THR B 1 4  ? 8.549   10.211  -9.341  1.00 19.26  ? 104 THR B OG1 1 
ATOM   786  C CG2 . THR B 1 4  ? 9.754   11.649  -7.791  1.00 19.60  ? 104 THR B CG2 1 
ATOM   787  N N   . LEU B 1 5  ? 6.049   9.337   -6.807  1.00 13.17  ? 105 LEU B N   1 
ATOM   788  C CA  . LEU B 1 5  ? 4.834   8.534   -6.876  1.00 14.47  ? 105 LEU B CA  1 
ATOM   789  C C   . LEU B 1 5  ? 3.830   8.900   -7.954  1.00 12.66  ? 105 LEU B C   1 
ATOM   790  O O   . LEU B 1 5  ? 2.647   8.587   -7.836  1.00 13.61  ? 105 LEU B O   1 
ATOM   791  C CB  . LEU B 1 5  ? 4.166   8.539   -5.498  1.00 12.13  ? 105 LEU B CB  1 
ATOM   792  C CG  . LEU B 1 5  ? 5.138   8.129   -4.380  1.00 12.05  ? 105 LEU B CG  1 
ATOM   793  C CD1 . LEU B 1 5  ? 4.567   8.483   -3.024  1.00 11.77  ? 105 LEU B CD1 1 
ATOM   794  C CD2 . LEU B 1 5  ? 5.429   6.613   -4.486  1.00 14.87  ? 105 LEU B CD2 1 
ATOM   795  N N   . TRP B 1 6  ? 4.304   9.534   -9.019  1.00 14.16  ? 106 TRP B N   1 
ATOM   796  C CA  . TRP B 1 6  ? 3.423   9.905   -10.130 1.00 14.45  ? 106 TRP B CA  1 
ATOM   797  C C   . TRP B 1 6  ? 2.870   8.641   -10.747 1.00 16.05  ? 106 TRP B C   1 
ATOM   798  O O   . TRP B 1 6  ? 1.767   8.631   -11.277 1.00 14.05  ? 106 TRP B O   1 
ATOM   799  C CB  . TRP B 1 6  ? 4.191   10.661  -11.208 1.00 15.76  ? 106 TRP B CB  1 
ATOM   800  C CG  . TRP B 1 6  ? 4.747   11.944  -10.754 1.00 17.66  ? 106 TRP B CG  1 
ATOM   801  C CD1 . TRP B 1 6  ? 6.059   12.228  -10.508 1.00 19.89  ? 106 TRP B CD1 1 
ATOM   802  C CD2 . TRP B 1 6  ? 4.018   13.149  -10.508 1.00 22.83  ? 106 TRP B CD2 1 
ATOM   803  N NE1 . TRP B 1 6  ? 6.192   13.540  -10.129 1.00 22.91  ? 106 TRP B NE1 1 
ATOM   804  C CE2 . TRP B 1 6  ? 4.955   14.131  -10.122 1.00 22.53  ? 106 TRP B CE2 1 
ATOM   805  C CE3 . TRP B 1 6  ? 2.662   13.499  -10.583 1.00 24.24  ? 106 TRP B CE3 1 
ATOM   806  C CZ2 . TRP B 1 6  ? 4.584   15.446  -9.811  1.00 25.70  ? 106 TRP B CZ2 1 
ATOM   807  C CZ3 . TRP B 1 6  ? 2.288   14.813  -10.275 1.00 27.20  ? 106 TRP B CZ3 1 
ATOM   808  C CH2 . TRP B 1 6  ? 3.251   15.768  -9.894  1.00 25.50  ? 106 TRP B CH2 1 
ATOM   809  N N   . LYS B 1 7  ? 3.667   7.577   -10.684 1.00 14.82  ? 107 LYS B N   1 
ATOM   810  C CA  . LYS B 1 7  ? 3.299   6.267   -11.224 1.00 14.37  ? 107 LYS B CA  1 
ATOM   811  C C   . LYS B 1 7  ? 3.454   5.242   -10.096 1.00 16.27  ? 107 LYS B C   1 
ATOM   812  O O   . LYS B 1 7  ? 4.066   5.544   -9.072  1.00 14.79  ? 107 LYS B O   1 
ATOM   813  C CB  . LYS B 1 7  ? 4.262   5.871   -12.338 0.50 13.15  ? 107 LYS B CB  1 
ATOM   814  C CG  . LYS B 1 7  ? 4.279   6.764   -13.540 0.50 14.94  ? 107 LYS B CG  1 
ATOM   815  C CD  . LYS B 1 7  ? 5.562   6.526   -14.321 0.50 21.11  ? 107 LYS B CD  1 
ATOM   816  C CE  . LYS B 1 7  ? 5.812   5.032   -14.550 0.50 19.71  ? 107 LYS B CE  1 
ATOM   817  N NZ  . LYS B 1 7  ? 7.221   4.769   -14.941 0.50 18.29  ? 107 LYS B NZ  1 
ATOM   818  N N   . ARG B 1 8  ? 2.925   4.034   -10.290 1.00 15.10  ? 108 ARG B N   1 
ATOM   819  C CA  . ARG B 1 8  ? 3.075   2.988   -9.276  1.00 15.93  ? 108 ARG B CA  1 
ATOM   820  C C   . ARG B 1 8  ? 4.574   2.742   -9.115  1.00 16.12  ? 108 ARG B C   1 
ATOM   821  O O   . ARG B 1 8  ? 5.305   2.674   -10.115 1.00 14.25  ? 108 ARG B O   1 
ATOM   822  C CB  . ARG B 1 8  ? 2.400   1.688   -9.733  1.00 15.21  ? 108 ARG B CB  1 
ATOM   823  C CG  . ARG B 1 8  ? 0.925   1.813   -9.904  1.00 20.24  ? 108 ARG B CG  1 
ATOM   824  C CD  . ARG B 1 8  ? 0.304   0.485   -10.284 1.00 21.07  ? 108 ARG B CD  1 
ATOM   825  N NE  . ARG B 1 8  ? -1.150  0.569   -10.257 1.00 25.46  ? 108 ARG B NE  1 
ATOM   826  C CZ  . ARG B 1 8  ? -1.963  -0.450  -10.511 1.00 31.01  ? 108 ARG B CZ  1 
ATOM   827  N NH1 . ARG B 1 8  ? -1.458  -1.643  -10.808 1.00 28.81  ? 108 ARG B NH1 1 
ATOM   828  N NH2 . ARG B 1 8  ? -3.277  -0.265  -10.478 1.00 27.87  ? 108 ARG B NH2 1 
ATOM   829  N N   . PRO B 1 9  ? 5.057   2.632   -7.864  1.00 13.19  ? 109 PRO B N   1 
ATOM   830  C CA  . PRO B 1 9  ? 6.481   2.392   -7.611  1.00 13.98  ? 109 PRO B CA  1 
ATOM   831  C C   . PRO B 1 9  ? 6.865   0.934   -7.870  1.00 13.50  ? 109 PRO B C   1 
ATOM   832  O O   . PRO B 1 9  ? 7.013   0.164   -6.937  1.00 12.61  ? 109 PRO B O   1 
ATOM   833  C CB  . PRO B 1 9  ? 6.635   2.776   -6.139  1.00 13.64  ? 109 PRO B CB  1 
ATOM   834  C CG  . PRO B 1 9  ? 5.309   2.369   -5.546  1.00 10.62  ? 109 PRO B CG  1 
ATOM   835  C CD  . PRO B 1 9  ? 4.323   2.856   -6.600  1.00 12.67  ? 109 PRO B CD  1 
ATOM   836  N N   . LEU B 1 10 ? 7.017   0.561   -9.133  1.00 12.47  ? 110 LEU B N   1 
ATOM   837  C CA  . LEU B 1 10 ? 7.381   -0.805  -9.488  1.00 16.05  ? 110 LEU B CA  1 
ATOM   838  C C   . LEU B 1 10 ? 8.882   -0.929  -9.660  1.00 20.18  ? 110 LEU B C   1 
ATOM   839  O O   . LEU B 1 10 ? 9.510   -0.066  -10.270 1.00 19.32  ? 110 LEU B O   1 
ATOM   840  C CB  . LEU B 1 10 ? 6.716   -1.197  -10.798 1.00 17.44  ? 110 LEU B CB  1 
ATOM   841  C CG  . LEU B 1 10 ? 5.193   -1.324  -10.832 1.00 19.50  ? 110 LEU B CG  1 
ATOM   842  C CD1 . LEU B 1 10 ? 4.730   -1.432  -12.289 1.00 22.65  ? 110 LEU B CD1 1 
ATOM   843  C CD2 . LEU B 1 10 ? 4.764   -2.549  -10.026 1.00 15.22  ? 110 LEU B CD2 1 
ATOM   844  N N   . VAL B 1 11 ? 9.457   -1.998  -9.124  1.00 19.06  ? 111 VAL B N   1 
ATOM   845  C CA  . VAL B 1 11 ? 10.892  -2.230  -9.263  1.00 19.44  ? 111 VAL B CA  1 
ATOM   846  C C   . VAL B 1 11 ? 11.119  -3.710  -9.556  1.00 20.53  ? 111 VAL B C   1 
ATOM   847  O O   . VAL B 1 11 ? 10.185  -4.519  -9.493  1.00 21.35  ? 111 VAL B O   1 
ATOM   848  C CB  . VAL B 1 11 ? 11.684  -1.818  -7.977  1.00 20.21  ? 111 VAL B CB  1 
ATOM   849  C CG1 . VAL B 1 11 ? 11.451  -0.331  -7.672  1.00 19.55  ? 111 VAL B CG1 1 
ATOM   850  C CG2 . VAL B 1 11 ? 11.266  -2.671  -6.793  1.00 17.51  ? 111 VAL B CG2 1 
ATOM   851  N N   . THR B 1 12 ? 12.352  -4.065  -9.896  1.00 20.46  ? 112 THR B N   1 
ATOM   852  C CA  . THR B 1 12 ? 12.680  -5.452  -10.195 1.00 21.22  ? 112 THR B CA  1 
ATOM   853  C C   . THR B 1 12 ? 13.161  -6.141  -8.931  1.00 20.50  ? 112 THR B C   1 
ATOM   854  O O   . THR B 1 12 ? 13.951  -5.580  -8.188  1.00 23.25  ? 112 THR B O   1 
ATOM   855  C CB  . THR B 1 12 ? 13.806  -5.543  -11.263 1.00 22.11  ? 112 THR B CB  1 
ATOM   856  O OG1 . THR B 1 12 ? 13.329  -5.004  -12.497 1.00 21.62  ? 112 THR B OG1 1 
ATOM   857  C CG2 . THR B 1 12 ? 14.226  -6.983  -11.493 1.00 19.01  ? 112 THR B CG2 1 
ATOM   858  N N   . ILE B 1 13 ? 12.663  -7.343  -8.671  1.00 21.49  ? 113 ILE B N   1 
ATOM   859  C CA  . ILE B 1 13 ? 13.118  -8.090  -7.508  1.00 21.09  ? 113 ILE B CA  1 
ATOM   860  C C   . ILE B 1 13 ? 13.575  -9.432  -8.017  1.00 20.84  ? 113 ILE B C   1 
ATOM   861  O O   . ILE B 1 13 ? 13.258  -9.821  -9.138  1.00 21.27  ? 113 ILE B O   1 
ATOM   862  C CB  . ILE B 1 13 ? 12.002  -8.334  -6.445  1.00 20.14  ? 113 ILE B CB  1 
ATOM   863  C CG1 . ILE B 1 13 ? 10.825  -9.108  -7.055  1.00 19.69  ? 113 ILE B CG1 1 
ATOM   864  C CG2 . ILE B 1 13 ? 11.550  -7.006  -5.872  1.00 20.36  ? 113 ILE B CG2 1 
ATOM   865  C CD1 . ILE B 1 13 ? 9.818   -9.606  -6.019  1.00 19.39  ? 113 ILE B CD1 1 
ATOM   866  N N   . ARG B 1 14 ? 14.355  -10.124 -7.208  1.00 20.00  ? 114 ARG B N   1 
ATOM   867  C CA  . ARG B 1 14 ? 14.812  -11.439 -7.589  1.00 21.81  ? 114 ARG B CA  1 
ATOM   868  C C   . ARG B 1 14 ? 14.388  -12.345 -6.450  1.00 21.22  ? 114 ARG B C   1 
ATOM   869  O O   . ARG B 1 14 ? 14.686  -12.073 -5.278  1.00 20.72  ? 114 ARG B O   1 
ATOM   870  C CB  . ARG B 1 14 ? 16.332  -11.451 -7.756  1.00 25.28  ? 114 ARG B CB  1 
ATOM   871  C CG  . ARG B 1 14 ? 16.896  -12.743 -8.316  1.00 29.33  ? 114 ARG B CG  1 
ATOM   872  C CD  . ARG B 1 14 ? 18.420  -12.649 -8.391  1.00 36.62  ? 114 ARG B CD  1 
ATOM   873  N NE  . ARG B 1 14 ? 19.054  -13.960 -8.445  1.00 45.34  ? 114 ARG B NE  1 
ATOM   874  C CZ  . ARG B 1 14 ? 19.242  -14.671 -9.555  1.00 49.12  ? 114 ARG B CZ  1 
ATOM   875  N NH1 . ARG B 1 14 ? 18.850  -14.201 -10.736 1.00 50.76  ? 114 ARG B NH1 1 
ATOM   876  N NH2 . ARG B 1 14 ? 19.816  -15.864 -9.477  1.00 51.82  ? 114 ARG B NH2 1 
ATOM   877  N N   . ILE B 1 15 ? 13.654  -13.398 -6.789  1.00 20.47  ? 115 ILE B N   1 
ATOM   878  C CA  . ILE B 1 15 ? 13.198  -14.350 -5.792  1.00 23.06  ? 115 ILE B CA  1 
ATOM   879  C C   . ILE B 1 15 ? 13.184  -15.735 -6.429  1.00 25.71  ? 115 ILE B C   1 
ATOM   880  O O   . ILE B 1 15 ? 12.779  -15.896 -7.587  1.00 25.08  ? 115 ILE B O   1 
ATOM   881  C CB  . ILE B 1 15 ? 11.786  -13.969 -5.281  1.00 23.32  ? 115 ILE B CB  1 
ATOM   882  C CG1 . ILE B 1 15 ? 11.296  -14.994 -4.253  1.00 26.23  ? 115 ILE B CG1 1 
ATOM   883  C CG2 . ILE B 1 15 ? 10.828  -13.870 -6.443  1.00 19.18  ? 115 ILE B CG2 1 
ATOM   884  C CD1 . ILE B 1 15 ? 10.026  -14.562 -3.516  1.00 28.44  ? 115 ILE B CD1 1 
ATOM   885  N N   . GLY B 1 16 ? 13.654  -16.729 -5.680  1.00 26.47  ? 116 GLY B N   1 
ATOM   886  C CA  . GLY B 1 16 ? 13.693  -18.091 -6.191  1.00 30.09  ? 116 GLY B CA  1 
ATOM   887  C C   . GLY B 1 16 ? 14.446  -18.245 -7.504  1.00 30.66  ? 116 GLY B C   1 
ATOM   888  O O   . GLY B 1 16 ? 14.187  -19.165 -8.287  1.00 32.74  ? 116 GLY B O   1 
ATOM   889  N N   . GLY B 1 17 ? 15.385  -17.345 -7.753  1.00 30.98  ? 117 GLY B N   1 
ATOM   890  C CA  . GLY B 1 17 ? 16.144  -17.421 -8.985  1.00 34.76  ? 117 GLY B CA  1 
ATOM   891  C C   . GLY B 1 17 ? 15.442  -16.773 -10.160 1.00 36.28  ? 117 GLY B C   1 
ATOM   892  O O   . GLY B 1 17 ? 15.918  -16.856 -11.296 1.00 38.56  ? 117 GLY B O   1 
ATOM   893  N N   . GLN B 1 18 ? 14.309  -16.127 -9.896  1.00 36.15  ? 118 GLN B N   1 
ATOM   894  C CA  . GLN B 1 18 ? 13.566  -15.459 -10.957 1.00 34.56  ? 118 GLN B CA  1 
ATOM   895  C C   . GLN B 1 18 ? 13.478  -13.960 -10.740 1.00 33.83  ? 118 GLN B C   1 
ATOM   896  O O   . GLN B 1 18 ? 13.424  -13.489 -9.596  1.00 33.46  ? 118 GLN B O   1 
ATOM   897  C CB  . GLN B 1 18 ? 12.144  -15.992 -11.043 1.00 36.19  ? 118 GLN B CB  1 
ATOM   898  C CG  . GLN B 1 18 ? 12.017  -17.414 -11.481 1.00 42.05  ? 118 GLN B CG  1 
ATOM   899  C CD  . GLN B 1 18 ? 10.576  -17.761 -11.741 1.00 45.58  ? 118 GLN B CD  1 
ATOM   900  O OE1 . GLN B 1 18 ? 9.736   -17.687 -10.841 1.00 48.11  ? 118 GLN B OE1 1 
ATOM   901  N NE2 . GLN B 1 18 ? 10.272  -18.128 -12.976 1.00 47.43  ? 118 GLN B NE2 1 
ATOM   902  N N   . LEU B 1 19 ? 13.450  -13.218 -11.846 1.00 29.16  ? 119 LEU B N   1 
ATOM   903  C CA  . LEU B 1 19 ? 13.317  -11.770 -11.793 1.00 29.34  ? 119 LEU B CA  1 
ATOM   904  C C   . LEU B 1 19 ? 11.843  -11.432 -11.972 1.00 28.78  ? 119 LEU B C   1 
ATOM   905  O O   . LEU B 1 19 ? 11.178  -12.004 -12.835 1.00 28.57  ? 119 LEU B O   1 
ATOM   906  C CB  . LEU B 1 19 ? 14.119  -11.107 -12.908 1.00 29.17  ? 119 LEU B CB  1 
ATOM   907  C CG  . LEU B 1 19 ? 15.626  -11.040 -12.712 1.00 30.85  ? 119 LEU B CG  1 
ATOM   908  C CD1 . LEU B 1 19 ? 16.206  -12.434 -12.691 1.00 34.58  ? 119 LEU B CD1 1 
ATOM   909  C CD2 . LEU B 1 19 ? 16.221  -10.234 -13.855 1.00 29.70  ? 119 LEU B CD2 1 
ATOM   910  N N   . LYS B 1 20 ? 11.336  -10.509 -11.157 1.00 25.63  ? 120 LYS B N   1 
ATOM   911  C CA  . LYS B 1 20 ? 9.943   -10.092 -11.244 1.00 24.96  ? 120 LYS B CA  1 
ATOM   912  C C   . LYS B 1 20 ? 9.815   -8.590  -11.049 1.00 22.37  ? 120 LYS B C   1 
ATOM   913  O O   . LYS B 1 20 ? 10.758  -7.934  -10.619 1.00 24.56  ? 120 LYS B O   1 
ATOM   914  C CB  . LYS B 1 20 ? 9.104   -10.789 -10.167 1.00 24.07  ? 120 LYS B CB  1 
ATOM   915  C CG  . LYS B 1 20 ? 9.015   -12.293 -10.321 1.00 30.91  ? 120 LYS B CG  1 
ATOM   916  C CD  . LYS B 1 20 ? 7.997   -12.884 -9.365  1.00 34.79  ? 120 LYS B CD  1 
ATOM   917  C CE  . LYS B 1 20 ? 7.789   -14.370 -9.634  1.00 37.72  ? 120 LYS B CE  1 
ATOM   918  N NZ  . LYS B 1 20 ? 7.317   -14.629 -11.022 1.00 35.17  ? 120 LYS B NZ  1 
ATOM   919  N N   . GLU B 1 21 ? 8.646   -8.056  -11.382 1.00 21.28  ? 121 GLU B N   1 
ATOM   920  C CA  . GLU B 1 21 ? 8.357   -6.645  -11.189 1.00 20.65  ? 121 GLU B CA  1 
ATOM   921  C C   . GLU B 1 21 ? 7.433   -6.636  -9.973  1.00 18.52  ? 121 GLU B C   1 
ATOM   922  O O   . GLU B 1 21 ? 6.469   -7.386  -9.943  1.00 18.41  ? 121 GLU B O   1 
ATOM   923  C CB  . GLU B 1 21 ? 7.634   -6.073  -12.405 0.50 17.65  ? 121 GLU B CB  1 
ATOM   924  C CG  . GLU B 1 21 ? 8.568   -5.668  -13.514 0.50 26.36  ? 121 GLU B CG  1 
ATOM   925  C CD  . GLU B 1 21 ? 9.120   -4.275  -13.303 0.50 30.96  ? 121 GLU B CD  1 
ATOM   926  O OE1 . GLU B 1 21 ? 10.338  -4.070  -13.499 0.50 33.26  ? 121 GLU B OE1 1 
ATOM   927  O OE2 . GLU B 1 21 ? 8.326   -3.379  -12.947 0.50 34.78  ? 121 GLU B OE2 1 
ATOM   928  N N   . ALA B 1 22 ? 7.741   -5.821  -8.972  1.00 15.56  ? 122 ALA B N   1 
ATOM   929  C CA  . ALA B 1 22 ? 6.911   -5.760  -7.771  1.00 15.16  ? 122 ALA B CA  1 
ATOM   930  C C   . ALA B 1 22 ? 6.735   -4.321  -7.336  1.00 14.43  ? 122 ALA B C   1 
ATOM   931  O O   . ALA B 1 22 ? 7.566   -3.456  -7.635  1.00 13.88  ? 122 ALA B O   1 
ATOM   932  C CB  . ALA B 1 22 ? 7.546   -6.581  -6.629  1.00 13.68  ? 122 ALA B CB  1 
ATOM   933  N N   . LEU B 1 23 ? 5.651   -4.090  -6.609  1.00 15.23  ? 123 LEU B N   1 
ATOM   934  C CA  . LEU B 1 23 ? 5.265   -2.780  -6.104  1.00 13.16  ? 123 LEU B CA  1 
ATOM   935  C C   . LEU B 1 23 ? 5.813   -2.556  -4.688  1.00 13.63  ? 123 LEU B C   1 
ATOM   936  O O   . LEU B 1 23 ? 5.640   -3.406  -3.820  1.00 12.65  ? 123 LEU B O   1 
ATOM   937  C CB  . LEU B 1 23 ? 3.732   -2.732  -6.086  1.00 15.87  ? 123 LEU B CB  1 
ATOM   938  C CG  . LEU B 1 23 ? 2.937   -1.443  -5.956  1.00 22.18  ? 123 LEU B CG  1 
ATOM   939  C CD1 . LEU B 1 23 ? 3.135   -0.566  -7.169  1.00 20.95  ? 123 LEU B CD1 1 
ATOM   940  C CD2 . LEU B 1 23 ? 1.477   -1.814  -5.823  1.00 26.52  ? 123 LEU B CD2 1 
ATOM   941  N N   . LEU B 1 24 ? 6.493   -1.425  -4.464  1.00 12.99  ? 124 LEU B N   1 
ATOM   942  C CA  . LEU B 1 24 ? 7.014   -1.083  -3.134  1.00 12.09  ? 124 LEU B CA  1 
ATOM   943  C C   . LEU B 1 24 ? 5.776   -0.544  -2.436  1.00 13.86  ? 124 LEU B C   1 
ATOM   944  O O   . LEU B 1 24 ? 5.294   0.542   -2.760  1.00 15.68  ? 124 LEU B O   1 
ATOM   945  C CB  . LEU B 1 24 ? 8.080   0.007   -3.241  1.00 10.86  ? 124 LEU B CB  1 
ATOM   946  C CG  . LEU B 1 24 ? 9.556   -0.391  -3.439  1.00 20.70  ? 124 LEU B CG  1 
ATOM   947  C CD1 . LEU B 1 24 ? 9.705   -1.842  -3.841  1.00 18.38  ? 124 LEU B CD1 1 
ATOM   948  C CD2 . LEU B 1 24 ? 10.180  0.546   -4.460  1.00 18.50  ? 124 LEU B CD2 1 
ATOM   949  N N   . ASP B 1 25 ? 5.277   -1.286  -1.459  1.00 12.42  ? 125 ASP B N   1 
ATOM   950  C CA  . ASP B 1 25 ? 4.010   -0.935  -0.820  1.00 11.25  ? 125 ASP B CA  1 
ATOM   951  C C   . ASP B 1 25 ? 4.080   -0.707  0.686   1.00 12.35  ? 125 ASP B C   1 
ATOM   952  O O   . ASP B 1 25 ? 4.077   -1.676  1.468   1.00 12.01  ? 125 ASP B O   1 
ATOM   953  C CB  . ASP B 1 25 ? 3.024   -2.067  -1.132  1.00 10.09  ? 125 ASP B CB  1 
ATOM   954  C CG  . ASP B 1 25 ? 1.595   -1.719  -0.797  1.00 11.08  ? 125 ASP B CG  1 
ATOM   955  O OD1 . ASP B 1 25 ? 1.360   -0.714  -0.098  1.00 17.73  ? 125 ASP B OD1 1 
ATOM   956  O OD2 . ASP B 1 25 ? 0.707   -2.472  -1.243  1.00 15.29  ? 125 ASP B OD2 1 
ATOM   957  N N   . THR B 1 26 ? 4.120   0.566   1.086   1.00 10.94  ? 126 THR B N   1 
ATOM   958  C CA  . THR B 1 26 ? 4.185   0.954   2.501   1.00 11.24  ? 126 THR B CA  1 
ATOM   959  C C   . THR B 1 26 ? 2.887   0.615   3.250   1.00 12.17  ? 126 THR B C   1 
ATOM   960  O O   . THR B 1 26 ? 2.844   0.618   4.486   1.00 14.99  ? 126 THR B O   1 
ATOM   961  C CB  . THR B 1 26 ? 4.411   2.446   2.652   1.00 10.89  ? 126 THR B CB  1 
ATOM   962  O OG1 . THR B 1 26 ? 3.354   3.139   1.981   1.00 11.32  ? 126 THR B OG1 1 
ATOM   963  C CG2 . THR B 1 26 ? 5.753   2.854   2.049   1.00 12.44  ? 126 THR B CG2 1 
ATOM   964  N N   . GLY B 1 27 ? 1.831   0.328   2.493   1.00 10.82  ? 127 GLY B N   1 
ATOM   965  C CA  . GLY B 1 27 ? 0.560   -0.014  3.105   1.00 9.78   ? 127 GLY B CA  1 
ATOM   966  C C   . GLY B 1 27 ? 0.429   -1.511  3.337   1.00 14.39  ? 127 GLY B C   1 
ATOM   967  O O   . GLY B 1 27 ? -0.579  -1.982  3.857   1.00 16.04  ? 127 GLY B O   1 
ATOM   968  N N   . ALA B 1 28 ? 1.447   -2.275  2.969   1.00 11.13  ? 128 ALA B N   1 
ATOM   969  C CA  . ALA B 1 28 ? 1.379   -3.730  3.129   1.00 11.76  ? 128 ALA B CA  1 
ATOM   970  C C   . ALA B 1 28 ? 2.275   -4.199  4.267   1.00 12.48  ? 128 ALA B C   1 
ATOM   971  O O   . ALA B 1 28 ? 3.475   -3.935  4.258   1.00 12.81  ? 128 ALA B O   1 
ATOM   972  C CB  . ALA B 1 28 ? 1.785   -4.417  1.807   1.00 5.66   ? 128 ALA B CB  1 
ATOM   973  N N   . ASP B 1 29 ? 1.700   -4.887  5.252   1.00 13.08  ? 129 ASP B N   1 
ATOM   974  C CA  . ASP B 1 29 ? 2.508   -5.372  6.375   1.00 17.07  ? 129 ASP B CA  1 
ATOM   975  C C   . ASP B 1 29 ? 3.422   -6.501  5.919   1.00 18.70  ? 129 ASP B C   1 
ATOM   976  O O   . ASP B 1 29 ? 4.559   -6.619  6.388   1.00 18.89  ? 129 ASP B O   1 
ATOM   977  C CB  . ASP B 1 29 ? 1.641   -5.945  7.505   1.00 20.11  ? 129 ASP B CB  1 
ATOM   978  C CG  . ASP B 1 29 ? 0.606   -4.972  8.018   1.00 26.37  ? 129 ASP B CG  1 
ATOM   979  O OD1 . ASP B 1 29 ? 0.878   -3.754  8.070   1.00 26.28  ? 129 ASP B OD1 1 
ATOM   980  O OD2 . ASP B 1 29 ? -0.485  -5.446  8.398   1.00 28.10  ? 129 ASP B OD2 1 
ATOM   981  N N   . ASP B 1 30 ? 2.917   -7.313  4.995   1.00 14.51  ? 130 ASP B N   1 
ATOM   982  C CA  . ASP B 1 30 ? 3.616   -8.493  4.498   1.00 15.86  ? 130 ASP B CA  1 
ATOM   983  C C   . ASP B 1 30 ? 3.928   -8.384  3.024   1.00 14.09  ? 130 ASP B C   1 
ATOM   984  O O   . ASP B 1 30 ? 3.358   -7.551  2.341   1.00 13.53  ? 130 ASP B O   1 
ATOM   985  C CB  . ASP B 1 30 ? 2.727   -9.740  4.688   1.00 18.74  ? 130 ASP B CB  1 
ATOM   986  C CG  . ASP B 1 30 ? 2.108   -9.826  6.077   1.00 21.21  ? 130 ASP B CG  1 
ATOM   987  O OD1 . ASP B 1 30 ? 2.864   -9.857  7.070   1.00 28.58  ? 130 ASP B OD1 1 
ATOM   988  O OD2 . ASP B 1 30 ? 0.862   -9.867  6.183   1.00 24.28  ? 130 ASP B OD2 1 
ATOM   989  N N   . THR B 1 31 ? 4.810   -9.262  2.543   1.00 12.05  ? 131 THR B N   1 
ATOM   990  C CA  . THR B 1 31 ? 5.202   -9.343  1.135   1.00 13.34  ? 131 THR B CA  1 
ATOM   991  C C   . THR B 1 31 ? 4.393   -10.463 0.461   1.00 14.05  ? 131 THR B C   1 
ATOM   992  O O   . THR B 1 31 ? 4.392   -11.604 0.919   1.00 16.30  ? 131 THR B O   1 
ATOM   993  C CB  . THR B 1 31 ? 6.718   -9.610  1.026   1.00 14.59  ? 131 THR B CB  1 
ATOM   994  O OG1 . THR B 1 31 ? 7.407   -8.442  1.475   1.00 15.58  ? 131 THR B OG1 1 
ATOM   995  C CG2 . THR B 1 31 ? 7.148   -9.892  -0.406  1.00 11.32  ? 131 THR B CG2 1 
ATOM   996  N N   . VAL B 1 32 ? 3.696   -10.132 -0.619  1.00 11.32  ? 132 VAL B N   1 
ATOM   997  C CA  . VAL B 1 32 ? 2.840   -11.101 -1.304  1.00 14.27  ? 132 VAL B CA  1 
ATOM   998  C C   . VAL B 1 32 ? 3.251   -11.256 -2.745  1.00 16.21  ? 132 VAL B C   1 
ATOM   999  O O   . VAL B 1 32 ? 3.247   -10.295 -3.510  1.00 16.17  ? 132 VAL B O   1 
ATOM   1000 C CB  . VAL B 1 32 ? 1.352   -10.668 -1.243  1.00 13.65  ? 132 VAL B CB  1 
ATOM   1001 C CG1 . VAL B 1 32 ? 0.445   -11.801 -1.695  1.00 14.98  ? 132 VAL B CG1 1 
ATOM   1002 C CG2 . VAL B 1 32 ? 0.996   -10.256 0.186   1.00 15.84  ? 132 VAL B CG2 1 
ATOM   1003 N N   . ILE B 1 33 ? 3.602   -12.479 -3.114  1.00 17.99  ? 133 ILE B N   1 
ATOM   1004 C CA  . ILE B 1 33 ? 4.078   -12.751 -4.462  1.00 19.22  ? 133 ILE B CA  1 
ATOM   1005 C C   . ILE B 1 33 ? 3.092   -13.602 -5.238  1.00 19.75  ? 133 ILE B C   1 
ATOM   1006 O O   . ILE B 1 33 ? 2.437   -14.476 -4.674  1.00 20.00  ? 133 ILE B O   1 
ATOM   1007 C CB  . ILE B 1 33 ? 5.430   -13.477 -4.408  1.00 20.30  ? 133 ILE B CB  1 
ATOM   1008 C CG1 . ILE B 1 33 ? 6.437   -12.640 -3.615  1.00 19.90  ? 133 ILE B CG1 1 
ATOM   1009 C CG2 . ILE B 1 33 ? 5.942   -13.724 -5.802  1.00 22.95  ? 133 ILE B CG2 1 
ATOM   1010 C CD1 . ILE B 1 33 ? 6.805   -11.352 -4.267  1.00 15.40  ? 133 ILE B CD1 1 
ATOM   1011 N N   . GLU B 1 34 ? 2.989   -13.333 -6.533  1.00 23.59  ? 134 GLU B N   1 
ATOM   1012 C CA  . GLU B 1 34 ? 2.074   -14.068 -7.397  1.00 28.16  ? 134 GLU B CA  1 
ATOM   1013 C C   . GLU B 1 34 ? 2.462   -15.540 -7.443  1.00 29.68  ? 134 GLU B C   1 
ATOM   1014 O O   . GLU B 1 34 ? 3.642   -15.893 -7.344  1.00 24.51  ? 134 GLU B O   1 
ATOM   1015 C CB  . GLU B 1 34 ? 2.078   -13.464 -8.805  1.00 32.90  ? 134 GLU B CB  1 
ATOM   1016 C CG  . GLU B 1 34 ? 3.410   -13.578 -9.535  1.00 41.80  ? 134 GLU B CG  1 
ATOM   1017 C CD  . GLU B 1 34 ? 3.443   -12.761 -10.818 1.00 46.09  ? 134 GLU B CD  1 
ATOM   1018 O OE1 . GLU B 1 34 ? 2.383   -12.639 -11.472 1.00 49.23  ? 134 GLU B OE1 1 
ATOM   1019 O OE2 . GLU B 1 34 ? 4.530   -12.253 -11.176 1.00 48.00  ? 134 GLU B OE2 1 
ATOM   1020 N N   . GLU B 1 35 ? 1.450   -16.390 -7.583  1.00 30.00  ? 135 GLU B N   1 
ATOM   1021 C CA  . GLU B 1 35 ? 1.633   -17.832 -7.616  1.00 34.74  ? 135 GLU B CA  1 
ATOM   1022 C C   . GLU B 1 35 ? 2.898   -18.320 -8.333  1.00 34.97  ? 135 GLU B C   1 
ATOM   1023 O O   . GLU B 1 35 ? 3.147   -17.991 -9.490  1.00 34.69  ? 135 GLU B O   1 
ATOM   1024 C CB  . GLU B 1 35 ? 0.398   -18.488 -8.234  1.00 36.33  ? 135 GLU B CB  1 
ATOM   1025 C CG  . GLU B 1 35 ? 0.427   -19.993 -8.170  1.00 42.18  ? 135 GLU B CG  1 
ATOM   1026 C CD  . GLU B 1 35 ? 0.695   -20.492 -6.767  1.00 45.22  ? 135 GLU B CD  1 
ATOM   1027 O OE1 . GLU B 1 35 ? -0.102  -20.162 -5.856  1.00 46.55  ? 135 GLU B OE1 1 
ATOM   1028 O OE2 . GLU B 1 35 ? 1.704   -21.209 -6.582  1.00 44.47  ? 135 GLU B OE2 1 
ATOM   1029 N N   . MET B 1 36 ? 3.703   -19.093 -7.615  1.00 35.42  ? 136 MET B N   1 
ATOM   1030 C CA  . MET B 1 36 ? 4.926   -19.659 -8.166  1.00 38.99  ? 136 MET B CA  1 
ATOM   1031 C C   . MET B 1 36 ? 5.346   -20.864 -7.324  1.00 40.00  ? 136 MET B C   1 
ATOM   1032 O O   . MET B 1 36 ? 5.085   -20.915 -6.117  1.00 38.00  ? 136 MET B O   1 
ATOM   1033 C CB  . MET B 1 36 ? 6.049   -18.611 -8.219  1.00 37.76  ? 136 MET B CB  1 
ATOM   1034 C CG  . MET B 1 36 ? 6.616   -18.178 -6.880  1.00 39.21  ? 136 MET B CG  1 
ATOM   1035 S SD  . MET B 1 36 ? 7.938   -16.947 -7.086  1.00 40.66  ? 136 MET B SD  1 
ATOM   1036 C CE  . MET B 1 36 ? 9.290   -17.969 -7.718  1.00 41.57  ? 136 MET B CE  1 
ATOM   1037 N N   . ASN B 1 37 ? 5.995   -21.830 -7.975  1.00 42.76  ? 137 ASN B N   1 
ATOM   1038 C CA  . ASN B 1 37 ? 6.442   -23.067 -7.333  1.00 44.95  ? 137 ASN B CA  1 
ATOM   1039 C C   . ASN B 1 37 ? 7.694   -23.022 -6.472  1.00 43.54  ? 137 ASN B C   1 
ATOM   1040 O O   . ASN B 1 37 ? 8.687   -23.675 -6.793  1.00 44.48  ? 137 ASN B O   1 
ATOM   1041 C CB  . ASN B 1 37 ? 6.641   -24.161 -8.384  1.00 47.69  ? 137 ASN B CB  1 
ATOM   1042 C CG  . ASN B 1 37 ? 5.347   -24.797 -8.808  1.00 51.60  ? 137 ASN B CG  1 
ATOM   1043 O OD1 . ASN B 1 37 ? 5.277   -26.010 -8.994  1.00 54.74  ? 137 ASN B OD1 1 
ATOM   1044 N ND2 . ASN B 1 37 ? 4.310   -23.980 -8.979  1.00 54.46  ? 137 ASN B ND2 1 
ATOM   1045 N N   . LEU B 1 38 ? 7.653   -22.279 -5.375  1.00 41.99  ? 138 LEU B N   1 
ATOM   1046 C CA  . LEU B 1 38 ? 8.808   -22.213 -4.491  1.00 41.13  ? 138 LEU B CA  1 
ATOM   1047 C C   . LEU B 1 38 ? 8.922   -23.504 -3.676  1.00 39.86  ? 138 LEU B C   1 
ATOM   1048 O O   . LEU B 1 38 ? 7.934   -23.979 -3.112  1.00 40.96  ? 138 LEU B O   1 
ATOM   1049 C CB  . LEU B 1 38 ? 8.679   -21.029 -3.531  1.00 41.73  ? 138 LEU B CB  1 
ATOM   1050 C CG  . LEU B 1 38 ? 8.880   -19.623 -4.090  1.00 43.69  ? 138 LEU B CG  1 
ATOM   1051 C CD1 . LEU B 1 38 ? 8.641   -18.594 -2.983  1.00 43.36  ? 138 LEU B CD1 1 
ATOM   1052 C CD2 . LEU B 1 38 ? 10.288  -19.502 -4.652  1.00 41.69  ? 138 LEU B CD2 1 
ATOM   1053 N N   . PRO B 1 39 ? 10.124  -24.100 -3.621  1.00 38.04  ? 139 PRO B N   1 
ATOM   1054 C CA  . PRO B 1 39 ? 10.265  -25.328 -2.839  1.00 35.27  ? 139 PRO B CA  1 
ATOM   1055 C C   . PRO B 1 39 ? 10.353  -24.924 -1.377  1.00 33.29  ? 139 PRO B C   1 
ATOM   1056 O O   . PRO B 1 39 ? 10.588  -23.765 -1.059  1.00 33.05  ? 139 PRO B O   1 
ATOM   1057 C CB  . PRO B 1 39 ? 11.575  -25.917 -3.351  1.00 35.88  ? 139 PRO B CB  1 
ATOM   1058 C CG  . PRO B 1 39 ? 12.389  -24.685 -3.624  1.00 37.19  ? 139 PRO B CG  1 
ATOM   1059 C CD  . PRO B 1 39 ? 11.383  -23.773 -4.318  1.00 38.65  ? 139 PRO B CD  1 
ATOM   1060 N N   . GLY B 1 40 ? 10.173  -25.884 -0.489  1.00 33.37  ? 140 GLY B N   1 
ATOM   1061 C CA  . GLY B 1 40 ? 10.245  -25.580 0.924   1.00 33.20  ? 140 GLY B CA  1 
ATOM   1062 C C   . GLY B 1 40 ? 8.928   -25.895 1.605   1.00 32.69  ? 140 GLY B C   1 
ATOM   1063 O O   . GLY B 1 40 ? 7.931   -26.226 0.948   1.00 31.05  ? 140 GLY B O   1 
ATOM   1064 N N   . LYS B 1 41 ? 8.931   -25.804 2.928   1.00 31.34  ? 141 LYS B N   1 
ATOM   1065 C CA  . LYS B 1 41 ? 7.737   -26.058 3.710   1.00 31.43  ? 141 LYS B CA  1 
ATOM   1066 C C   . LYS B 1 41 ? 6.999   -24.731 3.828   1.00 30.37  ? 141 LYS B C   1 
ATOM   1067 O O   . LYS B 1 41 ? 7.591   -23.660 3.684   1.00 26.92  ? 141 LYS B O   1 
ATOM   1068 C CB  . LYS B 1 41 ? 8.115   -26.580 5.091   1.00 31.63  ? 141 LYS B CB  1 
ATOM   1069 N N   . TRP B 1 42 ? 5.704   -24.797 4.087   1.00 28.20  ? 142 TRP B N   1 
ATOM   1070 C CA  . TRP B 1 42 ? 4.927   -23.580 4.221   1.00 27.34  ? 142 TRP B CA  1 
ATOM   1071 C C   . TRP B 1 42 ? 3.761   -23.816 5.155   1.00 26.27  ? 142 TRP B C   1 
ATOM   1072 O O   . TRP B 1 42 ? 3.444   -24.962 5.490   1.00 25.66  ? 142 TRP B O   1 
ATOM   1073 C CB  . TRP B 1 42 ? 4.417   -23.139 2.856   1.00 28.31  ? 142 TRP B CB  1 
ATOM   1074 C CG  . TRP B 1 42 ? 3.753   -24.238 2.103   1.00 31.39  ? 142 TRP B CG  1 
ATOM   1075 C CD1 . TRP B 1 42 ? 4.353   -25.157 1.290   1.00 34.83  ? 142 TRP B CD1 1 
ATOM   1076 C CD2 . TRP B 1 42 ? 2.361   -24.557 2.113   1.00 33.57  ? 142 TRP B CD2 1 
ATOM   1077 N NE1 . TRP B 1 42 ? 3.417   -26.029 0.791   1.00 34.96  ? 142 TRP B NE1 1 
ATOM   1078 C CE2 . TRP B 1 42 ? 2.188   -25.685 1.283   1.00 34.79  ? 142 TRP B CE2 1 
ATOM   1079 C CE3 . TRP B 1 42 ? 1.242   -24.001 2.746   1.00 31.58  ? 142 TRP B CE3 1 
ATOM   1080 C CZ2 . TRP B 1 42 ? 0.936   -26.264 1.064   1.00 35.15  ? 142 TRP B CZ2 1 
ATOM   1081 C CZ3 . TRP B 1 42 ? -0.005  -24.577 2.526   1.00 33.68  ? 142 TRP B CZ3 1 
ATOM   1082 C CH2 . TRP B 1 42 ? -0.145  -25.698 1.694   1.00 35.07  ? 142 TRP B CH2 1 
ATOM   1083 N N   . LYS B 1 43 ? 3.133   -22.728 5.589   1.00 25.26  ? 143 LYS B N   1 
ATOM   1084 C CA  . LYS B 1 43 ? 1.973   -22.812 6.471   1.00 23.78  ? 143 LYS B CA  1 
ATOM   1085 C C   . LYS B 1 43 ? 0.848   -22.019 5.794   1.00 24.07  ? 143 LYS B C   1 
ATOM   1086 O O   . LYS B 1 43 ? 1.095   -20.981 5.180   1.00 22.87  ? 143 LYS B O   1 
ATOM   1087 C CB  . LYS B 1 43 ? 2.316   -22.224 7.834   1.00 20.91  ? 143 LYS B CB  1 
ATOM   1088 N N   . PRO B 1 44 ? -0.397  -22.515 5.858   1.00 24.73  ? 144 PRO B N   1 
ATOM   1089 C CA  . PRO B 1 44 ? -1.450  -21.739 5.202   1.00 22.53  ? 144 PRO B CA  1 
ATOM   1090 C C   . PRO B 1 44 ? -1.838  -20.536 6.032   1.00 20.43  ? 144 PRO B C   1 
ATOM   1091 O O   . PRO B 1 44 ? -1.664  -20.519 7.248   1.00 19.78  ? 144 PRO B O   1 
ATOM   1092 C CB  . PRO B 1 44 ? -2.600  -22.732 5.111   1.00 25.91  ? 144 PRO B CB  1 
ATOM   1093 C CG  . PRO B 1 44 ? -2.451  -23.495 6.406   1.00 25.09  ? 144 PRO B CG  1 
ATOM   1094 C CD  . PRO B 1 44 ? -0.949  -23.754 6.444   1.00 24.98  ? 144 PRO B CD  1 
ATOM   1095 N N   . LYS B 1 45 ? -2.353  -19.515 5.366   1.00 18.41  ? 145 LYS B N   1 
ATOM   1096 C CA  . LYS B 1 45 ? -2.828  -18.362 6.085   1.00 19.13  ? 145 LYS B CA  1 
ATOM   1097 C C   . LYS B 1 45 ? -3.707  -17.516 5.178   1.00 18.46  ? 145 LYS B C   1 
ATOM   1098 O O   . LYS B 1 45 ? -3.710  -17.684 3.958   1.00 18.17  ? 145 LYS B O   1 
ATOM   1099 C CB  . LYS B 1 45 ? -1.669  -17.558 6.664   1.00 20.38  ? 145 LYS B CB  1 
ATOM   1100 C CG  . LYS B 1 45 ? -0.880  -16.775 5.697   1.00 25.60  ? 145 LYS B CG  1 
ATOM   1101 C CD  . LYS B 1 45 ? -0.738  -15.343 6.219   1.00 29.08  ? 145 LYS B CD  1 
ATOM   1102 C CE  . LYS B 1 45 ? -0.049  -15.283 7.562   1.00 29.01  ? 145 LYS B CE  1 
ATOM   1103 N NZ  . LYS B 1 45 ? -0.139  -13.903 8.097   1.00 28.77  ? 145 LYS B NZ  1 
ATOM   1104 N N   . MET B 1 46 ? -4.473  -16.629 5.795   1.00 14.56  ? 146 MET B N   1 
ATOM   1105 C CA  . MET B 1 46 ? -5.385  -15.765 5.073   1.00 15.78  ? 146 MET B CA  1 
ATOM   1106 C C   . MET B 1 46 ? -5.015  -14.311 5.329   1.00 15.83  ? 146 MET B C   1 
ATOM   1107 O O   . MET B 1 46 ? -4.815  -13.927 6.479   1.00 16.31  ? 146 MET B O   1 
ATOM   1108 C CB  A MET B 1 46 ? -6.804  -15.936 5.631   0.50 16.14  ? 146 MET B CB  1 
ATOM   1109 C CB  B MET B 1 46 ? -6.840  -16.108 5.440   0.50 16.51  ? 146 MET B CB  1 
ATOM   1110 C CG  A MET B 1 46 ? -7.364  -17.326 5.577   0.50 15.73  ? 146 MET B CG  1 
ATOM   1111 C CG  B MET B 1 46 ? -7.204  -17.537 4.973   0.50 15.49  ? 146 MET B CG  1 
ATOM   1112 S SD  A MET B 1 46 ? -8.025  -17.620 3.963   0.50 17.35  ? 146 MET B SD  1 
ATOM   1113 S SD  B MET B 1 46 ? -8.905  -18.070 5.247   0.50 17.20  ? 146 MET B SD  1 
ATOM   1114 C CE  A MET B 1 46 ? -9.701  -17.005 4.158   0.50 13.49  ? 146 MET B CE  1 
ATOM   1115 C CE  B MET B 1 46 ? -9.202  -19.078 3.811   0.50 22.01  ? 146 MET B CE  1 
ATOM   1116 N N   . ILE B 1 47 ? -4.881  -13.522 4.265   1.00 12.65  ? 147 ILE B N   1 
ATOM   1117 C CA  . ILE B 1 47 ? -4.587  -12.105 4.420   1.00 13.84  ? 147 ILE B CA  1 
ATOM   1118 C C   . ILE B 1 47 ? -5.775  -11.370 3.812   1.00 16.23  ? 147 ILE B C   1 
ATOM   1119 O O   . ILE B 1 47 ? -6.421  -11.870 2.903   1.00 14.56  ? 147 ILE B O   1 
ATOM   1120 C CB  . ILE B 1 47 ? -3.266  -11.675 3.722   1.00 14.81  ? 147 ILE B CB  1 
ATOM   1121 C CG1 . ILE B 1 47 ? -3.249  -12.131 2.268   1.00 13.84  ? 147 ILE B CG1 1 
ATOM   1122 C CG2 . ILE B 1 47 ? -2.088  -12.225 4.487   1.00 14.64  ? 147 ILE B CG2 1 
ATOM   1123 C CD1 . ILE B 1 47 ? -2.159  -11.479 1.457   1.00 20.38  ? 147 ILE B CD1 1 
ATOM   1124 N N   . GLY B 1 48 ? -6.097  -10.197 4.332   1.00 14.53  ? 148 GLY B N   1 
ATOM   1125 C CA  . GLY B 1 48 ? -7.245  -9.516  3.786   1.00 18.82  ? 148 GLY B CA  1 
ATOM   1126 C C   . GLY B 1 48 ? -6.936  -8.112  3.338   1.00 21.55  ? 148 GLY B C   1 
ATOM   1127 O O   . GLY B 1 48 ? -5.996  -7.471  3.818   1.00 21.63  ? 148 GLY B O   1 
ATOM   1128 N N   . GLY B 1 49 ? -7.732  -7.633  2.407   1.00 23.73  ? 149 GLY B N   1 
ATOM   1129 C CA  . GLY B 1 49 ? -7.548  -6.280  1.935   1.00 28.06  ? 149 GLY B CA  1 
ATOM   1130 C C   . GLY B 1 49 ? -8.899  -5.761  1.525   1.00 27.64  ? 149 GLY B C   1 
ATOM   1131 O O   . GLY B 1 49 ? -9.925  -6.287  1.955   1.00 27.23  ? 149 GLY B O   1 
ATOM   1132 N N   . ILE B 1 50 ? -8.908  -4.718  0.706   1.00 25.49  ? 150 ILE B N   1 
ATOM   1133 C CA  . ILE B 1 50 ? -10.166 -4.186  0.229   1.00 27.48  ? 150 ILE B CA  1 
ATOM   1134 C C   . ILE B 1 50 ? -10.772 -5.301  -0.615  1.00 26.37  ? 150 ILE B C   1 
ATOM   1135 O O   . ILE B 1 50 ? -10.116 -5.845  -1.511  1.00 28.57  ? 150 ILE B O   1 
ATOM   1136 C CB  . ILE B 1 50 ? -9.939  -2.920  -0.640  1.00 25.45  ? 150 ILE B CB  1 
ATOM   1137 C CG1 . ILE B 1 50 ? -9.807  -1.701  0.271   1.00 26.58  ? 150 ILE B CG1 1 
ATOM   1138 C CG2 . ILE B 1 50 ? -11.086 -2.722  -1.602  1.00 26.99  ? 150 ILE B CG2 1 
ATOM   1139 C CD1 . ILE B 1 50 ? -9.738  -0.382  -0.474  1.00 34.58  ? 150 ILE B CD1 1 
ATOM   1140 N N   . GLY B 1 51 ? -12.007 -5.673  -0.309  1.00 25.37  ? 151 GLY B N   1 
ATOM   1141 C CA  . GLY B 1 51 ? -12.635 -6.721  -1.091  1.00 25.56  ? 151 GLY B CA  1 
ATOM   1142 C C   . GLY B 1 51 ? -12.777 -8.048  -0.380  1.00 25.50  ? 151 GLY B C   1 
ATOM   1143 O O   . GLY B 1 51 ? -13.594 -8.867  -0.780  1.00 27.42  ? 151 GLY B O   1 
ATOM   1144 N N   . GLY B 1 52 ? -11.982 -8.270  0.660   1.00 22.74  ? 152 GLY B N   1 
ATOM   1145 C CA  . GLY B 1 52 ? -12.066 -9.518  1.391   1.00 23.08  ? 152 GLY B CA  1 
ATOM   1146 C C   . GLY B 1 52 ? -10.732 -10.187 1.651   1.00 22.51  ? 152 GLY B C   1 
ATOM   1147 O O   . GLY B 1 52 ? -9.676  -9.544  1.631   1.00 24.08  ? 152 GLY B O   1 
ATOM   1148 N N   . PHE B 1 53 ? -10.778 -11.495 1.879   1.00 18.33  ? 153 PHE B N   1 
ATOM   1149 C CA  . PHE B 1 53 ? -9.566  -12.262 2.164   1.00 17.02  ? 153 PHE B CA  1 
ATOM   1150 C C   . PHE B 1 53 ? -9.226  -13.262 1.082   1.00 15.48  ? 153 PHE B C   1 
ATOM   1151 O O   . PHE B 1 53 ? -10.097 -13.687 0.332   1.00 18.30  ? 153 PHE B O   1 
ATOM   1152 C CB  . PHE B 1 53 ? -9.721  -13.028 3.477   1.00 14.69  ? 153 PHE B CB  1 
ATOM   1153 C CG  . PHE B 1 53 ? -9.658  -12.164 4.705   1.00 16.10  ? 153 PHE B CG  1 
ATOM   1154 C CD1 . PHE B 1 53 ? -10.659 -11.230 4.975   1.00 15.87  ? 153 PHE B CD1 1 
ATOM   1155 C CD2 . PHE B 1 53 ? -8.609  -12.302 5.602   1.00 15.20  ? 153 PHE B CD2 1 
ATOM   1156 C CE1 . PHE B 1 53 ? -10.616 -10.459 6.110   1.00 14.34  ? 153 PHE B CE1 1 
ATOM   1157 C CE2 . PHE B 1 53 ? -8.552  -11.522 6.758   1.00 19.80  ? 153 PHE B CE2 1 
ATOM   1158 C CZ  . PHE B 1 53 ? -9.566  -10.595 7.012   1.00 17.73  ? 153 PHE B CZ  1 
ATOM   1159 N N   . ILE B 1 54 ? -7.948  -13.623 0.985   1.00 16.41  ? 154 ILE B N   1 
ATOM   1160 C CA  . ILE B 1 54 ? -7.523  -14.646 0.026   1.00 16.49  ? 154 ILE B CA  1 
ATOM   1161 C C   . ILE B 1 54 ? -6.647  -15.612 0.806   1.00 16.87  ? 154 ILE B C   1 
ATOM   1162 O O   . ILE B 1 54 ? -6.075  -15.246 1.841   1.00 16.92  ? 154 ILE B O   1 
ATOM   1163 C CB  . ILE B 1 54 ? -6.687  -14.103 -1.180  1.00 14.90  ? 154 ILE B CB  1 
ATOM   1164 C CG1 . ILE B 1 54 ? -5.539  -13.225 -0.685  1.00 14.20  ? 154 ILE B CG1 1 
ATOM   1165 C CG2 . ILE B 1 54 ? -7.584  -13.356 -2.174  1.00 19.41  ? 154 ILE B CG2 1 
ATOM   1166 C CD1 . ILE B 1 54 ? -4.533  -12.938 -1.789  1.00 13.64  ? 154 ILE B CD1 1 
ATOM   1167 N N   . LYS B 1 55 ? -6.539  -16.840 0.316   1.00 14.15  ? 155 LYS B N   1 
ATOM   1168 C CA  . LYS B 1 55 ? -5.719  -17.841 0.990   1.00 15.43  ? 155 LYS B CA  1 
ATOM   1169 C C   . LYS B 1 55 ? -4.337  -17.814 0.359   1.00 13.68  ? 155 LYS B C   1 
ATOM   1170 O O   . LYS B 1 55 ? -4.203  -17.701 -0.868  1.00 13.99  ? 155 LYS B O   1 
ATOM   1171 C CB  A LYS B 1 55 ? -6.367  -19.215 0.815   0.50 16.69  ? 155 LYS B CB  1 
ATOM   1172 C CB  B LYS B 1 55 ? -6.334  -19.243 0.864   0.50 17.49  ? 155 LYS B CB  1 
ATOM   1173 C CG  A LYS B 1 55 ? -7.805  -19.242 1.302   0.50 18.77  ? 155 LYS B CG  1 
ATOM   1174 C CG  B LYS B 1 55 ? -5.662  -20.254 1.784   0.50 21.34  ? 155 LYS B CG  1 
ATOM   1175 C CD  A LYS B 1 55 ? -8.583  -20.431 0.766   0.50 24.98  ? 155 LYS B CD  1 
ATOM   1176 C CD  B LYS B 1 55 ? -6.121  -21.695 1.564   0.50 26.00  ? 155 LYS B CD  1 
ATOM   1177 C CE  A LYS B 1 55 ? -9.994  -20.464 1.348   0.50 21.51  ? 155 LYS B CE  1 
ATOM   1178 C CE  B LYS B 1 55 ? -7.366  -22.043 2.353   0.50 29.32  ? 155 LYS B CE  1 
ATOM   1179 N NZ  A LYS B 1 55 ? -10.720 -21.683 0.915   0.50 24.62  ? 155 LYS B NZ  1 
ATOM   1180 N NZ  B LYS B 1 55 ? -8.616  -21.532 1.722   0.50 35.16  ? 155 LYS B NZ  1 
ATOM   1181 N N   . VAL B 1 56 ? -3.303  -17.883 1.188   1.00 15.89  ? 156 VAL B N   1 
ATOM   1182 C CA  . VAL B 1 56 ? -1.936  -17.856 0.677   1.00 16.79  ? 156 VAL B CA  1 
ATOM   1183 C C   . VAL B 1 56 ? -1.048  -18.857 1.414   1.00 17.68  ? 156 VAL B C   1 
ATOM   1184 O O   . VAL B 1 56 ? -1.431  -19.403 2.451   1.00 17.79  ? 156 VAL B O   1 
ATOM   1185 C CB  . VAL B 1 56 ? -1.303  -16.418 0.803   1.00 18.48  ? 156 VAL B CB  1 
ATOM   1186 C CG1 . VAL B 1 56 ? -2.177  -15.381 0.073   1.00 13.13  ? 156 VAL B CG1 1 
ATOM   1187 C CG2 . VAL B 1 56 ? -1.142  -16.037 2.263   1.00 15.36  ? 156 VAL B CG2 1 
ATOM   1188 N N   . ARG B 1 57 ? 0.140   -19.103 0.875   1.00 17.56  ? 157 ARG B N   1 
ATOM   1189 C CA  . ARG B 1 57 ? 1.070   -20.029 1.510   1.00 18.31  ? 157 ARG B CA  1 
ATOM   1190 C C   . ARG B 1 57 ? 2.215   -19.213 2.056   1.00 18.91  ? 157 ARG B C   1 
ATOM   1191 O O   . ARG B 1 57 ? 2.846   -18.438 1.334   1.00 20.62  ? 157 ARG B O   1 
ATOM   1192 C CB  . ARG B 1 57 ? 1.581   -21.044 0.485   1.00 20.28  ? 157 ARG B CB  1 
ATOM   1193 C CG  . ARG B 1 57 ? 0.506   -22.015 0.028   1.00 27.83  ? 157 ARG B CG  1 
ATOM   1194 C CD  . ARG B 1 57 ? 1.019   -22.953 -1.055  1.00 35.96  ? 157 ARG B CD  1 
ATOM   1195 N NE  . ARG B 1 57 ? 1.188   -22.255 -2.328  1.00 42.11  ? 157 ARG B NE  1 
ATOM   1196 C CZ  . ARG B 1 57 ? 2.188   -22.474 -3.173  1.00 44.05  ? 157 ARG B CZ  1 
ATOM   1197 N NH1 . ARG B 1 57 ? 3.116   -23.373 -2.882  1.00 48.73  ? 157 ARG B NH1 1 
ATOM   1198 N NH2 . ARG B 1 57 ? 2.268   -21.790 -4.302  1.00 44.89  ? 157 ARG B NH2 1 
ATOM   1199 N N   . GLN B 1 58 ? 2.472   -19.370 3.338   1.00 17.78  ? 158 GLN B N   1 
ATOM   1200 C CA  . GLN B 1 58 ? 3.530   -18.627 3.989   1.00 18.17  ? 158 GLN B CA  1 
ATOM   1201 C C   . GLN B 1 58 ? 4.863   -19.367 3.984   1.00 20.82  ? 158 GLN B C   1 
ATOM   1202 O O   . GLN B 1 58 ? 4.969   -20.491 4.492   1.00 22.78  ? 158 GLN B O   1 
ATOM   1203 C CB  . GLN B 1 58 ? 3.112   -18.318 5.419   1.00 17.47  ? 158 GLN B CB  1 
ATOM   1204 C CG  . GLN B 1 58 ? 4.113   -17.544 6.204   1.00 21.88  ? 158 GLN B CG  1 
ATOM   1205 C CD  . GLN B 1 58 ? 3.737   -17.444 7.665   1.00 28.84  ? 158 GLN B CD  1 
ATOM   1206 O OE1 . GLN B 1 58 ? 2.587   -17.162 8.003   1.00 35.11  ? 158 GLN B OE1 1 
ATOM   1207 N NE2 . GLN B 1 58 ? 4.711   -17.662 8.546   1.00 30.96  ? 158 GLN B NE2 1 
ATOM   1208 N N   . TYR B 1 59 ? 5.866   -18.730 3.389   1.00 17.81  ? 159 TYR B N   1 
ATOM   1209 C CA  . TYR B 1 59 ? 7.230   -19.263 3.309   1.00 22.16  ? 159 TYR B CA  1 
ATOM   1210 C C   . TYR B 1 59 ? 8.151   -18.370 4.145   1.00 21.36  ? 159 TYR B C   1 
ATOM   1211 O O   . TYR B 1 59 ? 8.158   -17.155 3.966   1.00 22.86  ? 159 TYR B O   1 
ATOM   1212 C CB  . TYR B 1 59 ? 7.732   -19.244 1.866   1.00 19.18  ? 159 TYR B CB  1 
ATOM   1213 C CG  . TYR B 1 59 ? 7.055   -20.211 0.946   1.00 22.63  ? 159 TYR B CG  1 
ATOM   1214 C CD1 . TYR B 1 59 ? 5.929   -19.843 0.218   1.00 22.87  ? 159 TYR B CD1 1 
ATOM   1215 C CD2 . TYR B 1 59 ? 7.556   -21.502 0.784   1.00 24.52  ? 159 TYR B CD2 1 
ATOM   1216 C CE1 . TYR B 1 59 ? 5.317   -20.736 -0.658  1.00 22.31  ? 159 TYR B CE1 1 
ATOM   1217 C CE2 . TYR B 1 59 ? 6.957   -22.401 -0.081  1.00 24.86  ? 159 TYR B CE2 1 
ATOM   1218 C CZ  . TYR B 1 59 ? 5.841   -22.016 -0.800  1.00 26.30  ? 159 TYR B CZ  1 
ATOM   1219 O OH  . TYR B 1 59 ? 5.254   -22.920 -1.655  1.00 25.23  ? 159 TYR B OH  1 
ATOM   1220 N N   . ASP B 1 60 ? 8.937   -18.969 5.037   1.00 23.02  ? 160 ASP B N   1 
ATOM   1221 C CA  . ASP B 1 60 ? 9.835   -18.205 5.891   1.00 25.03  ? 160 ASP B CA  1 
ATOM   1222 C C   . ASP B 1 60 ? 11.267  -18.174 5.379   1.00 24.02  ? 160 ASP B C   1 
ATOM   1223 O O   . ASP B 1 60 ? 11.689  -19.043 4.617   1.00 24.92  ? 160 ASP B O   1 
ATOM   1224 C CB  . ASP B 1 60 ? 9.818   -18.762 7.317   1.00 29.79  ? 160 ASP B CB  1 
ATOM   1225 C CG  . ASP B 1 60 ? 8.446   -18.683 7.957   1.00 36.63  ? 160 ASP B CG  1 
ATOM   1226 O OD1 . ASP B 1 60 ? 7.705   -17.712 7.684   1.00 37.88  ? 160 ASP B OD1 1 
ATOM   1227 O OD2 . ASP B 1 60 ? 8.113   -19.589 8.749   1.00 41.32  ? 160 ASP B OD2 1 
ATOM   1228 N N   . GLN B 1 61 ? 12.001  -17.150 5.795   1.00 23.12  ? 161 GLN B N   1 
ATOM   1229 C CA  . GLN B 1 61 ? 13.394  -16.974 5.412   1.00 28.49  ? 161 GLN B CA  1 
ATOM   1230 C C   . GLN B 1 61 ? 13.722  -17.194 3.935   1.00 27.26  ? 161 GLN B C   1 
ATOM   1231 O O   . GLN B 1 61 ? 14.589  -17.990 3.581   1.00 27.12  ? 161 GLN B O   1 
ATOM   1232 C CB  . GLN B 1 61 ? 14.266  -17.862 6.291   1.00 32.65  ? 161 GLN B CB  1 
ATOM   1233 C CG  . GLN B 1 61 ? 14.169  -17.465 7.751   1.00 42.34  ? 161 GLN B CG  1 
ATOM   1234 C CD  . GLN B 1 61 ? 14.335  -18.642 8.679   1.00 51.20  ? 161 GLN B CD  1 
ATOM   1235 O OE1 . GLN B 1 61 ? 13.734  -19.703 8.469   1.00 56.19  ? 161 GLN B OE1 1 
ATOM   1236 N NE2 . GLN B 1 61 ? 15.143  -18.466 9.723   1.00 53.38  ? 161 GLN B NE2 1 
ATOM   1237 N N   . ILE B 1 62 ? 13.020  -16.468 3.073   1.00 24.78  ? 162 ILE B N   1 
ATOM   1238 C CA  . ILE B 1 62 ? 13.260  -16.555 1.645   1.00 22.05  ? 162 ILE B CA  1 
ATOM   1239 C C   . ILE B 1 62 ? 14.123  -15.351 1.270   1.00 21.39  ? 162 ILE B C   1 
ATOM   1240 O O   . ILE B 1 62 ? 13.818  -14.226 1.653   1.00 21.36  ? 162 ILE B O   1 
ATOM   1241 C CB  . ILE B 1 62 ? 11.953  -16.464 0.851   1.00 21.65  ? 162 ILE B CB  1 
ATOM   1242 C CG1 . ILE B 1 62 ? 11.000  -17.584 1.280   1.00 22.71  ? 162 ILE B CG1 1 
ATOM   1243 C CG2 . ILE B 1 62 ? 12.246  -16.528 -0.634  1.00 19.80  ? 162 ILE B CG2 1 
ATOM   1244 C CD1 . ILE B 1 62 ? 11.479  -18.975 0.935   1.00 22.49  ? 162 ILE B CD1 1 
ATOM   1245 N N   . PRO B 1 63 ? 15.225  -15.583 0.538   1.00 22.53  ? 163 PRO B N   1 
ATOM   1246 C CA  . PRO B 1 63 ? 16.103  -14.484 0.130   1.00 24.60  ? 163 PRO B CA  1 
ATOM   1247 C C   . PRO B 1 63 ? 15.462  -13.754 -1.042  1.00 24.23  ? 163 PRO B C   1 
ATOM   1248 O O   . PRO B 1 63 ? 15.024  -14.384 -1.997  1.00 25.97  ? 163 PRO B O   1 
ATOM   1249 C CB  . PRO B 1 63 ? 17.388  -15.192 -0.297  1.00 22.44  ? 163 PRO B CB  1 
ATOM   1250 C CG  . PRO B 1 63 ? 17.317  -16.514 0.415   1.00 25.08  ? 163 PRO B CG  1 
ATOM   1251 C CD  . PRO B 1 63 ? 15.874  -16.880 0.286   1.00 19.55  ? 163 PRO B CD  1 
ATOM   1252 N N   . VAL B 1 64 ? 15.410  -12.430 -0.959  1.00 24.57  ? 164 VAL B N   1 
ATOM   1253 C CA  . VAL B 1 64 ? 14.822  -11.609 -2.012  1.00 22.22  ? 164 VAL B CA  1 
ATOM   1254 C C   . VAL B 1 64 ? 15.756  -10.431 -2.264  1.00 23.90  ? 164 VAL B C   1 
ATOM   1255 O O   . VAL B 1 64 ? 16.178  -9.755  -1.328  1.00 24.41  ? 164 VAL B O   1 
ATOM   1256 C CB  . VAL B 1 64 ? 13.433  -11.048 -1.584  1.00 20.37  ? 164 VAL B CB  1 
ATOM   1257 C CG1 . VAL B 1 64 ? 12.817  -10.255 -2.723  1.00 21.09  ? 164 VAL B CG1 1 
ATOM   1258 C CG2 . VAL B 1 64 ? 12.489  -12.193 -1.176  1.00 18.80  ? 164 VAL B CG2 1 
ATOM   1259 N N   . GLU B 1 65 ? 16.101  -10.185 -3.518  1.00 21.45  ? 165 GLU B N   1 
ATOM   1260 C CA  . GLU B 1 65 ? 16.962  -9.051  -3.803  1.00 22.96  ? 165 GLU B CA  1 
ATOM   1261 C C   . GLU B 1 65 ? 16.062  -7.972  -4.420  1.00 24.36  ? 165 GLU B C   1 
ATOM   1262 O O   . GLU B 1 65 ? 15.365  -8.223  -5.412  1.00 24.49  ? 165 GLU B O   1 
ATOM   1263 C CB  . GLU B 1 65 ? 18.064  -9.476  -4.760  1.00 28.01  ? 165 GLU B CB  1 
ATOM   1264 C CG  . GLU B 1 65 ? 19.131  -8.440  -4.998  1.00 36.06  ? 165 GLU B CG  1 
ATOM   1265 C CD  . GLU B 1 65 ? 20.123  -8.915  -6.034  1.00 42.46  ? 165 GLU B CD  1 
ATOM   1266 O OE1 . GLU B 1 65 ? 20.283  -8.239  -7.072  1.00 45.28  ? 165 GLU B OE1 1 
ATOM   1267 O OE2 . GLU B 1 65 ? 20.733  -9.981  -5.811  1.00 47.51  ? 165 GLU B OE2 1 
ATOM   1268 N N   . ILE B 1 66 ? 16.055  -6.795  -3.795  1.00 22.58  ? 166 ILE B N   1 
ATOM   1269 C CA  . ILE B 1 66 ? 15.239  -5.651  -4.210  1.00 21.25  ? 166 ILE B CA  1 
ATOM   1270 C C   . ILE B 1 66 ? 16.132  -4.523  -4.727  1.00 23.17  ? 166 ILE B C   1 
ATOM   1271 O O   . ILE B 1 66 ? 16.797  -3.834  -3.944  1.00 18.27  ? 166 ILE B O   1 
ATOM   1272 C CB  . ILE B 1 66 ? 14.427  -5.106  -3.024  1.00 21.50  ? 166 ILE B CB  1 
ATOM   1273 C CG1 . ILE B 1 66 ? 13.558  -6.219  -2.439  1.00 25.03  ? 166 ILE B CG1 1 
ATOM   1274 C CG2 . ILE B 1 66 ? 13.570  -3.926  -3.466  1.00 20.15  ? 166 ILE B CG2 1 
ATOM   1275 C CD1 . ILE B 1 66 ? 13.251  -6.044  -0.969  1.00 25.44  ? 166 ILE B CD1 1 
HETATM 1276 N N   . ABA B 1 67 ? 16.126  -4.338  -6.043  1.00 27.67  ? 167 ABA B N   1 
HETATM 1277 C CA  . ABA B 1 67 ? 16.940  -3.317  -6.692  1.00 30.52  ? 167 ABA B CA  1 
HETATM 1278 C C   . ABA B 1 67 ? 18.371  -3.390  -6.182  1.00 33.02  ? 167 ABA B C   1 
HETATM 1279 O O   . ABA B 1 67 ? 18.910  -2.404  -5.667  1.00 34.70  ? 167 ABA B O   1 
HETATM 1280 C CB  . ABA B 1 67 ? 16.367  -1.924  -6.427  1.00 30.30  ? 167 ABA B CB  1 
HETATM 1281 C CG  . ABA B 1 67 ? 15.032  -1.702  -7.072  1.00 35.27  ? 167 ABA B CG  1 
ATOM   1282 N N   . GLY B 1 68 ? 18.976  -4.567  -6.312  1.00 32.94  ? 168 GLY B N   1 
ATOM   1283 C CA  . GLY B 1 68 ? 20.349  -4.744  -5.877  1.00 34.41  ? 168 GLY B CA  1 
ATOM   1284 C C   . GLY B 1 68 ? 20.546  -4.914  -4.383  1.00 34.66  ? 168 GLY B C   1 
ATOM   1285 O O   . GLY B 1 68 ? 21.631  -5.290  -3.948  1.00 39.61  ? 168 GLY B O   1 
ATOM   1286 N N   . HIS B 1 69 ? 19.516  -4.636  -3.592  1.00 32.63  ? 169 HIS B N   1 
ATOM   1287 C CA  . HIS B 1 69 ? 19.613  -4.770  -2.141  1.00 30.30  ? 169 HIS B CA  1 
ATOM   1288 C C   . HIS B 1 69 ? 19.147  -6.147  -1.687  1.00 28.32  ? 169 HIS B C   1 
ATOM   1289 O O   . HIS B 1 69 ? 18.057  -6.594  -2.053  1.00 26.76  ? 169 HIS B O   1 
ATOM   1290 C CB  . HIS B 1 69 ? 18.770  -3.694  -1.457  1.00 31.35  ? 169 HIS B CB  1 
ATOM   1291 C CG  . HIS B 1 69 ? 19.317  -2.313  -1.620  1.00 32.92  ? 169 HIS B CG  1 
ATOM   1292 N ND1 . HIS B 1 69 ? 19.425  -1.696  -2.850  1.00 35.18  ? 169 HIS B ND1 1 
ATOM   1293 C CD2 . HIS B 1 69 ? 19.829  -1.443  -0.717  1.00 33.19  ? 169 HIS B CD2 1 
ATOM   1294 C CE1 . HIS B 1 69 ? 19.982  -0.509  -2.696  1.00 34.29  ? 169 HIS B CE1 1 
ATOM   1295 N NE2 . HIS B 1 69 ? 20.237  -0.330  -1.410  1.00 34.85  ? 169 HIS B NE2 1 
ATOM   1296 N N   . LYS B 1 70 ? 19.968  -6.816  -0.878  1.00 23.91  ? 170 LYS B N   1 
ATOM   1297 C CA  . LYS B 1 70 ? 19.615  -8.143  -0.396  1.00 19.96  ? 170 LYS B CA  1 
ATOM   1298 C C   . LYS B 1 70 ? 18.739  -8.086  0.841   1.00 22.00  ? 170 LYS B C   1 
ATOM   1299 O O   . LYS B 1 70 ? 18.929  -7.244  1.720   1.00 23.47  ? 170 LYS B O   1 
ATOM   1300 C CB  . LYS B 1 70 ? 20.871  -8.962  -0.090  0.50 18.61  ? 170 LYS B CB  1 
ATOM   1301 C CG  . LYS B 1 70 ? 21.722  -9.239  -1.311  0.50 18.88  ? 170 LYS B CG  1 
ATOM   1302 C CD  . LYS B 1 70 ? 22.939  -10.061 -0.958  0.50 19.74  ? 170 LYS B CD  1 
ATOM   1303 C CE  . LYS B 1 70 ? 24.181  -9.483  -1.610  0.50 25.04  ? 170 LYS B CE  1 
ATOM   1304 N NZ  . LYS B 1 70 ? 23.995  -9.255  -3.072  0.50 22.56  ? 170 LYS B NZ  1 
ATOM   1305 N N   . ALA B 1 71 ? 17.765  -8.985  0.901   1.00 20.82  ? 171 ALA B N   1 
ATOM   1306 C CA  . ALA B 1 71 ? 16.865  -9.063  2.032   1.00 21.42  ? 171 ALA B CA  1 
ATOM   1307 C C   . ALA B 1 71 ? 16.490  -10.524 2.183   1.00 21.87  ? 171 ALA B C   1 
ATOM   1308 O O   . ALA B 1 71 ? 16.808  -11.355 1.321   1.00 22.58  ? 171 ALA B O   1 
ATOM   1309 C CB  . ALA B 1 71 ? 15.618  -8.206  1.796   1.00 21.20  ? 171 ALA B CB  1 
ATOM   1310 N N   . ILE B 1 72 ? 15.845  -10.848 3.289   1.00 20.93  ? 172 ILE B N   1 
ATOM   1311 C CA  . ILE B 1 72 ? 15.438  -12.215 3.533   1.00 22.47  ? 172 ILE B CA  1 
ATOM   1312 C C   . ILE B 1 72 ? 14.348  -12.213 4.578   1.00 20.59  ? 172 ILE B C   1 
ATOM   1313 O O   . ILE B 1 72 ? 14.499  -11.637 5.662   1.00 21.24  ? 172 ILE B O   1 
ATOM   1314 C CB  . ILE B 1 72 ? 16.628  -13.084 4.004   1.00 23.71  ? 172 ILE B CB  1 
ATOM   1315 C CG1 . ILE B 1 72 ? 16.148  -14.514 4.246   1.00 27.48  ? 172 ILE B CG1 1 
ATOM   1316 C CG2 . ILE B 1 72 ? 17.251  -12.492 5.270   1.00 25.10  ? 172 ILE B CG2 1 
ATOM   1317 C CD1 . ILE B 1 72 ? 17.270  -15.516 4.403   1.00 29.47  ? 172 ILE B CD1 1 
ATOM   1318 N N   . GLY B 1 73 ? 13.228  -12.844 4.252   1.00 19.66  ? 173 GLY B N   1 
ATOM   1319 C CA  . GLY B 1 73 ? 12.140  -12.863 5.205   1.00 19.64  ? 173 GLY B CA  1 
ATOM   1320 C C   . GLY B 1 73 ? 10.955  -13.674 4.749   1.00 19.01  ? 173 GLY B C   1 
ATOM   1321 O O   . GLY B 1 73 ? 11.054  -14.481 3.829   1.00 17.55  ? 173 GLY B O   1 
ATOM   1322 N N   . THR B 1 74 ? 9.826   -13.451 5.402   1.00 18.60  ? 174 THR B N   1 
ATOM   1323 C CA  . THR B 1 74 ? 8.608   -14.175 5.085   1.00 19.15  ? 174 THR B CA  1 
ATOM   1324 C C   . THR B 1 74 ? 7.993   -13.684 3.779   1.00 19.83  ? 174 THR B C   1 
ATOM   1325 O O   . THR B 1 74 ? 7.919   -12.480 3.524   1.00 21.77  ? 174 THR B O   1 
ATOM   1326 C CB  . THR B 1 74 ? 7.604   -14.019 6.243   1.00 22.53  ? 174 THR B CB  1 
ATOM   1327 O OG1 . THR B 1 74 ? 8.198   -14.542 7.441   1.00 25.36  ? 174 THR B OG1 1 
ATOM   1328 C CG2 . THR B 1 74 ? 6.306   -14.769 5.954   1.00 17.56  ? 174 THR B CG2 1 
ATOM   1329 N N   . VAL B 1 75 ? 7.585   -14.620 2.936   1.00 17.79  ? 175 VAL B N   1 
ATOM   1330 C CA  . VAL B 1 75 ? 6.951   -14.267 1.680   1.00 17.54  ? 175 VAL B CA  1 
ATOM   1331 C C   . VAL B 1 75 ? 5.652   -15.068 1.585   1.00 16.38  ? 175 VAL B C   1 
ATOM   1332 O O   . VAL B 1 75 ? 5.645   -16.275 1.839   1.00 16.60  ? 175 VAL B O   1 
ATOM   1333 C CB  . VAL B 1 75 ? 7.878   -14.596 0.475   1.00 20.21  ? 175 VAL B CB  1 
ATOM   1334 C CG1 . VAL B 1 75 ? 7.140   -14.410 -0.826  1.00 23.16  ? 175 VAL B CG1 1 
ATOM   1335 C CG2 . VAL B 1 75 ? 9.118   -13.685 0.503   1.00 17.54  ? 175 VAL B CG2 1 
ATOM   1336 N N   . LEU B 1 76 ? 4.545   -14.398 1.266   1.00 12.55  ? 176 LEU B N   1 
ATOM   1337 C CA  . LEU B 1 76 ? 3.271   -15.094 1.120   1.00 12.56  ? 176 LEU B CA  1 
ATOM   1338 C C   . LEU B 1 76 ? 3.022   -15.270 -0.369  1.00 14.57  ? 176 LEU B C   1 
ATOM   1339 O O   . LEU B 1 76 ? 3.172   -14.335 -1.140  1.00 17.64  ? 176 LEU B O   1 
ATOM   1340 C CB  . LEU B 1 76 ? 2.136   -14.290 1.764   1.00 11.12  ? 176 LEU B CB  1 
ATOM   1341 C CG  . LEU B 1 76 ? 2.356   -13.821 3.209   1.00 14.55  ? 176 LEU B CG  1 
ATOM   1342 C CD1 . LEU B 1 76 ? 1.153   -12.951 3.613   1.00 11.20  ? 176 LEU B CD1 1 
ATOM   1343 C CD2 . LEU B 1 76 ? 2.517   -15.008 4.172   1.00 16.08  ? 176 LEU B CD2 1 
ATOM   1344 N N   . VAL B 1 77 ? 2.661   -16.482 -0.779  1.00 14.52  ? 177 VAL B N   1 
ATOM   1345 C CA  . VAL B 1 77 ? 2.404   -16.766 -2.185  1.00 15.40  ? 177 VAL B CA  1 
ATOM   1346 C C   . VAL B 1 77 ? 0.937   -17.109 -2.368  1.00 16.85  ? 177 VAL B C   1 
ATOM   1347 O O   . VAL B 1 77 ? 0.374   -17.936 -1.639  1.00 17.47  ? 177 VAL B O   1 
ATOM   1348 C CB  . VAL B 1 77 ? 3.273   -17.953 -2.684  1.00 16.33  ? 177 VAL B CB  1 
ATOM   1349 C CG1 . VAL B 1 77 ? 2.933   -18.284 -4.130  1.00 16.25  ? 177 VAL B CG1 1 
ATOM   1350 C CG2 . VAL B 1 77 ? 4.752   -17.592 -2.562  1.00 16.29  ? 177 VAL B CG2 1 
ATOM   1351 N N   . GLY B 1 78 ? 0.308   -16.465 -3.341  1.00 15.80  ? 178 GLY B N   1 
ATOM   1352 C CA  . GLY B 1 78 ? -1.097  -16.721 -3.580  1.00 14.64  ? 178 GLY B CA  1 
ATOM   1353 C C   . GLY B 1 78 ? -1.593  -15.952 -4.783  1.00 17.67  ? 178 GLY B C   1 
ATOM   1354 O O   . GLY B 1 78 ? -0.795  -15.284 -5.455  1.00 16.66  ? 178 GLY B O   1 
ATOM   1355 N N   . PRO B 1 79 ? -2.903  -16.007 -5.067  1.00 17.65  ? 179 PRO B N   1 
ATOM   1356 C CA  . PRO B 1 79 ? -3.522  -15.326 -6.206  1.00 21.29  ? 179 PRO B CA  1 
ATOM   1357 C C   . PRO B 1 79 ? -3.713  -13.817 -6.092  1.00 23.55  ? 179 PRO B C   1 
ATOM   1358 O O   . PRO B 1 79 ? -4.845  -13.325 -6.115  1.00 26.51  ? 179 PRO B O   1 
ATOM   1359 C CB  . PRO B 1 79 ? -4.853  -16.070 -6.373  1.00 19.33  ? 179 PRO B CB  1 
ATOM   1360 C CG  . PRO B 1 79 ? -5.224  -16.392 -4.951  1.00 20.51  ? 179 PRO B CG  1 
ATOM   1361 C CD  . PRO B 1 79 ? -3.886  -16.860 -4.366  1.00 21.01  ? 179 PRO B CD  1 
ATOM   1362 N N   . THR B 1 80 ? -2.605  -13.086 -5.998  1.00 23.36  ? 180 THR B N   1 
ATOM   1363 C CA  . THR B 1 80 ? -2.649  -11.630 -5.909  1.00 23.10  ? 180 THR B CA  1 
ATOM   1364 C C   . THR B 1 80 ? -2.517  -11.071 -7.324  1.00 23.31  ? 180 THR B C   1 
ATOM   1365 O O   . THR B 1 80 ? -1.776  -11.616 -8.142  1.00 24.96  ? 180 THR B O   1 
ATOM   1366 C CB  . THR B 1 80 ? -1.491  -11.095 -5.038  1.00 23.52  ? 180 THR B CB  1 
ATOM   1367 O OG1 . THR B 1 80 ? -1.469  -9.664  -5.099  1.00 23.01  ? 180 THR B OG1 1 
ATOM   1368 C CG2 . THR B 1 80 ? -0.144  -11.647 -5.530  1.00 20.00  ? 180 THR B CG2 1 
ATOM   1369 N N   . PRO B 1 81 ? -3.235  -9.982  -7.641  1.00 24.06  ? 181 PRO B N   1 
ATOM   1370 C CA  . PRO B 1 81 ? -3.110  -9.445  -8.999  1.00 22.72  ? 181 PRO B CA  1 
ATOM   1371 C C   . PRO B 1 81 ? -1.774  -8.764  -9.264  1.00 24.01  ? 181 PRO B C   1 
ATOM   1372 O O   . PRO B 1 81 ? -1.447  -8.442  -10.405 1.00 25.21  ? 181 PRO B O   1 
ATOM   1373 C CB  . PRO B 1 81 ? -4.286  -8.475  -9.096  1.00 21.81  ? 181 PRO B CB  1 
ATOM   1374 C CG  . PRO B 1 81 ? -4.421  -7.974  -7.706  1.00 22.76  ? 181 PRO B CG  1 
ATOM   1375 C CD  . PRO B 1 81 ? -4.239  -9.227  -6.869  1.00 22.67  ? 181 PRO B CD  1 
ATOM   1376 N N   . VAL B 1 82 ? -0.986  -8.550  -8.217  1.00 20.41  ? 182 VAL B N   1 
ATOM   1377 C CA  . VAL B 1 82 ? 0.296   -7.887  -8.404  1.00 19.83  ? 182 VAL B CA  1 
ATOM   1378 C C   . VAL B 1 82 ? 1.282   -8.295  -7.305  1.00 18.89  ? 182 VAL B C   1 
ATOM   1379 O O   . VAL B 1 82 ? 0.869   -8.610  -6.171  1.00 18.54  ? 182 VAL B O   1 
ATOM   1380 C CB  . VAL B 1 82 ? 0.083   -6.343  -8.407  1.00 24.70  ? 182 VAL B CB  1 
ATOM   1381 C CG1 . VAL B 1 82 ? -0.435  -5.884  -7.047  1.00 25.42  ? 182 VAL B CG1 1 
ATOM   1382 C CG2 . VAL B 1 82 ? 1.363   -5.630  -8.776  1.00 28.74  ? 182 VAL B CG2 1 
ATOM   1383 N N   . ASN B 1 83 ? 2.574   -8.315  -7.635  1.00 17.28  ? 183 ASN B N   1 
ATOM   1384 C CA  . ASN B 1 83 ? 3.581   -8.678  -6.642  1.00 16.64  ? 183 ASN B CA  1 
ATOM   1385 C C   . ASN B 1 83 ? 3.740   -7.462  -5.732  1.00 16.20  ? 183 ASN B C   1 
ATOM   1386 O O   . ASN B 1 83 ? 3.912   -6.330  -6.205  1.00 10.82  ? 183 ASN B O   1 
ATOM   1387 C CB  . ASN B 1 83 ? 4.922   -9.030  -7.295  1.00 17.97  ? 183 ASN B CB  1 
ATOM   1388 C CG  . ASN B 1 83 ? 4.860   -10.302 -8.118  1.00 20.06  ? 183 ASN B CG  1 
ATOM   1389 O OD1 . ASN B 1 83 ? 4.377   -11.336 -7.655  1.00 18.74  ? 183 ASN B OD1 1 
ATOM   1390 N ND2 . ASN B 1 83 ? 5.361   -10.229 -9.350  1.00 22.80  ? 183 ASN B ND2 1 
ATOM   1391 N N   . ILE B 1 84 ? 3.690   -7.716  -4.431  1.00 11.02  ? 184 ILE B N   1 
ATOM   1392 C CA  . ILE B 1 84 ? 3.755   -6.679  -3.421  1.00 11.49  ? 184 ILE B CA  1 
ATOM   1393 C C   . ILE B 1 84 ? 4.908   -6.824  -2.435  1.00 13.62  ? 184 ILE B C   1 
ATOM   1394 O O   . ILE B 1 84 ? 4.992   -7.838  -1.734  1.00 16.90  ? 184 ILE B O   1 
ATOM   1395 C CB  . ILE B 1 84 ? 2.435   -6.685  -2.608  1.00 13.79  ? 184 ILE B CB  1 
ATOM   1396 C CG1 . ILE B 1 84 ? 1.269   -6.263  -3.497  1.00 17.05  ? 184 ILE B CG1 1 
ATOM   1397 C CG2 . ILE B 1 84 ? 2.572   -5.802  -1.377  1.00 13.81  ? 184 ILE B CG2 1 
ATOM   1398 C CD1 . ILE B 1 84 ? -0.112  -6.638  -2.945  1.00 19.65  ? 184 ILE B CD1 1 
ATOM   1399 N N   . ILE B 1 85 ? 5.789   -5.819  -2.364  1.00 11.72  ? 185 ILE B N   1 
ATOM   1400 C CA  . ILE B 1 85 ? 6.883   -5.859  -1.385  1.00 11.74  ? 185 ILE B CA  1 
ATOM   1401 C C   . ILE B 1 85 ? 6.433   -5.034  -0.176  1.00 10.35  ? 185 ILE B C   1 
ATOM   1402 O O   . ILE B 1 85 ? 6.284   -3.811  -0.266  1.00 11.60  ? 185 ILE B O   1 
ATOM   1403 C CB  A ILE B 1 85 ? 8.199   -5.273  -1.948  0.50 11.87  ? 185 ILE B CB  1 
ATOM   1404 C CB  B ILE B 1 85 ? 8.176   -5.223  -1.924  0.50 13.74  ? 185 ILE B CB  1 
ATOM   1405 C CG1 A ILE B 1 85 ? 8.705   -6.136  -3.111  0.50 13.00  ? 185 ILE B CG1 1 
ATOM   1406 C CG1 B ILE B 1 85 ? 8.638   -5.949  -3.186  0.50 16.44  ? 185 ILE B CG1 1 
ATOM   1407 C CG2 A ILE B 1 85 ? 9.250   -5.205  -0.841  0.50 11.11  ? 185 ILE B CG2 1 
ATOM   1408 C CG2 B ILE B 1 85 ? 9.260   -5.275  -0.847  0.50 12.72  ? 185 ILE B CG2 1 
ATOM   1409 C CD1 A ILE B 1 85 ? 8.938   -7.597  -2.755  0.50 4.95   ? 185 ILE B CD1 1 
ATOM   1410 C CD1 B ILE B 1 85 ? 9.867   -5.337  -3.801  0.50 14.61  ? 185 ILE B CD1 1 
ATOM   1411 N N   . GLY B 1 86 ? 6.220   -5.720  0.947   1.00 9.24   ? 186 GLY B N   1 
ATOM   1412 C CA  . GLY B 1 86 ? 5.747   -5.065  2.154   1.00 10.45  ? 186 GLY B CA  1 
ATOM   1413 C C   . GLY B 1 86 ? 6.803   -4.568  3.116   1.00 9.94   ? 186 GLY B C   1 
ATOM   1414 O O   . GLY B 1 86 ? 8.005   -4.697  2.887   1.00 13.55  ? 186 GLY B O   1 
ATOM   1415 N N   . ARG B 1 87 ? 6.331   -3.988  4.212   1.00 10.83  ? 187 ARG B N   1 
ATOM   1416 C CA  . ARG B 1 87 ? 7.197   -3.418  5.232   1.00 10.58  ? 187 ARG B CA  1 
ATOM   1417 C C   . ARG B 1 87 ? 8.213   -4.377  5.813   1.00 14.48  ? 187 ARG B C   1 
ATOM   1418 O O   . ARG B 1 87 ? 9.318   -3.950  6.193   1.00 15.99  ? 187 ARG B O   1 
ATOM   1419 C CB  . ARG B 1 87 ? 6.361   -2.815  6.378   1.00 11.26  ? 187 ARG B CB  1 
ATOM   1420 C CG  . ARG B 1 87 ? 5.619   -1.520  6.008   1.00 15.23  ? 187 ARG B CG  1 
ATOM   1421 C CD  . ARG B 1 87 ? 4.970   -0.854  7.223   1.00 12.97  ? 187 ARG B CD  1 
ATOM   1422 N NE  . ARG B 1 87 ? 4.004   -1.737  7.880   1.00 17.51  ? 187 ARG B NE  1 
ATOM   1423 C CZ  . ARG B 1 87 ? 4.243   -2.431  8.994   1.00 17.94  ? 187 ARG B CZ  1 
ATOM   1424 N NH1 . ARG B 1 87 ? 5.418   -2.357  9.604   1.00 17.12  ? 187 ARG B NH1 1 
ATOM   1425 N NH2 . ARG B 1 87 ? 3.298   -3.206  9.498   1.00 19.19  ? 187 ARG B NH2 1 
ATOM   1426 N N   . ASN B 1 88 ? 7.854   -5.655  5.909   1.00 15.02  ? 188 ASN B N   1 
ATOM   1427 C CA  . ASN B 1 88 ? 8.770   -6.640  6.471   1.00 17.18  ? 188 ASN B CA  1 
ATOM   1428 C C   . ASN B 1 88 ? 10.091  -6.669  5.702   1.00 18.26  ? 188 ASN B C   1 
ATOM   1429 O O   . ASN B 1 88 ? 11.158  -6.861  6.294   1.00 20.35  ? 188 ASN B O   1 
ATOM   1430 C CB  . ASN B 1 88 ? 8.122   -8.039  6.507   1.00 16.88  ? 188 ASN B CB  1 
ATOM   1431 C CG  . ASN B 1 88 ? 7.929   -8.640  5.127   1.00 16.66  ? 188 ASN B CG  1 
ATOM   1432 O OD1 . ASN B 1 88 ? 7.327   -8.024  4.241   1.00 16.93  ? 188 ASN B OD1 1 
ATOM   1433 N ND2 . ASN B 1 88 ? 8.430   -9.859  4.941   1.00 17.99  ? 188 ASN B ND2 1 
ATOM   1434 N N   . LEU B 1 89 ? 10.041  -6.466  4.391   1.00 18.20  ? 189 LEU B N   1 
ATOM   1435 C CA  . LEU B 1 89 ? 11.264  -6.451  3.593   1.00 17.52  ? 189 LEU B CA  1 
ATOM   1436 C C   . LEU B 1 89 ? 11.804  -5.031  3.326   1.00 18.14  ? 189 LEU B C   1 
ATOM   1437 O O   . LEU B 1 89 ? 13.009  -4.847  3.133   1.00 17.43  ? 189 LEU B O   1 
ATOM   1438 C CB  . LEU B 1 89 ? 11.034  -7.165  2.261   1.00 15.48  ? 189 LEU B CB  1 
ATOM   1439 C CG  . LEU B 1 89 ? 10.679  -8.656  2.318   1.00 15.94  ? 189 LEU B CG  1 
ATOM   1440 C CD1 . LEU B 1 89 ? 10.763  -9.220  0.913   1.00 16.39  ? 189 LEU B CD1 1 
ATOM   1441 C CD2 . LEU B 1 89 ? 11.652  -9.389  3.221   1.00 16.43  ? 189 LEU B CD2 1 
ATOM   1442 N N   . LEU B 1 90 ? 10.920  -4.035  3.313   1.00 15.77  ? 190 LEU B N   1 
ATOM   1443 C CA  . LEU B 1 90 ? 11.336  -2.653  3.060   1.00 13.38  ? 190 LEU B CA  1 
ATOM   1444 C C   . LEU B 1 90 ? 12.242  -2.147  4.176   1.00 17.08  ? 190 LEU B C   1 
ATOM   1445 O O   . LEU B 1 90 ? 13.199  -1.397  3.933   1.00 17.65  ? 190 LEU B O   1 
ATOM   1446 C CB  . LEU B 1 90 ? 10.104  -1.738  2.941   1.00 13.17  ? 190 LEU B CB  1 
ATOM   1447 C CG  . LEU B 1 90 ? 9.160   -1.987  1.747   1.00 14.67  ? 190 LEU B CG  1 
ATOM   1448 C CD1 . LEU B 1 90 ? 7.902   -1.114  1.889   1.00 16.11  ? 190 LEU B CD1 1 
ATOM   1449 C CD2 . LEU B 1 90 ? 9.883   -1.664  0.428   1.00 15.53  ? 190 LEU B CD2 1 
ATOM   1450 N N   . THR B 1 91 ? 11.941  -2.540  5.406   1.00 18.65  ? 191 THR B N   1 
ATOM   1451 C CA  . THR B 1 91 ? 12.753  -2.113  6.534   1.00 21.32  ? 191 THR B CA  1 
ATOM   1452 C C   . THR B 1 91 ? 14.171  -2.636  6.384   1.00 23.60  ? 191 THR B C   1 
ATOM   1453 O O   . THR B 1 91 ? 15.125  -1.987  6.799   1.00 25.50  ? 191 THR B O   1 
ATOM   1454 C CB  . THR B 1 91 ? 12.195  -2.638  7.861   1.00 20.86  ? 191 THR B CB  1 
ATOM   1455 O OG1 . THR B 1 91 ? 11.944  -4.042  7.743   1.00 20.73  ? 191 THR B OG1 1 
ATOM   1456 C CG2 . THR B 1 91 ? 10.909  -1.920  8.218   1.00 20.39  ? 191 THR B CG2 1 
ATOM   1457 N N   . GLN B 1 92 ? 14.309  -3.811  5.783   1.00 24.77  ? 192 GLN B N   1 
ATOM   1458 C CA  . GLN B 1 92 ? 15.628  -4.416  5.600   1.00 24.82  ? 192 GLN B CA  1 
ATOM   1459 C C   . GLN B 1 92 ? 16.513  -3.691  4.584   1.00 27.31  ? 192 GLN B C   1 
ATOM   1460 O O   . GLN B 1 92 ? 17.742  -3.786  4.655   1.00 29.71  ? 192 GLN B O   1 
ATOM   1461 C CB  . GLN B 1 92 ? 15.483  -5.890  5.209   1.00 24.10  ? 192 GLN B CB  1 
ATOM   1462 C CG  . GLN B 1 92 ? 15.005  -6.789  6.361   1.00 25.66  ? 192 GLN B CG  1 
ATOM   1463 C CD  . GLN B 1 92 ? 14.801  -8.226  5.926   1.00 24.86  ? 192 GLN B CD  1 
ATOM   1464 O OE1 . GLN B 1 92 ? 15.571  -8.756  5.129   1.00 29.60  ? 192 GLN B OE1 1 
ATOM   1465 N NE2 . GLN B 1 92 ? 13.760  -8.870  6.459   1.00 27.04  ? 192 GLN B NE2 1 
ATOM   1466 N N   . ILE B 1 93 ? 15.910  -2.982  3.632   1.00 25.18  ? 193 ILE B N   1 
ATOM   1467 C CA  . ILE B 1 93 ? 16.711  -2.245  2.655   1.00 22.21  ? 193 ILE B CA  1 
ATOM   1468 C C   . ILE B 1 93 ? 16.766  -0.767  3.014   1.00 21.75  ? 193 ILE B C   1 
ATOM   1469 O O   . ILE B 1 93 ? 17.174  0.071   2.197   1.00 22.61  ? 193 ILE B O   1 
ATOM   1470 C CB  . ILE B 1 93 ? 16.170  -2.417  1.218   1.00 23.06  ? 193 ILE B CB  1 
ATOM   1471 C CG1 . ILE B 1 93 ? 14.758  -1.831  1.100   1.00 22.01  ? 193 ILE B CG1 1 
ATOM   1472 C CG2 . ILE B 1 93 ? 16.190  -3.899  0.844   1.00 21.91  ? 193 ILE B CG2 1 
ATOM   1473 C CD1 . ILE B 1 93 ? 14.142  -1.968  -0.300  1.00 21.29  ? 193 ILE B CD1 1 
ATOM   1474 N N   . GLY B 1 94 ? 16.348  -0.463  4.239   1.00 21.16  ? 194 GLY B N   1 
ATOM   1475 C CA  . GLY B 1 94 ? 16.364  0.901   4.756   1.00 21.76  ? 194 GLY B CA  1 
ATOM   1476 C C   . GLY B 1 94 ? 15.499  1.937   4.056   1.00 23.73  ? 194 GLY B C   1 
ATOM   1477 O O   . GLY B 1 94 ? 15.851  3.130   4.035   1.00 22.39  ? 194 GLY B O   1 
HETATM 1478 N N   . ABA B 1 95 ? 14.366  1.502   3.500   1.00 19.99  ? 195 ABA B N   1 
HETATM 1479 C CA  . ABA B 1 95 ? 13.458  2.404   2.794   1.00 16.51  ? 195 ABA B CA  1 
HETATM 1480 C C   . ABA B 1 95 ? 12.661  3.283   3.753   1.00 17.62  ? 195 ABA B C   1 
HETATM 1481 O O   . ABA B 1 95 ? 12.169  2.812   4.786   1.00 18.95  ? 195 ABA B O   1 
HETATM 1482 C CB  . ABA B 1 95 ? 12.486  1.603   1.916   1.00 18.85  ? 195 ABA B CB  1 
HETATM 1483 C CG  . ABA B 1 95 ? 11.418  2.457   1.199   1.00 13.87  ? 195 ABA B CG  1 
ATOM   1484 N N   . THR B 1 96 ? 12.549  4.565   3.413   1.00 13.98  ? 196 THR B N   1 
ATOM   1485 C CA  . THR B 1 96 ? 11.782  5.501   4.222   1.00 15.18  ? 196 THR B CA  1 
ATOM   1486 C C   . THR B 1 96 ? 10.827  6.315   3.352   1.00 13.69  ? 196 THR B C   1 
ATOM   1487 O O   . THR B 1 96 ? 10.983  6.372   2.136   1.00 13.74  ? 196 THR B O   1 
ATOM   1488 C CB  . THR B 1 96 ? 12.693  6.505   4.954   1.00 18.19  ? 196 THR B CB  1 
ATOM   1489 O OG1 . THR B 1 96 ? 13.478  7.213   3.991   1.00 20.70  ? 196 THR B OG1 1 
ATOM   1490 C CG2 . THR B 1 96 ? 13.602  5.799   5.940   1.00 19.19  ? 196 THR B CG2 1 
ATOM   1491 N N   . LEU B 1 97 ? 9.834   6.934   3.984   1.00 16.10  ? 197 LEU B N   1 
ATOM   1492 C CA  . LEU B 1 97 ? 8.898   7.810   3.286   1.00 16.59  ? 197 LEU B CA  1 
ATOM   1493 C C   . LEU B 1 97 ? 9.380   9.196   3.665   1.00 14.98  ? 197 LEU B C   1 
ATOM   1494 O O   . LEU B 1 97 ? 9.724   9.421   4.822   1.00 18.51  ? 197 LEU B O   1 
ATOM   1495 C CB  . LEU B 1 97 ? 7.478   7.623   3.806   1.00 18.49  ? 197 LEU B CB  1 
ATOM   1496 C CG  . LEU B 1 97 ? 6.578   6.613   3.112   1.00 21.81  ? 197 LEU B CG  1 
ATOM   1497 C CD1 . LEU B 1 97 ? 5.232   6.574   3.845   1.00 21.01  ? 197 LEU B CD1 1 
ATOM   1498 C CD2 . LEU B 1 97 ? 6.387   7.004   1.654   1.00 16.78  ? 197 LEU B CD2 1 
ATOM   1499 N N   . ASN B 1 98 ? 9.437   10.122  2.714   1.00 14.11  ? 198 ASN B N   1 
ATOM   1500 C CA  . ASN B 1 98 ? 9.892   11.479  3.026   1.00 17.76  ? 198 ASN B CA  1 
ATOM   1501 C C   . ASN B 1 98 ? 9.014   12.555  2.384   1.00 17.48  ? 198 ASN B C   1 
ATOM   1502 O O   . ASN B 1 98 ? 8.668   12.464  1.195   1.00 16.52  ? 198 ASN B O   1 
ATOM   1503 C CB  . ASN B 1 98 ? 11.331  11.706  2.539   1.00 22.14  ? 198 ASN B CB  1 
ATOM   1504 C CG  . ASN B 1 98 ? 12.322  10.722  3.132   1.00 24.61  ? 198 ASN B CG  1 
ATOM   1505 O OD1 . ASN B 1 98 ? 12.320  9.531   2.808   1.00 31.02  ? 198 ASN B OD1 1 
ATOM   1506 N ND2 . ASN B 1 98 ? 13.174  11.216  4.003   1.00 28.61  ? 198 ASN B ND2 1 
ATOM   1507 N N   . PHE B 1 99 ? 8.645   13.565  3.172   1.00 18.39  ? 199 PHE B N   1 
ATOM   1508 C CA  . PHE B 1 99 ? 7.869   14.704  2.657   1.00 20.64  ? 199 PHE B CA  1 
ATOM   1509 C C   . PHE B 1 99 ? 7.973   15.915  3.573   1.00 23.88  ? 199 PHE B C   1 
ATOM   1510 O O   . PHE B 1 99 ? 8.727   15.889  4.544   1.00 24.65  ? 199 PHE B O   1 
ATOM   1511 C CB  . PHE B 1 99 ? 6.391   14.357  2.453   1.00 19.12  ? 199 PHE B CB  1 
ATOM   1512 C CG  . PHE B 1 99 ? 5.683   13.914  3.698   1.00 23.16  ? 199 PHE B CG  1 
ATOM   1513 C CD1 . PHE B 1 99 ? 5.758   12.590  4.120   1.00 21.24  ? 199 PHE B CD1 1 
ATOM   1514 C CD2 . PHE B 1 99 ? 4.887   14.805  4.414   1.00 23.61  ? 199 PHE B CD2 1 
ATOM   1515 C CE1 . PHE B 1 99 ? 5.045   12.157  5.229   1.00 24.66  ? 199 PHE B CE1 1 
ATOM   1516 C CE2 . PHE B 1 99 ? 4.171   14.379  5.525   1.00 23.46  ? 199 PHE B CE2 1 
ATOM   1517 C CZ  . PHE B 1 99 ? 4.247   13.056  5.934   1.00 25.29  ? 199 PHE B CZ  1 
HETATM 1518 S S   . SO4 C 2 .  ? 7.008   18.969  8.873   1.00 98.21  ? 502 SO4 A S   1 
HETATM 1519 O O1  . SO4 C 2 .  ? 7.323   18.623  10.428  1.00 99.83  ? 502 SO4 A O1  1 
HETATM 1520 O O2  . SO4 C 2 .  ? 8.201   18.595  8.154   1.00 99.40  ? 502 SO4 A O2  1 
HETATM 1521 O O3  . SO4 C 2 .  ? 6.710   20.234  8.747   1.00 98.72  ? 502 SO4 A O3  1 
HETATM 1522 O O4  . SO4 C 2 .  ? 5.945   18.052  8.547   1.00 99.11  ? 502 SO4 A O4  1 
HETATM 1523 S S   . SO4 D 2 .  ? -11.955 23.945  7.278   1.00 125.48 ? 503 SO4 A S   1 
HETATM 1524 O O1  . SO4 D 2 .  ? -11.232 24.723  8.507   1.00 125.94 ? 503 SO4 A O1  1 
HETATM 1525 O O2  . SO4 D 2 .  ? -10.980 23.925  6.216   1.00 126.26 ? 503 SO4 A O2  1 
HETATM 1526 O O3  . SO4 D 2 .  ? -13.061 24.556  6.950   1.00 125.41 ? 503 SO4 A O3  1 
HETATM 1527 O O4  . SO4 D 2 .  ? -12.120 22.610  7.796   1.00 125.29 ? 503 SO4 A O4  1 
HETATM 1528 C C1  . HBB E 3 .  ? -3.164  -2.557  -1.654  1.00 19.34  ? 201 HBB A C1  1 
HETATM 1529 C C2  . HBB E 3 .  ? -2.151  -3.354  -2.502  1.00 17.85  ? 201 HBB A C2  1 
HETATM 1530 C C3  . HBB E 3 .  ? -2.624  -3.610  -3.918  1.00 22.60  ? 201 HBB A C3  1 
HETATM 1531 C C7  . HBB E 3 .  ? -4.100  -4.739  -5.474  1.00 21.43  ? 201 HBB A C7  1 
HETATM 1532 C C8  . HBB E 3 .  ? -3.594  -4.584  -4.195  1.00 20.08  ? 201 HBB A C8  1 
HETATM 1533 C C10 . HBB E 3 .  ? -5.329  -3.120  -7.773  0.50 24.98  ? 201 HBB A C10 1 
HETATM 1534 C C11 . HBB E 3 .  ? -4.923  -1.657  -8.066  0.50 24.04  ? 201 HBB A C11 1 
HETATM 1535 C C12 . HBB E 3 .  ? -5.838  -0.616  -7.419  1.00 23.09  ? 201 HBB A C12 1 
HETATM 1536 C C13 . HBB E 3 .  ? -5.365  -0.118  -6.065  1.00 21.37  ? 201 HBB A C13 1 
HETATM 1537 C C16 . HBB E 3 .  ? -5.555  -0.265  -3.619  1.00 19.15  ? 201 HBB A C16 1 
HETATM 1538 C C19 . HBB E 3 .  ? -6.933  1.849   -3.676  1.00 16.60  ? 201 HBB A C19 1 
HETATM 1539 C C20 . HBB E 3 .  ? -5.089  -1.425  -2.717  1.00 16.87  ? 201 HBB A C20 1 
HETATM 1540 N N26 . HBB E 3 .  ? -2.776  -4.001  1.009   1.00 24.76  ? 201 HBB A N26 1 
HETATM 1541 C C27 A HBB E 3 .  ? -2.726  -3.549  2.420   0.50 27.86  ? 201 HBB A C27 1 
HETATM 1542 C C27 B HBB E 3 .  ? -2.855  -3.459  2.388   0.50 25.86  ? 201 HBB A C27 1 
HETATM 1543 C C30 A HBB E 3 .  ? -4.430  -1.181  2.181   0.50 30.24  ? 201 HBB A C30 1 
HETATM 1544 C C30 B HBB E 3 .  ? -6.194  -2.627  4.105   0.50 26.35  ? 201 HBB A C30 1 
HETATM 1545 C C31 A HBB E 3 .  ? -6.315  -2.443  3.201   0.50 29.96  ? 201 HBB A C31 1 
HETATM 1546 C C31 B HBB E 3 .  ? -3.900  -2.757  5.030   0.50 25.51  ? 201 HBB A C31 1 
HETATM 1547 C C35 . HBB E 3 .  ? -2.223  -6.589  1.716   1.00 25.53  ? 201 HBB A C35 1 
HETATM 1548 C C4  . HBB E 3 .  ? -2.173  -2.811  -4.967  1.00 21.59  ? 201 HBB A C4  1 
HETATM 1549 C C5  . HBB E 3 .  ? -2.674  -2.962  -6.242  1.00 22.01  ? 201 HBB A C5  1 
HETATM 1550 C C6  . HBB E 3 .  ? -3.643  -3.920  -6.491  1.00 23.56  ? 201 HBB A C6  1 
HETATM 1551 O O9  . HBB E 3 .  ? -4.200  -4.003  -7.750  1.00 27.17  ? 201 HBB A O9  1 
HETATM 1552 O O14 . HBB E 3 .  ? -4.449  0.709   -5.988  1.00 19.21  ? 201 HBB A O14 1 
HETATM 1553 N N15 . HBB E 3 .  ? -5.939  -0.670  -4.994  1.00 19.79  ? 201 HBB A N15 1 
HETATM 1554 C C17 . HBB E 3 .  ? -6.695  0.528   -2.936  1.00 17.73  ? 201 HBB A C17 1 
HETATM 1555 C C18 . HBB E 3 .  ? -6.374  0.808   -1.485  1.00 23.40  ? 201 HBB A C18 1 
HETATM 1556 O O21 . HBB E 3 .  ? -5.908  -2.230  -2.238  1.00 15.84  ? 201 HBB A O21 1 
HETATM 1557 N N22 . HBB E 3 .  ? -3.773  -1.485  -2.480  1.00 15.32  ? 201 HBB A N22 1 
HETATM 1558 C C23 . HBB E 3 .  ? -2.469  -1.962  -0.414  1.00 16.20  ? 201 HBB A C23 1 
HETATM 1559 O O24 . HBB E 3 .  ? -1.476  -1.019  -0.819  1.00 17.16  ? 201 HBB A O24 1 
HETATM 1560 C C25 . HBB E 3 .  ? -1.806  -3.058  0.435   1.00 21.37  ? 201 HBB A C25 1 
HETATM 1561 C C28 A HBB E 3 .  ? -4.184  -3.605  2.845   0.50 31.58  ? 201 HBB A C28 1 
HETATM 1562 C C28 B HBB E 3 .  ? -4.353  -3.255  2.592   0.50 28.50  ? 201 HBB A C28 1 
HETATM 1563 C C29 A HBB E 3 .  ? -4.808  -2.253  3.192   0.50 31.21  ? 201 HBB A C29 1 
HETATM 1564 C C29 B HBB E 3 .  ? -4.727  -2.408  3.814   0.50 27.12  ? 201 HBB A C29 1 
HETATM 1565 S S32 . HBB E 3 .  ? -3.056  -5.594  0.675   1.00 26.54  ? 201 HBB A S32 1 
HETATM 1566 O O33 . HBB E 3 .  ? -2.601  -5.885  -0.687  1.00 26.40  ? 201 HBB A O33 1 
HETATM 1567 O O34 . HBB E 3 .  ? -4.486  -5.850  0.759   1.00 29.20  ? 201 HBB A O34 1 
HETATM 1568 C C36 . HBB E 3 .  ? -0.910  -6.978  1.425   1.00 25.56  ? 201 HBB A C36 1 
HETATM 1569 C C37 . HBB E 3 .  ? -0.204  -7.812  2.290   1.00 21.79  ? 201 HBB A C37 1 
HETATM 1570 C C38 . HBB E 3 .  ? -0.809  -8.275  3.453   1.00 24.40  ? 201 HBB A C38 1 
HETATM 1571 C C39 . HBB E 3 .  ? -2.119  -7.898  3.755   1.00 23.13  ? 201 HBB A C39 1 
HETATM 1572 C C40 . HBB E 3 .  ? -2.818  -7.061  2.885   1.00 22.74  ? 201 HBB A C40 1 
HETATM 1573 S S   . SO4 F 2 .  ? -14.613 -20.928 1.321   1.00 84.87  ? 501 SO4 B S   1 
HETATM 1574 O O1  . SO4 F 2 .  ? -13.426 -20.151 2.121   1.00 87.41  ? 501 SO4 B O1  1 
HETATM 1575 O O2  . SO4 F 2 .  ? -14.002 -21.395 0.101   1.00 85.95  ? 501 SO4 B O2  1 
HETATM 1576 O O3  . SO4 F 2 .  ? -15.624 -20.121 1.119   1.00 84.65  ? 501 SO4 B O3  1 
HETATM 1577 O O4  . SO4 F 2 .  ? -14.890 -22.055 2.171   1.00 86.99  ? 501 SO4 B O4  1 
HETATM 1578 S S   . SO4 G 2 .  ? 10.191  -29.649 -2.000  1.00 139.58 ? 504 SO4 B S   1 
HETATM 1579 O O1  . SO4 G 2 .  ? 11.330  -28.803 -1.213  1.00 139.81 ? 504 SO4 B O1  1 
HETATM 1580 O O2  . SO4 G 2 .  ? 10.146  -29.084 -3.322  1.00 139.71 ? 504 SO4 B O2  1 
HETATM 1581 O O3  . SO4 G 2 .  ? 9.049   -29.563 -1.370  1.00 140.49 ? 504 SO4 B O3  1 
HETATM 1582 O O4  . SO4 G 2 .  ? 10.762  -30.970 -2.063  1.00 140.31 ? 504 SO4 B O4  1 
HETATM 1583 O O   . HOH H 4 .  ? -6.341  -4.618  -0.932  1.00 18.53  ? 301 HOH A O   1 
HETATM 1584 O O   . HOH H 4 .  ? -2.934  7.532   -8.604  1.00 22.87  ? 302 HOH A O   1 
HETATM 1585 O O   . HOH H 4 .  ? 9.146   15.524  -4.691  1.00 41.95  ? 306 HOH A O   1 
HETATM 1586 O O   . HOH H 4 .  ? 5.891   11.912  -5.504  1.00 18.61  ? 307 HOH A O   1 
HETATM 1587 O O   . HOH H 4 .  ? -7.440  4.063   9.945   1.00 29.89  ? 311 HOH A O   1 
HETATM 1588 O O   . HOH H 4 .  ? -6.971  13.639  -6.994  1.00 21.65  ? 312 HOH A O   1 
HETATM 1589 O O   . HOH H 4 .  ? 5.803   4.223   10.478  1.00 33.25  ? 313 HOH A O   1 
HETATM 1590 O O   . HOH H 4 .  ? -7.498  19.892  -6.712  1.00 18.80  ? 314 HOH A O   1 
HETATM 1591 O O   . HOH H 4 .  ? -12.394 18.658  3.879   1.00 22.04  ? 318 HOH A O   1 
HETATM 1592 O O   . HOH H 4 .  ? 10.583  13.966  -0.675  1.00 26.32  ? 325 HOH A O   1 
HETATM 1593 O O   . HOH H 4 .  ? 2.362   3.388   13.928  1.00 34.62  ? 327 HOH A O   1 
HETATM 1594 O O   . HOH H 4 .  ? -24.661 10.119  -5.791  1.00 33.12  ? 328 HOH A O   1 
HETATM 1595 O O   . HOH H 4 .  ? -10.736 15.799  -7.409  1.00 23.06  ? 329 HOH A O   1 
HETATM 1596 O O   . HOH H 4 .  ? 3.708   18.895  -4.841  1.00 35.43  ? 330 HOH A O   1 
HETATM 1597 O O   . HOH H 4 .  ? 9.472   7.063   11.734  1.00 38.30  ? 334 HOH A O   1 
HETATM 1598 O O   . HOH H 4 .  ? -22.927 13.695  0.413   1.00 40.34  ? 336 HOH A O   1 
HETATM 1599 O O   . HOH H 4 .  ? -8.852  8.922   -4.632  1.00 19.23  ? 337 HOH A O   1 
HETATM 1600 O O   . HOH H 4 .  ? 9.626   9.573   11.873  1.00 34.68  ? 338 HOH A O   1 
HETATM 1601 O O   . HOH H 4 .  ? -19.814 4.269   0.675   1.00 35.05  ? 340 HOH A O   1 
HETATM 1602 O O   . HOH H 4 .  ? 2.158   -0.966  13.438  1.00 34.53  ? 342 HOH A O   1 
HETATM 1603 O O   . HOH H 4 .  ? -3.087  17.584  9.977   1.00 46.74  ? 344 HOH A O   1 
HETATM 1604 O O   . HOH H 4 .  ? -21.971 3.562   -3.673  1.00 39.09  ? 356 HOH A O   1 
HETATM 1605 O O   . HOH H 4 .  ? -9.307  -0.421  -8.957  1.00 23.77  ? 357 HOH A O   1 
HETATM 1606 O O   . HOH H 4 .  ? 8.890   2.845   12.163  1.00 31.41  ? 359 HOH A O   1 
HETATM 1607 O O   . HOH H 4 .  ? 0.598   12.316  12.585  1.00 28.21  ? 360 HOH A O   1 
HETATM 1608 O O   . HOH H 4 .  ? -4.102  14.546  -7.302  1.00 27.61  ? 361 HOH A O   1 
HETATM 1609 O O   . HOH H 4 .  ? -20.666 2.025   -1.286  1.00 47.50  ? 362 HOH A O   1 
HETATM 1610 O O   . HOH H 4 .  ? -0.992  13.023  -9.056  1.00 26.23  ? 364 HOH A O   1 
HETATM 1611 O O   . HOH H 4 .  ? -1.312  6.984   -11.289 1.00 40.62  ? 365 HOH A O   1 
HETATM 1612 O O   . HOH H 4 .  ? 6.830   18.212  1.229   1.00 45.65  ? 367 HOH A O   1 
HETATM 1613 O O   . HOH H 4 .  ? 12.683  3.950   13.690  1.00 35.26  ? 368 HOH A O   1 
HETATM 1614 O O   . HOH H 4 .  ? -11.472 20.176  6.570   1.00 55.73  ? 370 HOH A O   1 
HETATM 1615 O O   . HOH H 4 .  ? 8.096   19.231  5.030   1.00 49.05  ? 372 HOH A O   1 
HETATM 1616 O O   . HOH H 4 .  ? 0.549   2.449   -6.424  1.00 13.03  ? 375 HOH A O   1 
HETATM 1617 O O   . HOH H 4 .  ? -17.755 15.472  -5.681  1.00 45.10  ? 376 HOH A O   1 
HETATM 1618 O O   . HOH H 4 .  ? -23.711 18.786  1.421   1.00 41.82  ? 377 HOH A O   1 
HETATM 1619 O O   . HOH H 4 .  ? -1.386  0.569   -6.832  1.00 18.69  ? 378 HOH A O   1 
HETATM 1620 O O   . HOH H 4 .  ? 6.698   21.548  3.920   1.00 59.78  ? 379 HOH A O   1 
HETATM 1621 O O   . HOH H 4 .  ? 11.567  13.616  10.789  1.00 52.33  ? 380 HOH A O   1 
HETATM 1622 O O   . HOH H 4 .  ? -9.760  7.120   12.508  1.00 32.60  ? 381 HOH A O   1 
HETATM 1623 O O   . HOH H 4 .  ? -23.319 4.032   -1.539  1.00 66.45  ? 385 HOH A O   1 
HETATM 1624 O O   . HOH H 4 .  ? -7.863  -11.723 -5.772  1.00 47.43  ? 388 HOH A O   1 
HETATM 1625 O O   . HOH H 4 .  ? 11.207  6.118   13.960  1.00 37.78  ? 393 HOH A O   1 
HETATM 1626 O O   . HOH H 4 .  ? -25.421 13.173  -2.701  1.00 52.28  ? 395 HOH A O   1 
HETATM 1627 O O   . HOH H 4 .  ? 8.838   6.934   16.091  1.00 56.48  ? 397 HOH A O   1 
HETATM 1628 O O   . HOH H 4 .  ? 7.085   8.221   18.107  1.00 68.26  ? 398 HOH A O   1 
HETATM 1629 O O   . HOH H 4 .  ? 9.808   6.452   19.099  1.00 69.92  ? 399 HOH A O   1 
HETATM 1630 O O   . HOH H 4 .  ? 12.996  14.672  8.857   1.00 53.35  ? 401 HOH A O   1 
HETATM 1631 O O   . HOH H 4 .  ? 5.194   -3.665  12.187  1.00 30.12  ? 404 HOH A O   1 
HETATM 1632 O O   . HOH H 4 .  ? 18.103  8.277   5.651   1.00 51.89  ? 406 HOH A O   1 
HETATM 1633 O O   . HOH H 4 .  ? 5.564   6.510   15.370  1.00 77.82  ? 407 HOH A O   1 
HETATM 1634 O O   . HOH H 4 .  ? 15.447  13.721  7.206   1.00 48.66  ? 409 HOH A O   1 
HETATM 1635 O O   . HOH I 4 .  ? 5.353   -11.514 4.345   1.00 21.11  ? 303 HOH B O   1 
HETATM 1636 O O   . HOH I 4 .  ? 7.366   9.275   -13.538 1.00 27.30  ? 304 HOH B O   1 
HETATM 1637 O O   . HOH I 4 .  ? -13.363 -4.234  1.774   1.00 30.66  ? 305 HOH B O   1 
HETATM 1638 O O   . HOH I 4 .  ? 5.784   -20.680 7.560   1.00 52.07  ? 308 HOH B O   1 
HETATM 1639 O O   . HOH I 4 .  ? 5.901   -5.831  8.904   1.00 34.59  ? 309 HOH B O   1 
HETATM 1640 O O   . HOH I 4 .  ? 4.772   -26.412 8.009   1.00 68.46  ? 310 HOH B O   1 
HETATM 1641 O O   . HOH I 4 .  ? 15.096  -16.843 -3.234  1.00 29.93  ? 315 HOH B O   1 
HETATM 1642 O O   . HOH I 4 .  ? 6.291   -9.537  -12.793 1.00 39.78  ? 316 HOH B O   1 
HETATM 1643 O O   . HOH I 4 .  ? -0.874  -2.441  6.775   1.00 32.76  ? 317 HOH B O   1 
HETATM 1644 O O   . HOH I 4 .  ? 9.846   -11.242 7.498   1.00 25.92  ? 319 HOH B O   1 
HETATM 1645 O O   . HOH I 4 .  ? 6.982   8.472   -10.769 1.00 24.83  ? 320 HOH B O   1 
HETATM 1646 O O   . HOH I 4 .  ? 18.431  3.935   4.236   1.00 31.89  ? 321 HOH B O   1 
HETATM 1647 O O   . HOH I 4 .  ? 14.313  15.902  -9.238  1.00 28.61  ? 322 HOH B O   1 
HETATM 1648 O O   . HOH I 4 .  ? 16.157  5.907   3.591   1.00 29.15  ? 323 HOH B O   1 
HETATM 1649 O O   . HOH I 4 .  ? -8.068  -19.925 -3.045  1.00 25.95  ? 324 HOH B O   1 
HETATM 1650 O O   . HOH I 4 .  ? 11.148  -15.624 7.580   1.00 33.07  ? 326 HOH B O   1 
HETATM 1651 O O   . HOH I 4 .  ? 3.682   -7.137  -10.168 1.00 30.57  ? 331 HOH B O   1 
HETATM 1652 O O   . HOH I 4 .  ? 4.253   -27.474 4.423   1.00 32.92  ? 332 HOH B O   1 
HETATM 1653 O O   . HOH I 4 .  ? -10.561 -20.853 -1.795  1.00 45.19  ? 333 HOH B O   1 
HETATM 1654 O O   . HOH I 4 .  ? 7.051   -26.269 -1.718  1.00 51.38  ? 335 HOH B O   1 
HETATM 1655 O O   . HOH I 4 .  ? 1.726   -1.087  6.482   1.00 15.71  ? 339 HOH B O   1 
HETATM 1656 O O   . HOH I 4 .  ? 11.937  14.943  -8.465  1.00 34.42  ? 341 HOH B O   1 
HETATM 1657 O O   . HOH I 4 .  ? 1.049   -2.584  -11.903 1.00 37.36  ? 343 HOH B O   1 
HETATM 1658 O O   . HOH I 4 .  ? -4.580  -9.533  6.960   1.00 24.26  ? 345 HOH B O   1 
HETATM 1659 O O   . HOH I 4 .  ? 22.367  -5.540  0.450   1.00 37.52  ? 346 HOH B O   1 
HETATM 1660 O O   . HOH I 4 .  ? -10.064 -17.820 -0.265  1.00 58.83  ? 347 HOH B O   1 
HETATM 1661 O O   . HOH I 4 .  ? 13.120  12.639  -7.642  1.00 46.30  ? 348 HOH B O   1 
HETATM 1662 O O   . HOH I 4 .  ? 8.859   -21.826 5.541   1.00 41.22  ? 349 HOH B O   1 
HETATM 1663 O O   . HOH I 4 .  ? -1.341  -19.976 -2.670  1.00 42.26  ? 350 HOH B O   1 
HETATM 1664 O O   . HOH I 4 .  ? 14.085  -1.880  -10.741 1.00 27.63  ? 351 HOH B O   1 
HETATM 1665 O O   . HOH I 4 .  ? 4.597   2.135   -12.730 1.00 33.29  ? 352 HOH B O   1 
HETATM 1666 O O   . HOH I 4 .  ? 0.702   3.787   -12.823 1.00 35.96  ? 353 HOH B O   1 
HETATM 1667 O O   . HOH I 4 .  ? 10.876  8.596   -9.512  1.00 29.94  ? 354 HOH B O   1 
HETATM 1668 O O   . HOH I 4 .  ? 19.263  1.716   1.933   1.00 45.21  ? 355 HOH B O   1 
HETATM 1669 O O   . HOH I 4 .  ? 17.192  -6.713  -7.455  1.00 43.58  ? 358 HOH B O   1 
HETATM 1670 O O   . HOH I 4 .  ? 12.152  1.694   7.286   1.00 18.89  ? 363 HOH B O   1 
HETATM 1671 O O   . HOH I 4 .  ? -8.029  -17.207 -2.095  1.00 35.05  ? 366 HOH B O   1 
HETATM 1672 O O   . HOH I 4 .  ? -2.748  -22.225 9.685   1.00 31.36  ? 369 HOH B O   1 
HETATM 1673 O O   . HOH I 4 .  ? 2.992   -4.845  -12.161 1.00 50.83  ? 371 HOH B O   1 
HETATM 1674 O O   . HOH I 4 .  ? 10.048  8.180   -13.817 1.00 29.53  ? 373 HOH B O   1 
HETATM 1675 O O   . HOH I 4 .  ? 17.643  9.470   -2.429  1.00 57.31  ? 374 HOH B O   1 
HETATM 1676 O O   . HOH I 4 .  ? 14.048  13.397  0.047   1.00 45.44  ? 382 HOH B O   1 
HETATM 1677 O O   . HOH I 4 .  ? 13.227  9.843   -8.983  1.00 42.02  ? 383 HOH B O   1 
HETATM 1678 O O   . HOH I 4 .  ? 10.000  2.736   -8.603  1.00 54.59  ? 384 HOH B O   1 
HETATM 1679 O O   . HOH I 4 .  ? 17.204  -13.113 -3.895  1.00 51.07  ? 386 HOH B O   1 
HETATM 1680 O O   . HOH I 4 .  ? 1.889   -10.064 -10.823 1.00 47.85  ? 387 HOH B O   1 
HETATM 1681 O O   . HOH I 4 .  ? -1.486  -5.284  5.185   1.00 28.03  ? 389 HOH B O   1 
HETATM 1682 O O   . HOH I 4 .  ? 12.984  14.356  4.569   1.00 64.83  ? 390 HOH B O   1 
HETATM 1683 O O   . HOH I 4 .  ? 18.441  12.342  -2.654  1.00 66.75  ? 391 HOH B O   1 
HETATM 1684 O O   . HOH I 4 .  ? 17.755  -2.254  8.053   1.00 55.77  ? 392 HOH B O   1 
HETATM 1685 O O   . HOH I 4 .  ? 24.028  -10.321 -6.537  1.00 56.50  ? 394 HOH B O   1 
HETATM 1686 O O   . HOH I 4 .  ? -12.191 -13.161 -1.512  1.00 40.77  ? 396 HOH B O   1 
HETATM 1687 O O   . HOH I 4 .  ? 24.255  -12.790 -5.401  1.00 55.26  ? 400 HOH B O   1 
HETATM 1688 O O   . HOH I 4 .  ? -3.231  -11.640 8.552   1.00 59.87  ? 402 HOH B O   1 
HETATM 1689 O O   . HOH I 4 .  ? -2.187  -15.083 10.667  1.00 74.29  ? 403 HOH B O   1 
HETATM 1690 O O   . HOH I 4 .  ? -2.634  -11.250 11.917  1.00 54.39  ? 405 HOH B O   1 
HETATM 1691 O O   . HOH I 4 .  ? 12.169  -25.460 4.075   1.00 54.97  ? 408 HOH B O   1 
HETATM 1692 O O   . HOH I 4 .  ? 5.095   -10.809 6.736   1.00 49.31  ? 410 HOH B O   1 
HETATM 1693 O O   . HOH I 4 .  ? 1.863   0.698   -13.237 1.00 53.02  ? 411 HOH B O   1 
HETATM 1694 O O   . HOH I 4 .  ? 17.104  8.544   -7.795  1.00 54.94  ? 412 HOH B O   1 
# 
loop_
_pdbx_poly_seq_scheme.asym_id 
_pdbx_poly_seq_scheme.entity_id 
_pdbx_poly_seq_scheme.seq_id 
_pdbx_poly_seq_scheme.mon_id 
_pdbx_poly_seq_scheme.ndb_seq_num 
_pdbx_poly_seq_scheme.pdb_seq_num 
_pdbx_poly_seq_scheme.auth_seq_num 
_pdbx_poly_seq_scheme.pdb_mon_id 
_pdbx_poly_seq_scheme.auth_mon_id 
_pdbx_poly_seq_scheme.pdb_strand_id 
_pdbx_poly_seq_scheme.pdb_ins_code 
_pdbx_poly_seq_scheme.hetero 
A 1 1  PRO 1  1   1   PRO PRO A . n 
A 1 2  GLN 2  2   2   GLN GLN A . n 
A 1 3  ILE 3  3   3   ILE ILE A . n 
A 1 4  THR 4  4   4   THR THR A . n 
A 1 5  LEU 5  5   5   LEU LEU A . n 
A 1 6  TRP 6  6   6   TRP TRP A . n 
A 1 7  LYS 7  7   7   LYS LYS A . n 
A 1 8  ARG 8  8   8   ARG ARG A . n 
A 1 9  PRO 9  9   9   PRO PRO A . n 
A 1 10 LEU 10 10  10  LEU LEU A . n 
A 1 11 VAL 11 11  11  VAL VAL A . n 
A 1 12 THR 12 12  12  THR THR A . n 
A 1 13 ILE 13 13  13  ILE ILE A . n 
A 1 14 ARG 14 14  14  ARG ARG A . n 
A 1 15 ILE 15 15  15  ILE ILE A . n 
A 1 16 GLY 16 16  16  GLY GLY A . n 
A 1 17 GLY 17 17  17  GLY GLY A . n 
A 1 18 GLN 18 18  18  GLN GLN A . n 
A 1 19 LEU 19 19  19  LEU LEU A . n 
A 1 20 LYS 20 20  20  LYS LYS A . n 
A 1 21 GLU 21 21  21  GLU GLU A . n 
A 1 22 ALA 22 22  22  ALA ALA A . n 
A 1 23 LEU 23 23  23  LEU LEU A . n 
A 1 24 LEU 24 24  24  LEU LEU A . n 
A 1 25 ASP 25 25  25  ASP ASP A . n 
A 1 26 THR 26 26  26  THR THR A . n 
A 1 27 GLY 27 27  27  GLY GLY A . n 
A 1 28 ALA 28 28  28  ALA ALA A . n 
A 1 29 ASP 29 29  29  ASP ASP A . n 
A 1 30 ASP 30 30  30  ASP ASP A . n 
A 1 31 THR 31 31  31  THR THR A . n 
A 1 32 VAL 32 32  32  VAL VAL A . n 
A 1 33 ILE 33 33  33  ILE ILE A . n 
A 1 34 GLU 34 34  34  GLU GLU A . n 
A 1 35 GLU 35 35  35  GLU GLU A . n 
A 1 36 MET 36 36  36  MET MET A . n 
A 1 37 ASN 37 37  37  ASN ASN A . n 
A 1 38 LEU 38 38  38  LEU LEU A . n 
A 1 39 PRO 39 39  39  PRO PRO A . n 
A 1 40 GLY 40 40  40  GLY GLY A . n 
A 1 41 LYS 41 41  41  LYS ALA A . n 
A 1 42 TRP 42 42  42  TRP TRP A . n 
A 1 43 LYS 43 43  43  LYS ALA A . n 
A 1 44 PRO 44 44  44  PRO PRO A . n 
A 1 45 LYS 45 45  45  LYS ALA A . n 
A 1 46 MET 46 46  46  MET MET A . n 
A 1 47 ILE 47 47  47  ILE ILE A . n 
A 1 48 GLY 48 48  48  GLY GLY A . n 
A 1 49 GLY 49 49  49  GLY GLY A . n 
A 1 50 ILE 50 50  50  ILE ILE A . n 
A 1 51 GLY 51 51  51  GLY GLY A . n 
A 1 52 GLY 52 52  52  GLY GLY A . n 
A 1 53 PHE 53 53  53  PHE PHE A . n 
A 1 54 ILE 54 54  54  ILE ILE A . n 
A 1 55 LYS 55 55  55  LYS LYS A . n 
A 1 56 VAL 56 56  56  VAL VAL A . n 
A 1 57 ARG 57 57  57  ARG ARG A . n 
A 1 58 GLN 58 58  58  GLN GLN A . n 
A 1 59 TYR 59 59  59  TYR TYR A . n 
A 1 60 ASP 60 60  60  ASP ASP A . n 
A 1 61 GLN 61 61  61  GLN GLN A . n 
A 1 62 ILE 62 62  62  ILE ILE A . n 
A 1 63 PRO 63 63  63  PRO PRO A . n 
A 1 64 VAL 64 64  64  VAL VAL A . n 
A 1 65 GLU 65 65  65  GLU GLU A . n 
A 1 66 ILE 66 66  66  ILE ILE A . n 
A 1 67 ABA 67 67  67  ABA ABA A . n 
A 1 68 GLY 68 68  68  GLY GLY A . n 
A 1 69 HIS 69 69  69  HIS HIS A . n 
A 1 70 LYS 70 70  70  LYS LYS A . n 
A 1 71 ALA 71 71  71  ALA ALA A . n 
A 1 72 ILE 72 72  72  ILE ILE A . n 
A 1 73 GLY 73 73  73  GLY GLY A . n 
A 1 74 THR 74 74  74  THR THR A . n 
A 1 75 VAL 75 75  75  VAL VAL A . n 
A 1 76 LEU 76 76  76  LEU LEU A . n 
A 1 77 VAL 77 77  77  VAL VAL A . n 
A 1 78 GLY 78 78  78  GLY GLY A . n 
A 1 79 PRO 79 79  79  PRO PRO A . n 
A 1 80 THR 80 80  80  THR THR A . n 
A 1 81 PRO 81 81  81  PRO PRO A . n 
A 1 82 VAL 82 82  82  VAL VAL A . n 
A 1 83 ASN 83 83  83  ASN ASN A . n 
A 1 84 ILE 84 84  84  ILE ILE A . n 
A 1 85 ILE 85 85  85  ILE ILE A . n 
A 1 86 GLY 86 86  86  GLY GLY A . n 
A 1 87 ARG 87 87  87  ARG ARG A . n 
A 1 88 ASN 88 88  88  ASN ASN A . n 
A 1 89 LEU 89 89  89  LEU LEU A . n 
A 1 90 LEU 90 90  90  LEU LEU A . n 
A 1 91 THR 91 91  91  THR THR A . n 
A 1 92 GLN 92 92  92  GLN GLN A . n 
A 1 93 ILE 93 93  93  ILE ILE A . n 
A 1 94 GLY 94 94  94  GLY GLY A . n 
A 1 95 ABA 95 95  95  ABA ABA A . n 
A 1 96 THR 96 96  96  THR THR A . n 
A 1 97 LEU 97 97  97  LEU LEU A . n 
A 1 98 ASN 98 98  98  ASN ASN A . n 
A 1 99 PHE 99 99  99  PHE PHE A . n 
B 1 1  PRO 1  101 101 PRO PRO B . n 
B 1 2  GLN 2  102 102 GLN GLN B . n 
B 1 3  ILE 3  103 103 ILE ILE B . n 
B 1 4  THR 4  104 104 THR THR B . n 
B 1 5  LEU 5  105 105 LEU LEU B . n 
B 1 6  TRP 6  106 106 TRP TRP B . n 
B 1 7  LYS 7  107 107 LYS LYS B . n 
B 1 8  ARG 8  108 108 ARG ARG B . n 
B 1 9  PRO 9  109 109 PRO PRO B . n 
B 1 10 LEU 10 110 110 LEU LEU B . n 
B 1 11 VAL 11 111 111 VAL VAL B . n 
B 1 12 THR 12 112 112 THR THR B . n 
B 1 13 ILE 13 113 113 ILE ILE B . n 
B 1 14 ARG 14 114 114 ARG ARG B . n 
B 1 15 ILE 15 115 115 ILE ILE B . n 
B 1 16 GLY 16 116 116 GLY GLY B . n 
B 1 17 GLY 17 117 117 GLY GLY B . n 
B 1 18 GLN 18 118 118 GLN GLN B . n 
B 1 19 LEU 19 119 119 LEU LEU B . n 
B 1 20 LYS 20 120 120 LYS LYS B . n 
B 1 21 GLU 21 121 121 GLU GLU B . n 
B 1 22 ALA 22 122 122 ALA ALA B . n 
B 1 23 LEU 23 123 123 LEU LEU B . n 
B 1 24 LEU 24 124 124 LEU LEU B . n 
B 1 25 ASP 25 125 125 ASP ASP B . n 
B 1 26 THR 26 126 126 THR THR B . n 
B 1 27 GLY 27 127 127 GLY GLY B . n 
B 1 28 ALA 28 128 128 ALA ALA B . n 
B 1 29 ASP 29 129 129 ASP ASP B . n 
B 1 30 ASP 30 130 130 ASP ASP B . n 
B 1 31 THR 31 131 131 THR THR B . n 
B 1 32 VAL 32 132 132 VAL VAL B . n 
B 1 33 ILE 33 133 133 ILE ILE B . n 
B 1 34 GLU 34 134 134 GLU GLU B . n 
B 1 35 GLU 35 135 135 GLU GLU B . n 
B 1 36 MET 36 136 136 MET MET B . n 
B 1 37 ASN 37 137 137 ASN ASN B . n 
B 1 38 LEU 38 138 138 LEU LEU B . n 
B 1 39 PRO 39 139 139 PRO PRO B . n 
B 1 40 GLY 40 140 140 GLY GLY B . n 
B 1 41 LYS 41 141 141 LYS ALA B . n 
B 1 42 TRP 42 142 142 TRP TRP B . n 
B 1 43 LYS 43 143 143 LYS ALA B . n 
B 1 44 PRO 44 144 144 PRO PRO B . n 
B 1 45 LYS 45 145 145 LYS LYS B . n 
B 1 46 MET 46 146 146 MET MET B . n 
B 1 47 ILE 47 147 147 ILE ILE B . n 
B 1 48 GLY 48 148 148 GLY GLY B . n 
B 1 49 GLY 49 149 149 GLY GLY B . n 
B 1 50 ILE 50 150 150 ILE ILE B . n 
B 1 51 GLY 51 151 151 GLY GLY B . n 
B 1 52 GLY 52 152 152 GLY GLY B . n 
B 1 53 PHE 53 153 153 PHE PHE B . n 
B 1 54 ILE 54 154 154 ILE ILE B . n 
B 1 55 LYS 55 155 155 LYS LYS B . n 
B 1 56 VAL 56 156 156 VAL VAL B . n 
B 1 57 ARG 57 157 157 ARG ARG B . n 
B 1 58 GLN 58 158 158 GLN GLN B . n 
B 1 59 TYR 59 159 159 TYR TYR B . n 
B 1 60 ASP 60 160 160 ASP ASP B . n 
B 1 61 GLN 61 161 161 GLN GLN B . n 
B 1 62 ILE 62 162 162 ILE ILE B . n 
B 1 63 PRO 63 163 163 PRO PRO B . n 
B 1 64 VAL 64 164 164 VAL VAL B . n 
B 1 65 GLU 65 165 165 GLU GLU B . n 
B 1 66 ILE 66 166 166 ILE ILE B . n 
B 1 67 ABA 67 167 167 ABA ABA B . n 
B 1 68 GLY 68 168 168 GLY GLY B . n 
B 1 69 HIS 69 169 169 HIS HIS B . n 
B 1 70 LYS 70 170 170 LYS LYS B . n 
B 1 71 ALA 71 171 171 ALA ALA B . n 
B 1 72 ILE 72 172 172 ILE ILE B . n 
B 1 73 GLY 73 173 173 GLY GLY B . n 
B 1 74 THR 74 174 174 THR THR B . n 
B 1 75 VAL 75 175 175 VAL VAL B . n 
B 1 76 LEU 76 176 176 LEU LEU B . n 
B 1 77 VAL 77 177 177 VAL VAL B . n 
B 1 78 GLY 78 178 178 GLY GLY B . n 
B 1 79 PRO 79 179 179 PRO PRO B . n 
B 1 80 THR 80 180 180 THR THR B . n 
B 1 81 PRO 81 181 181 PRO PRO B . n 
B 1 82 VAL 82 182 182 VAL VAL B . n 
B 1 83 ASN 83 183 183 ASN ASN B . n 
B 1 84 ILE 84 184 184 ILE ILE B . n 
B 1 85 ILE 85 185 185 ILE ILE B . n 
B 1 86 GLY 86 186 186 GLY GLY B . n 
B 1 87 ARG 87 187 187 ARG ARG B . n 
B 1 88 ASN 88 188 188 ASN ASN B . n 
B 1 89 LEU 89 189 189 LEU LEU B . n 
B 1 90 LEU 90 190 190 LEU LEU B . n 
B 1 91 THR 91 191 191 THR THR B . n 
B 1 92 GLN 92 192 192 GLN GLN B . n 
B 1 93 ILE 93 193 193 ILE ILE B . n 
B 1 94 GLY 94 194 194 GLY GLY B . n 
B 1 95 ABA 95 195 195 ABA ABA B . n 
B 1 96 THR 96 196 196 THR THR B . n 
B 1 97 LEU 97 197 197 LEU LEU B . n 
B 1 98 ASN 98 198 198 ASN ASN B . n 
B 1 99 PHE 99 199 199 PHE PHE B . n 
# 
loop_
_pdbx_nonpoly_scheme.asym_id 
_pdbx_nonpoly_scheme.entity_id 
_pdbx_nonpoly_scheme.mon_id 
_pdbx_nonpoly_scheme.ndb_seq_num 
_pdbx_nonpoly_scheme.pdb_seq_num 
_pdbx_nonpoly_scheme.auth_seq_num 
_pdbx_nonpoly_scheme.pdb_mon_id 
_pdbx_nonpoly_scheme.auth_mon_id 
_pdbx_nonpoly_scheme.pdb_strand_id 
_pdbx_nonpoly_scheme.pdb_ins_code 
C 2 SO4 1  502 502 SO4 SO4 A . 
D 2 SO4 1  503 503 SO4 SO4 A . 
E 3 HBB 1  201 201 HBB INH A . 
F 2 SO4 1  501 501 SO4 SO4 B . 
G 2 SO4 1  504 504 SO4 SO4 B . 
H 4 HOH 1  301 301 HOH WAT A . 
H 4 HOH 2  302 302 HOH WAT A . 
H 4 HOH 3  306 306 HOH WAT A . 
H 4 HOH 4  307 307 HOH WAT A . 
H 4 HOH 5  311 311 HOH WAT A . 
H 4 HOH 6  312 312 HOH WAT A . 
H 4 HOH 7  313 313 HOH WAT A . 
H 4 HOH 8  314 314 HOH WAT A . 
H 4 HOH 9  318 318 HOH WAT A . 
H 4 HOH 10 325 325 HOH WAT A . 
H 4 HOH 11 327 327 HOH WAT A . 
H 4 HOH 12 328 328 HOH WAT A . 
H 4 HOH 13 329 329 HOH WAT A . 
H 4 HOH 14 330 330 HOH WAT A . 
H 4 HOH 15 334 334 HOH WAT A . 
H 4 HOH 16 336 336 HOH WAT A . 
H 4 HOH 17 337 337 HOH WAT A . 
H 4 HOH 18 338 338 HOH WAT A . 
H 4 HOH 19 340 340 HOH WAT A . 
H 4 HOH 20 342 342 HOH WAT A . 
H 4 HOH 21 344 344 HOH WAT A . 
H 4 HOH 22 356 356 HOH WAT A . 
H 4 HOH 23 357 357 HOH WAT A . 
H 4 HOH 24 359 359 HOH WAT A . 
H 4 HOH 25 360 360 HOH WAT A . 
H 4 HOH 26 361 361 HOH WAT A . 
H 4 HOH 27 362 362 HOH WAT A . 
H 4 HOH 28 364 364 HOH WAT A . 
H 4 HOH 29 365 365 HOH WAT A . 
H 4 HOH 30 367 367 HOH WAT A . 
H 4 HOH 31 368 368 HOH WAT A . 
H 4 HOH 32 370 370 HOH WAT A . 
H 4 HOH 33 372 372 HOH WAT A . 
H 4 HOH 34 375 375 HOH WAT A . 
H 4 HOH 35 376 376 HOH WAT A . 
H 4 HOH 36 377 377 HOH WAT A . 
H 4 HOH 37 378 378 HOH WAT A . 
H 4 HOH 38 379 379 HOH WAT A . 
H 4 HOH 39 380 380 HOH WAT A . 
H 4 HOH 40 381 381 HOH WAT A . 
H 4 HOH 41 385 385 HOH WAT A . 
H 4 HOH 42 388 388 HOH WAT A . 
H 4 HOH 43 393 393 HOH WAT A . 
H 4 HOH 44 395 395 HOH WAT A . 
H 4 HOH 45 397 397 HOH WAT A . 
H 4 HOH 46 398 398 HOH WAT A . 
H 4 HOH 47 399 399 HOH WAT A . 
H 4 HOH 48 401 401 HOH WAT A . 
H 4 HOH 49 404 404 HOH WAT A . 
H 4 HOH 50 406 406 HOH WAT A . 
H 4 HOH 51 407 407 HOH WAT A . 
H 4 HOH 52 409 409 HOH WAT A . 
I 4 HOH 1  303 303 HOH WAT B . 
I 4 HOH 2  304 304 HOH WAT B . 
I 4 HOH 3  305 305 HOH WAT B . 
I 4 HOH 4  308 308 HOH WAT B . 
I 4 HOH 5  309 309 HOH WAT B . 
I 4 HOH 6  310 310 HOH WAT B . 
I 4 HOH 7  315 315 HOH WAT B . 
I 4 HOH 8  316 316 HOH WAT B . 
I 4 HOH 9  317 317 HOH WAT B . 
I 4 HOH 10 319 319 HOH WAT B . 
I 4 HOH 11 320 320 HOH WAT B . 
I 4 HOH 12 321 321 HOH WAT B . 
I 4 HOH 13 322 322 HOH WAT B . 
I 4 HOH 14 323 323 HOH WAT B . 
I 4 HOH 15 324 324 HOH WAT B . 
I 4 HOH 16 326 326 HOH WAT B . 
I 4 HOH 17 331 331 HOH WAT B . 
I 4 HOH 18 332 332 HOH WAT B . 
I 4 HOH 19 333 333 HOH WAT B . 
I 4 HOH 20 335 335 HOH WAT B . 
I 4 HOH 21 339 339 HOH WAT B . 
I 4 HOH 22 341 341 HOH WAT B . 
I 4 HOH 23 343 343 HOH WAT B . 
I 4 HOH 24 345 345 HOH WAT B . 
I 4 HOH 25 346 346 HOH WAT B . 
I 4 HOH 26 347 347 HOH WAT B . 
I 4 HOH 27 348 348 HOH WAT B . 
I 4 HOH 28 349 349 HOH WAT B . 
I 4 HOH 29 350 350 HOH WAT B . 
I 4 HOH 30 351 351 HOH WAT B . 
I 4 HOH 31 352 352 HOH WAT B . 
I 4 HOH 32 353 353 HOH WAT B . 
I 4 HOH 33 354 354 HOH WAT B . 
I 4 HOH 34 355 355 HOH WAT B . 
I 4 HOH 35 358 358 HOH WAT B . 
I 4 HOH 36 363 363 HOH WAT B . 
I 4 HOH 37 366 366 HOH WAT B . 
I 4 HOH 38 369 369 HOH WAT B . 
I 4 HOH 39 371 371 HOH WAT B . 
I 4 HOH 40 373 373 HOH WAT B . 
I 4 HOH 41 374 374 HOH WAT B . 
I 4 HOH 42 382 382 HOH WAT B . 
I 4 HOH 43 383 383 HOH WAT B . 
I 4 HOH 44 384 384 HOH WAT B . 
I 4 HOH 45 386 386 HOH WAT B . 
I 4 HOH 46 387 387 HOH WAT B . 
I 4 HOH 47 389 389 HOH WAT B . 
I 4 HOH 48 390 390 HOH WAT B . 
I 4 HOH 49 391 391 HOH WAT B . 
I 4 HOH 50 392 392 HOH WAT B . 
I 4 HOH 51 394 394 HOH WAT B . 
I 4 HOH 52 396 396 HOH WAT B . 
I 4 HOH 53 400 400 HOH WAT B . 
I 4 HOH 54 402 402 HOH WAT B . 
I 4 HOH 55 403 403 HOH WAT B . 
I 4 HOH 56 405 405 HOH WAT B . 
I 4 HOH 57 408 408 HOH WAT B . 
I 4 HOH 58 410 410 HOH WAT B . 
I 4 HOH 59 411 411 HOH WAT B . 
I 4 HOH 60 412 412 HOH WAT B . 
# 
loop_
_pdbx_struct_mod_residue.id 
_pdbx_struct_mod_residue.label_asym_id 
_pdbx_struct_mod_residue.label_comp_id 
_pdbx_struct_mod_residue.label_seq_id 
_pdbx_struct_mod_residue.auth_asym_id 
_pdbx_struct_mod_residue.auth_comp_id 
_pdbx_struct_mod_residue.auth_seq_id 
_pdbx_struct_mod_residue.PDB_ins_code 
_pdbx_struct_mod_residue.parent_comp_id 
_pdbx_struct_mod_residue.details 
1 A ABA 67 A ABA 67  ? ALA 'ALPHA-AMINOBUTYRIC ACID' 
2 A ABA 95 A ABA 95  ? ALA 'ALPHA-AMINOBUTYRIC ACID' 
3 B ABA 67 B ABA 167 ? ALA 'ALPHA-AMINOBUTYRIC ACID' 
4 B ABA 95 B ABA 195 ? ALA 'ALPHA-AMINOBUTYRIC ACID' 
# 
_pdbx_struct_assembly.id                   1 
_pdbx_struct_assembly.details              author_and_software_defined_assembly 
_pdbx_struct_assembly.method_details       PISA 
_pdbx_struct_assembly.oligomeric_details   dimeric 
_pdbx_struct_assembly.oligomeric_count     2 
# 
_pdbx_struct_assembly_gen.assembly_id       1 
_pdbx_struct_assembly_gen.oper_expression   1 
_pdbx_struct_assembly_gen.asym_id_list      A,B,C,D,E,F,G,H,I 
# 
loop_
_pdbx_struct_assembly_prop.biol_id 
_pdbx_struct_assembly_prop.type 
_pdbx_struct_assembly_prop.value 
_pdbx_struct_assembly_prop.details 
1 'ABSA (A^2)' 5490 ? 
1 MORE         -74  ? 
1 'SSA (A^2)'  9210 ? 
# 
_pdbx_struct_oper_list.id                   1 
_pdbx_struct_oper_list.type                 'identity operation' 
_pdbx_struct_oper_list.name                 1_555 
_pdbx_struct_oper_list.symmetry_operation   x,y,z 
_pdbx_struct_oper_list.matrix[1][1]         1.0000000000 
_pdbx_struct_oper_list.matrix[1][2]         0.0000000000 
_pdbx_struct_oper_list.matrix[1][3]         0.0000000000 
_pdbx_struct_oper_list.vector[1]            0.0000000000 
_pdbx_struct_oper_list.matrix[2][1]         0.0000000000 
_pdbx_struct_oper_list.matrix[2][2]         1.0000000000 
_pdbx_struct_oper_list.matrix[2][3]         0.0000000000 
_pdbx_struct_oper_list.vector[2]            0.0000000000 
_pdbx_struct_oper_list.matrix[3][1]         0.0000000000 
_pdbx_struct_oper_list.matrix[3][2]         0.0000000000 
_pdbx_struct_oper_list.matrix[3][3]         1.0000000000 
_pdbx_struct_oper_list.vector[3]            0.0000000000 
# 
loop_
_pdbx_audit_revision_history.ordinal 
_pdbx_audit_revision_history.data_content_type 
_pdbx_audit_revision_history.major_revision 
_pdbx_audit_revision_history.minor_revision 
_pdbx_audit_revision_history.revision_date 
1 'Structure model' 1 0 2005-03-22 
2 'Structure model' 1 1 2008-04-30 
3 'Structure model' 1 2 2011-07-13 
4 'Structure model' 1 3 2021-11-10 
5 'Structure model' 1 4 2023-10-25 
6 'Structure model' 1 5 2023-11-15 
# 
_pdbx_audit_revision_details.ordinal             1 
_pdbx_audit_revision_details.revision_ordinal    1 
_pdbx_audit_revision_details.data_content_type   'Structure model' 
_pdbx_audit_revision_details.provider            repository 
_pdbx_audit_revision_details.type                'Initial release' 
_pdbx_audit_revision_details.description         ? 
_pdbx_audit_revision_details.details             ? 
# 
loop_
_pdbx_audit_revision_group.ordinal 
_pdbx_audit_revision_group.revision_ordinal 
_pdbx_audit_revision_group.data_content_type 
_pdbx_audit_revision_group.group 
1 2 'Structure model' 'Version format compliance' 
2 3 'Structure model' 'Version format compliance' 
3 4 'Structure model' 'Database references'       
4 4 'Structure model' 'Derived calculations'      
5 4 'Structure model' 'Structure summary'         
6 5 'Structure model' 'Data collection'           
7 5 'Structure model' 'Refinement description'    
8 6 'Structure model' 'Data collection'           
# 
loop_
_pdbx_audit_revision_category.ordinal 
_pdbx_audit_revision_category.revision_ordinal 
_pdbx_audit_revision_category.data_content_type 
_pdbx_audit_revision_category.category 
1  4 'Structure model' chem_comp                     
2  4 'Structure model' database_2                    
3  4 'Structure model' struct_conn                   
4  4 'Structure model' struct_ref_seq_dif            
5  4 'Structure model' struct_site                   
6  5 'Structure model' chem_comp_atom                
7  5 'Structure model' chem_comp_bond                
8  5 'Structure model' pdbx_initial_refinement_model 
9  6 'Structure model' chem_comp_atom                
10 6 'Structure model' chem_comp_bond                
# 
loop_
_pdbx_audit_revision_item.ordinal 
_pdbx_audit_revision_item.revision_ordinal 
_pdbx_audit_revision_item.data_content_type 
_pdbx_audit_revision_item.item 
1  4 'Structure model' '_chem_comp.pdbx_synonyms'            
2  4 'Structure model' '_database_2.pdbx_DOI'                
3  4 'Structure model' '_database_2.pdbx_database_accession' 
4  4 'Structure model' '_struct_conn.pdbx_leaving_atom_flag' 
5  4 'Structure model' '_struct_ref_seq_dif.details'         
6  4 'Structure model' '_struct_site.pdbx_auth_asym_id'      
7  4 'Structure model' '_struct_site.pdbx_auth_comp_id'      
8  4 'Structure model' '_struct_site.pdbx_auth_seq_id'       
9  6 'Structure model' '_chem_comp_atom.atom_id'             
10 6 'Structure model' '_chem_comp_bond.atom_id_2'           
# 
loop_
_software.name 
_software.classification 
_software.version 
_software.citation_id 
_software.pdbx_ordinal 
DENZO     'data reduction' .     ? 1 
SCALEPACK 'data scaling'   .     ? 2 
X-PLOR    'model building' .     ? 3 
X-PLOR    refinement       3.851 ? 4 
X-PLOR    phasing          .     ? 5 
# 
_pdbx_validate_torsion.id              1 
_pdbx_validate_torsion.PDB_model_num   1 
_pdbx_validate_torsion.auth_comp_id    GLU 
_pdbx_validate_torsion.auth_asym_id    B 
_pdbx_validate_torsion.auth_seq_id     135 
_pdbx_validate_torsion.PDB_ins_code    ? 
_pdbx_validate_torsion.label_alt_id    ? 
_pdbx_validate_torsion.phi             -36.87 
_pdbx_validate_torsion.psi             124.07 
# 
loop_
_pdbx_unobs_or_zero_occ_atoms.id 
_pdbx_unobs_or_zero_occ_atoms.PDB_model_num 
_pdbx_unobs_or_zero_occ_atoms.polymer_flag 
_pdbx_unobs_or_zero_occ_atoms.occupancy_flag 
_pdbx_unobs_or_zero_occ_atoms.auth_asym_id 
_pdbx_unobs_or_zero_occ_atoms.auth_comp_id 
_pdbx_unobs_or_zero_occ_atoms.auth_seq_id 
_pdbx_unobs_or_zero_occ_atoms.PDB_ins_code 
_pdbx_unobs_or_zero_occ_atoms.auth_atom_id 
_pdbx_unobs_or_zero_occ_atoms.label_alt_id 
_pdbx_unobs_or_zero_occ_atoms.label_asym_id 
_pdbx_unobs_or_zero_occ_atoms.label_comp_id 
_pdbx_unobs_or_zero_occ_atoms.label_seq_id 
_pdbx_unobs_or_zero_occ_atoms.label_atom_id 
1  1 Y 1 A LYS 41  ? CG ? A LYS 41 CG 
2  1 Y 1 A LYS 41  ? CD ? A LYS 41 CD 
3  1 Y 1 A LYS 41  ? CE ? A LYS 41 CE 
4  1 Y 1 A LYS 41  ? NZ ? A LYS 41 NZ 
5  1 Y 1 A LYS 43  ? CG ? A LYS 43 CG 
6  1 Y 1 A LYS 43  ? CD ? A LYS 43 CD 
7  1 Y 1 A LYS 43  ? CE ? A LYS 43 CE 
8  1 Y 1 A LYS 43  ? NZ ? A LYS 43 NZ 
9  1 Y 1 A LYS 45  ? CG ? A LYS 45 CG 
10 1 Y 1 A LYS 45  ? CD ? A LYS 45 CD 
11 1 Y 1 A LYS 45  ? CE ? A LYS 45 CE 
12 1 Y 1 A LYS 45  ? NZ ? A LYS 45 NZ 
13 1 Y 1 B LYS 141 ? CG ? B LYS 41 CG 
14 1 Y 1 B LYS 141 ? CD ? B LYS 41 CD 
15 1 Y 1 B LYS 141 ? CE ? B LYS 41 CE 
16 1 Y 1 B LYS 141 ? NZ ? B LYS 41 NZ 
17 1 Y 1 B LYS 143 ? CG ? B LYS 43 CG 
18 1 Y 1 B LYS 143 ? CD ? B LYS 43 CD 
19 1 Y 1 B LYS 143 ? CE ? B LYS 43 CE 
20 1 Y 1 B LYS 143 ? NZ ? B LYS 43 NZ 
# 
loop_
_chem_comp_atom.comp_id 
_chem_comp_atom.atom_id 
_chem_comp_atom.type_symbol 
_chem_comp_atom.pdbx_aromatic_flag 
_chem_comp_atom.pdbx_stereo_config 
_chem_comp_atom.pdbx_ordinal 
ABA N    N N N 1   
ABA CA   C N S 2   
ABA C    C N N 3   
ABA O    O N N 4   
ABA CB   C N N 5   
ABA CG   C N N 6   
ABA OXT  O N N 7   
ABA H    H N N 8   
ABA H2   H N N 9   
ABA HA   H N N 10  
ABA HB3  H N N 11  
ABA HB2  H N N 12  
ABA HG1  H N N 13  
ABA HG3  H N N 14  
ABA HG2  H N N 15  
ABA HXT  H N N 16  
ALA N    N N N 17  
ALA CA   C N S 18  
ALA C    C N N 19  
ALA O    O N N 20  
ALA CB   C N N 21  
ALA OXT  O N N 22  
ALA H    H N N 23  
ALA H2   H N N 24  
ALA HA   H N N 25  
ALA HB1  H N N 26  
ALA HB2  H N N 27  
ALA HB3  H N N 28  
ALA HXT  H N N 29  
ARG N    N N N 30  
ARG CA   C N S 31  
ARG C    C N N 32  
ARG O    O N N 33  
ARG CB   C N N 34  
ARG CG   C N N 35  
ARG CD   C N N 36  
ARG NE   N N N 37  
ARG CZ   C N N 38  
ARG NH1  N N N 39  
ARG NH2  N N N 40  
ARG OXT  O N N 41  
ARG H    H N N 42  
ARG H2   H N N 43  
ARG HA   H N N 44  
ARG HB2  H N N 45  
ARG HB3  H N N 46  
ARG HG2  H N N 47  
ARG HG3  H N N 48  
ARG HD2  H N N 49  
ARG HD3  H N N 50  
ARG HE   H N N 51  
ARG HH11 H N N 52  
ARG HH12 H N N 53  
ARG HH21 H N N 54  
ARG HH22 H N N 55  
ARG HXT  H N N 56  
ASN N    N N N 57  
ASN CA   C N S 58  
ASN C    C N N 59  
ASN O    O N N 60  
ASN CB   C N N 61  
ASN CG   C N N 62  
ASN OD1  O N N 63  
ASN ND2  N N N 64  
ASN OXT  O N N 65  
ASN H    H N N 66  
ASN H2   H N N 67  
ASN HA   H N N 68  
ASN HB2  H N N 69  
ASN HB3  H N N 70  
ASN HD21 H N N 71  
ASN HD22 H N N 72  
ASN HXT  H N N 73  
ASP N    N N N 74  
ASP CA   C N S 75  
ASP C    C N N 76  
ASP O    O N N 77  
ASP CB   C N N 78  
ASP CG   C N N 79  
ASP OD1  O N N 80  
ASP OD2  O N N 81  
ASP OXT  O N N 82  
ASP H    H N N 83  
ASP H2   H N N 84  
ASP HA   H N N 85  
ASP HB2  H N N 86  
ASP HB3  H N N 87  
ASP HD2  H N N 88  
ASP HXT  H N N 89  
CYS N    N N N 90  
CYS CA   C N R 91  
CYS C    C N N 92  
CYS O    O N N 93  
CYS CB   C N N 94  
CYS SG   S N N 95  
CYS OXT  O N N 96  
CYS H    H N N 97  
CYS H2   H N N 98  
CYS HA   H N N 99  
CYS HB2  H N N 100 
CYS HB3  H N N 101 
CYS HG   H N N 102 
CYS HXT  H N N 103 
GLN N    N N N 104 
GLN CA   C N S 105 
GLN C    C N N 106 
GLN O    O N N 107 
GLN CB   C N N 108 
GLN CG   C N N 109 
GLN CD   C N N 110 
GLN OE1  O N N 111 
GLN NE2  N N N 112 
GLN OXT  O N N 113 
GLN H    H N N 114 
GLN H2   H N N 115 
GLN HA   H N N 116 
GLN HB2  H N N 117 
GLN HB3  H N N 118 
GLN HG2  H N N 119 
GLN HG3  H N N 120 
GLN HE21 H N N 121 
GLN HE22 H N N 122 
GLN HXT  H N N 123 
GLU N    N N N 124 
GLU CA   C N S 125 
GLU C    C N N 126 
GLU O    O N N 127 
GLU CB   C N N 128 
GLU CG   C N N 129 
GLU CD   C N N 130 
GLU OE1  O N N 131 
GLU OE2  O N N 132 
GLU OXT  O N N 133 
GLU H    H N N 134 
GLU H2   H N N 135 
GLU HA   H N N 136 
GLU HB2  H N N 137 
GLU HB3  H N N 138 
GLU HG2  H N N 139 
GLU HG3  H N N 140 
GLU HE2  H N N 141 
GLU HXT  H N N 142 
GLY N    N N N 143 
GLY CA   C N N 144 
GLY C    C N N 145 
GLY O    O N N 146 
GLY OXT  O N N 147 
GLY H    H N N 148 
GLY H2   H N N 149 
GLY HA2  H N N 150 
GLY HA3  H N N 151 
GLY HXT  H N N 152 
HBB C1   C N S 153 
HBB C2   C N N 154 
HBB C3   C Y N 155 
HBB C7   C Y N 156 
HBB C8   C Y N 157 
HBB C10  C N N 158 
HBB C11  C N N 159 
HBB C12  C N N 160 
HBB C13  C N N 161 
HBB C16  C N S 162 
HBB C19  C N N 163 
HBB C20  C N N 164 
HBB N26  N N N 165 
HBB C27  C N N 166 
HBB C30  C N N 167 
HBB C31  C N N 168 
HBB C35  C Y N 169 
HBB C4   C Y N 170 
HBB C5   C Y N 171 
HBB C6   C Y N 172 
HBB O9   O N N 173 
HBB O14  O N N 174 
HBB N15  N N N 175 
HBB C17  C N N 176 
HBB C18  C N N 177 
HBB O21  O N N 178 
HBB N22  N N N 179 
HBB C23  C N R 180 
HBB O24  O N N 181 
HBB C25  C N N 182 
HBB C28  C N N 183 
HBB C29  C N N 184 
HBB S32  S N N 185 
HBB O33  O N N 186 
HBB O34  O N N 187 
HBB C36  C Y N 188 
HBB C37  C Y N 189 
HBB C38  C Y N 190 
HBB C39  C Y N 191 
HBB C40  C Y N 192 
HBB H1   H N N 193 
HBB H21  H N N 194 
HBB H22A H N N 195 
HBB H7   H N N 196 
HBB H8   H N N 197 
HBB H101 H N N 198 
HBB H102 H N N 199 
HBB H111 H N N 200 
HBB H112 H N N 201 
HBB H121 H N N 202 
HBB H122 H N N 203 
HBB H16  H N N 204 
HBB H191 H N N 205 
HBB H192 H N N 206 
HBB H193 H N N 207 
HBB H271 H N N 208 
HBB H272 H N N 209 
HBB H301 H N N 210 
HBB H302 H N N 211 
HBB H303 H N N 212 
HBB H311 H N N 213 
HBB H312 H N N 214 
HBB H313 H N N 215 
HBB H4   H N N 216 
HBB H5   H N N 217 
HBB H15  H N N 218 
HBB H17  H N N 219 
HBB H181 H N N 220 
HBB H182 H N N 221 
HBB H183 H N N 222 
HBB H22  H N N 223 
HBB H23  H N N 224 
HBB H24  H N N 225 
HBB H251 H N N 226 
HBB H252 H N N 227 
HBB H281 H N N 228 
HBB H282 H N N 229 
HBB H29  H N N 230 
HBB H36  H N N 231 
HBB H37  H N N 232 
HBB H38  H N N 233 
HBB H39  H N N 234 
HBB H40  H N N 235 
HIS N    N N N 236 
HIS CA   C N S 237 
HIS C    C N N 238 
HIS O    O N N 239 
HIS CB   C N N 240 
HIS CG   C Y N 241 
HIS ND1  N Y N 242 
HIS CD2  C Y N 243 
HIS CE1  C Y N 244 
HIS NE2  N Y N 245 
HIS OXT  O N N 246 
HIS H    H N N 247 
HIS H2   H N N 248 
HIS HA   H N N 249 
HIS HB2  H N N 250 
HIS HB3  H N N 251 
HIS HD1  H N N 252 
HIS HD2  H N N 253 
HIS HE1  H N N 254 
HIS HE2  H N N 255 
HIS HXT  H N N 256 
HOH O    O N N 257 
HOH H1   H N N 258 
HOH H2   H N N 259 
ILE N    N N N 260 
ILE CA   C N S 261 
ILE C    C N N 262 
ILE O    O N N 263 
ILE CB   C N S 264 
ILE CG1  C N N 265 
ILE CG2  C N N 266 
ILE CD1  C N N 267 
ILE OXT  O N N 268 
ILE H    H N N 269 
ILE H2   H N N 270 
ILE HA   H N N 271 
ILE HB   H N N 272 
ILE HG12 H N N 273 
ILE HG13 H N N 274 
ILE HG21 H N N 275 
ILE HG22 H N N 276 
ILE HG23 H N N 277 
ILE HD11 H N N 278 
ILE HD12 H N N 279 
ILE HD13 H N N 280 
ILE HXT  H N N 281 
LEU N    N N N 282 
LEU CA   C N S 283 
LEU C    C N N 284 
LEU O    O N N 285 
LEU CB   C N N 286 
LEU CG   C N N 287 
LEU CD1  C N N 288 
LEU CD2  C N N 289 
LEU OXT  O N N 290 
LEU H    H N N 291 
LEU H2   H N N 292 
LEU HA   H N N 293 
LEU HB2  H N N 294 
LEU HB3  H N N 295 
LEU HG   H N N 296 
LEU HD11 H N N 297 
LEU HD12 H N N 298 
LEU HD13 H N N 299 
LEU HD21 H N N 300 
LEU HD22 H N N 301 
LEU HD23 H N N 302 
LEU HXT  H N N 303 
LYS N    N N N 304 
LYS CA   C N S 305 
LYS C    C N N 306 
LYS O    O N N 307 
LYS CB   C N N 308 
LYS CG   C N N 309 
LYS CD   C N N 310 
LYS CE   C N N 311 
LYS NZ   N N N 312 
LYS OXT  O N N 313 
LYS H    H N N 314 
LYS H2   H N N 315 
LYS HA   H N N 316 
LYS HB2  H N N 317 
LYS HB3  H N N 318 
LYS HG2  H N N 319 
LYS HG3  H N N 320 
LYS HD2  H N N 321 
LYS HD3  H N N 322 
LYS HE2  H N N 323 
LYS HE3  H N N 324 
LYS HZ1  H N N 325 
LYS HZ2  H N N 326 
LYS HZ3  H N N 327 
LYS HXT  H N N 328 
MET N    N N N 329 
MET CA   C N S 330 
MET C    C N N 331 
MET O    O N N 332 
MET CB   C N N 333 
MET CG   C N N 334 
MET SD   S N N 335 
MET CE   C N N 336 
MET OXT  O N N 337 
MET H    H N N 338 
MET H2   H N N 339 
MET HA   H N N 340 
MET HB2  H N N 341 
MET HB3  H N N 342 
MET HG2  H N N 343 
MET HG3  H N N 344 
MET HE1  H N N 345 
MET HE2  H N N 346 
MET HE3  H N N 347 
MET HXT  H N N 348 
PHE N    N N N 349 
PHE CA   C N S 350 
PHE C    C N N 351 
PHE O    O N N 352 
PHE CB   C N N 353 
PHE CG   C Y N 354 
PHE CD1  C Y N 355 
PHE CD2  C Y N 356 
PHE CE1  C Y N 357 
PHE CE2  C Y N 358 
PHE CZ   C Y N 359 
PHE OXT  O N N 360 
PHE H    H N N 361 
PHE H2   H N N 362 
PHE HA   H N N 363 
PHE HB2  H N N 364 
PHE HB3  H N N 365 
PHE HD1  H N N 366 
PHE HD2  H N N 367 
PHE HE1  H N N 368 
PHE HE2  H N N 369 
PHE HZ   H N N 370 
PHE HXT  H N N 371 
PRO N    N N N 372 
PRO CA   C N S 373 
PRO C    C N N 374 
PRO O    O N N 375 
PRO CB   C N N 376 
PRO CG   C N N 377 
PRO CD   C N N 378 
PRO OXT  O N N 379 
PRO H    H N N 380 
PRO HA   H N N 381 
PRO HB2  H N N 382 
PRO HB3  H N N 383 
PRO HG2  H N N 384 
PRO HG3  H N N 385 
PRO HD2  H N N 386 
PRO HD3  H N N 387 
PRO HXT  H N N 388 
SO4 S    S N N 389 
SO4 O1   O N N 390 
SO4 O2   O N N 391 
SO4 O3   O N N 392 
SO4 O4   O N N 393 
THR N    N N N 394 
THR CA   C N S 395 
THR C    C N N 396 
THR O    O N N 397 
THR CB   C N R 398 
THR OG1  O N N 399 
THR CG2  C N N 400 
THR OXT  O N N 401 
THR H    H N N 402 
THR H2   H N N 403 
THR HA   H N N 404 
THR HB   H N N 405 
THR HG1  H N N 406 
THR HG21 H N N 407 
THR HG22 H N N 408 
THR HG23 H N N 409 
THR HXT  H N N 410 
TRP N    N N N 411 
TRP CA   C N S 412 
TRP C    C N N 413 
TRP O    O N N 414 
TRP CB   C N N 415 
TRP CG   C Y N 416 
TRP CD1  C Y N 417 
TRP CD2  C Y N 418 
TRP NE1  N Y N 419 
TRP CE2  C Y N 420 
TRP CE3  C Y N 421 
TRP CZ2  C Y N 422 
TRP CZ3  C Y N 423 
TRP CH2  C Y N 424 
TRP OXT  O N N 425 
TRP H    H N N 426 
TRP H2   H N N 427 
TRP HA   H N N 428 
TRP HB2  H N N 429 
TRP HB3  H N N 430 
TRP HD1  H N N 431 
TRP HE1  H N N 432 
TRP HE3  H N N 433 
TRP HZ2  H N N 434 
TRP HZ3  H N N 435 
TRP HH2  H N N 436 
TRP HXT  H N N 437 
TYR N    N N N 438 
TYR CA   C N S 439 
TYR C    C N N 440 
TYR O    O N N 441 
TYR CB   C N N 442 
TYR CG   C Y N 443 
TYR CD1  C Y N 444 
TYR CD2  C Y N 445 
TYR CE1  C Y N 446 
TYR CE2  C Y N 447 
TYR CZ   C Y N 448 
TYR OH   O N N 449 
TYR OXT  O N N 450 
TYR H    H N N 451 
TYR H2   H N N 452 
TYR HA   H N N 453 
TYR HB2  H N N 454 
TYR HB3  H N N 455 
TYR HD1  H N N 456 
TYR HD2  H N N 457 
TYR HE1  H N N 458 
TYR HE2  H N N 459 
TYR HH   H N N 460 
TYR HXT  H N N 461 
VAL N    N N N 462 
VAL CA   C N S 463 
VAL C    C N N 464 
VAL O    O N N 465 
VAL CB   C N N 466 
VAL CG1  C N N 467 
VAL CG2  C N N 468 
VAL OXT  O N N 469 
VAL H    H N N 470 
VAL H2   H N N 471 
VAL HA   H N N 472 
VAL HB   H N N 473 
VAL HG11 H N N 474 
VAL HG12 H N N 475 
VAL HG13 H N N 476 
VAL HG21 H N N 477 
VAL HG22 H N N 478 
VAL HG23 H N N 479 
VAL HXT  H N N 480 
# 
loop_
_chem_comp_bond.comp_id 
_chem_comp_bond.atom_id_1 
_chem_comp_bond.atom_id_2 
_chem_comp_bond.value_order 
_chem_comp_bond.pdbx_aromatic_flag 
_chem_comp_bond.pdbx_stereo_config 
_chem_comp_bond.pdbx_ordinal 
ABA N   CA   sing N N 1   
ABA N   H    sing N N 2   
ABA N   H2   sing N N 3   
ABA CA  C    sing N N 4   
ABA CA  CB   sing N N 5   
ABA CA  HA   sing N N 6   
ABA C   O    doub N N 7   
ABA C   OXT  sing N N 8   
ABA CB  CG   sing N N 9   
ABA CB  HB3  sing N N 10  
ABA CB  HB2  sing N N 11  
ABA CG  HG1  sing N N 12  
ABA CG  HG3  sing N N 13  
ABA CG  HG2  sing N N 14  
ABA OXT HXT  sing N N 15  
ALA N   CA   sing N N 16  
ALA N   H    sing N N 17  
ALA N   H2   sing N N 18  
ALA CA  C    sing N N 19  
ALA CA  CB   sing N N 20  
ALA CA  HA   sing N N 21  
ALA C   O    doub N N 22  
ALA C   OXT  sing N N 23  
ALA CB  HB1  sing N N 24  
ALA CB  HB2  sing N N 25  
ALA CB  HB3  sing N N 26  
ALA OXT HXT  sing N N 27  
ARG N   CA   sing N N 28  
ARG N   H    sing N N 29  
ARG N   H2   sing N N 30  
ARG CA  C    sing N N 31  
ARG CA  CB   sing N N 32  
ARG CA  HA   sing N N 33  
ARG C   O    doub N N 34  
ARG C   OXT  sing N N 35  
ARG CB  CG   sing N N 36  
ARG CB  HB2  sing N N 37  
ARG CB  HB3  sing N N 38  
ARG CG  CD   sing N N 39  
ARG CG  HG2  sing N N 40  
ARG CG  HG3  sing N N 41  
ARG CD  NE   sing N N 42  
ARG CD  HD2  sing N N 43  
ARG CD  HD3  sing N N 44  
ARG NE  CZ   sing N N 45  
ARG NE  HE   sing N N 46  
ARG CZ  NH1  sing N N 47  
ARG CZ  NH2  doub N N 48  
ARG NH1 HH11 sing N N 49  
ARG NH1 HH12 sing N N 50  
ARG NH2 HH21 sing N N 51  
ARG NH2 HH22 sing N N 52  
ARG OXT HXT  sing N N 53  
ASN N   CA   sing N N 54  
ASN N   H    sing N N 55  
ASN N   H2   sing N N 56  
ASN CA  C    sing N N 57  
ASN CA  CB   sing N N 58  
ASN CA  HA   sing N N 59  
ASN C   O    doub N N 60  
ASN C   OXT  sing N N 61  
ASN CB  CG   sing N N 62  
ASN CB  HB2  sing N N 63  
ASN CB  HB3  sing N N 64  
ASN CG  OD1  doub N N 65  
ASN CG  ND2  sing N N 66  
ASN ND2 HD21 sing N N 67  
ASN ND2 HD22 sing N N 68  
ASN OXT HXT  sing N N 69  
ASP N   CA   sing N N 70  
ASP N   H    sing N N 71  
ASP N   H2   sing N N 72  
ASP CA  C    sing N N 73  
ASP CA  CB   sing N N 74  
ASP CA  HA   sing N N 75  
ASP C   O    doub N N 76  
ASP C   OXT  sing N N 77  
ASP CB  CG   sing N N 78  
ASP CB  HB2  sing N N 79  
ASP CB  HB3  sing N N 80  
ASP CG  OD1  doub N N 81  
ASP CG  OD2  sing N N 82  
ASP OD2 HD2  sing N N 83  
ASP OXT HXT  sing N N 84  
CYS N   CA   sing N N 85  
CYS N   H    sing N N 86  
CYS N   H2   sing N N 87  
CYS CA  C    sing N N 88  
CYS CA  CB   sing N N 89  
CYS CA  HA   sing N N 90  
CYS C   O    doub N N 91  
CYS C   OXT  sing N N 92  
CYS CB  SG   sing N N 93  
CYS CB  HB2  sing N N 94  
CYS CB  HB3  sing N N 95  
CYS SG  HG   sing N N 96  
CYS OXT HXT  sing N N 97  
GLN N   CA   sing N N 98  
GLN N   H    sing N N 99  
GLN N   H2   sing N N 100 
GLN CA  C    sing N N 101 
GLN CA  CB   sing N N 102 
GLN CA  HA   sing N N 103 
GLN C   O    doub N N 104 
GLN C   OXT  sing N N 105 
GLN CB  CG   sing N N 106 
GLN CB  HB2  sing N N 107 
GLN CB  HB3  sing N N 108 
GLN CG  CD   sing N N 109 
GLN CG  HG2  sing N N 110 
GLN CG  HG3  sing N N 111 
GLN CD  OE1  doub N N 112 
GLN CD  NE2  sing N N 113 
GLN NE2 HE21 sing N N 114 
GLN NE2 HE22 sing N N 115 
GLN OXT HXT  sing N N 116 
GLU N   CA   sing N N 117 
GLU N   H    sing N N 118 
GLU N   H2   sing N N 119 
GLU CA  C    sing N N 120 
GLU CA  CB   sing N N 121 
GLU CA  HA   sing N N 122 
GLU C   O    doub N N 123 
GLU C   OXT  sing N N 124 
GLU CB  CG   sing N N 125 
GLU CB  HB2  sing N N 126 
GLU CB  HB3  sing N N 127 
GLU CG  CD   sing N N 128 
GLU CG  HG2  sing N N 129 
GLU CG  HG3  sing N N 130 
GLU CD  OE1  doub N N 131 
GLU CD  OE2  sing N N 132 
GLU OE2 HE2  sing N N 133 
GLU OXT HXT  sing N N 134 
GLY N   CA   sing N N 135 
GLY N   H    sing N N 136 
GLY N   H2   sing N N 137 
GLY CA  C    sing N N 138 
GLY CA  HA2  sing N N 139 
GLY CA  HA3  sing N N 140 
GLY C   O    doub N N 141 
GLY C   OXT  sing N N 142 
GLY OXT HXT  sing N N 143 
HBB C1  C2   sing N N 144 
HBB C1  N22  sing N N 145 
HBB C1  C23  sing N N 146 
HBB C1  H1   sing N N 147 
HBB C2  C3   sing N N 148 
HBB C2  H21  sing N N 149 
HBB C2  H22A sing N N 150 
HBB C3  C8   doub Y N 151 
HBB C3  C4   sing Y N 152 
HBB C7  C8   sing Y N 153 
HBB C7  C6   doub Y N 154 
HBB C7  H7   sing N N 155 
HBB C8  H8   sing N N 156 
HBB C10 C11  sing N N 157 
HBB C10 O9   sing N N 158 
HBB C10 H101 sing N N 159 
HBB C10 H102 sing N N 160 
HBB C11 C12  sing N N 161 
HBB C11 H111 sing N N 162 
HBB C11 H112 sing N N 163 
HBB C12 C13  sing N N 164 
HBB C12 H121 sing N N 165 
HBB C12 H122 sing N N 166 
HBB C13 O14  doub N N 167 
HBB C13 N15  sing N N 168 
HBB C16 C20  sing N N 169 
HBB C16 N15  sing N N 170 
HBB C16 C17  sing N N 171 
HBB C16 H16  sing N N 172 
HBB C19 C17  sing N N 173 
HBB C19 H191 sing N N 174 
HBB C19 H192 sing N N 175 
HBB C19 H193 sing N N 176 
HBB C20 O21  doub N N 177 
HBB C20 N22  sing N N 178 
HBB N26 C27  sing N N 179 
HBB N26 C25  sing N N 180 
HBB N26 S32  sing N N 181 
HBB C27 C28  sing N N 182 
HBB C27 H271 sing N N 183 
HBB C27 H272 sing N N 184 
HBB C30 C29  sing N N 185 
HBB C30 H301 sing N N 186 
HBB C30 H302 sing N N 187 
HBB C30 H303 sing N N 188 
HBB C31 C29  sing N N 189 
HBB C31 H311 sing N N 190 
HBB C31 H312 sing N N 191 
HBB C31 H313 sing N N 192 
HBB C35 S32  sing N N 193 
HBB C35 C36  doub Y N 194 
HBB C35 C40  sing Y N 195 
HBB C4  C5   doub Y N 196 
HBB C4  H4   sing N N 197 
HBB C5  C6   sing Y N 198 
HBB C5  H5   sing N N 199 
HBB C6  O9   sing N N 200 
HBB N15 H15  sing N N 201 
HBB C17 C18  sing N N 202 
HBB C17 H17  sing N N 203 
HBB C18 H181 sing N N 204 
HBB C18 H182 sing N N 205 
HBB C18 H183 sing N N 206 
HBB N22 H22  sing N N 207 
HBB C23 O24  sing N N 208 
HBB C23 C25  sing N N 209 
HBB C23 H23  sing N N 210 
HBB O24 H24  sing N N 211 
HBB C25 H251 sing N N 212 
HBB C25 H252 sing N N 213 
HBB C28 C29  sing N N 214 
HBB C28 H281 sing N N 215 
HBB C28 H282 sing N N 216 
HBB C29 H29  sing N N 217 
HBB S32 O33  doub N N 218 
HBB S32 O34  doub N N 219 
HBB C36 C37  sing Y N 220 
HBB C36 H36  sing N N 221 
HBB C37 C38  doub Y N 222 
HBB C37 H37  sing N N 223 
HBB C38 C39  sing Y N 224 
HBB C38 H38  sing N N 225 
HBB C39 C40  doub Y N 226 
HBB C39 H39  sing N N 227 
HBB C40 H40  sing N N 228 
HIS N   CA   sing N N 229 
HIS N   H    sing N N 230 
HIS N   H2   sing N N 231 
HIS CA  C    sing N N 232 
HIS CA  CB   sing N N 233 
HIS CA  HA   sing N N 234 
HIS C   O    doub N N 235 
HIS C   OXT  sing N N 236 
HIS CB  CG   sing N N 237 
HIS CB  HB2  sing N N 238 
HIS CB  HB3  sing N N 239 
HIS CG  ND1  sing Y N 240 
HIS CG  CD2  doub Y N 241 
HIS ND1 CE1  doub Y N 242 
HIS ND1 HD1  sing N N 243 
HIS CD2 NE2  sing Y N 244 
HIS CD2 HD2  sing N N 245 
HIS CE1 NE2  sing Y N 246 
HIS CE1 HE1  sing N N 247 
HIS NE2 HE2  sing N N 248 
HIS OXT HXT  sing N N 249 
HOH O   H1   sing N N 250 
HOH O   H2   sing N N 251 
ILE N   CA   sing N N 252 
ILE N   H    sing N N 253 
ILE N   H2   sing N N 254 
ILE CA  C    sing N N 255 
ILE CA  CB   sing N N 256 
ILE CA  HA   sing N N 257 
ILE C   O    doub N N 258 
ILE C   OXT  sing N N 259 
ILE CB  CG1  sing N N 260 
ILE CB  CG2  sing N N 261 
ILE CB  HB   sing N N 262 
ILE CG1 CD1  sing N N 263 
ILE CG1 HG12 sing N N 264 
ILE CG1 HG13 sing N N 265 
ILE CG2 HG21 sing N N 266 
ILE CG2 HG22 sing N N 267 
ILE CG2 HG23 sing N N 268 
ILE CD1 HD11 sing N N 269 
ILE CD1 HD12 sing N N 270 
ILE CD1 HD13 sing N N 271 
ILE OXT HXT  sing N N 272 
LEU N   CA   sing N N 273 
LEU N   H    sing N N 274 
LEU N   H2   sing N N 275 
LEU CA  C    sing N N 276 
LEU CA  CB   sing N N 277 
LEU CA  HA   sing N N 278 
LEU C   O    doub N N 279 
LEU C   OXT  sing N N 280 
LEU CB  CG   sing N N 281 
LEU CB  HB2  sing N N 282 
LEU CB  HB3  sing N N 283 
LEU CG  CD1  sing N N 284 
LEU CG  CD2  sing N N 285 
LEU CG  HG   sing N N 286 
LEU CD1 HD11 sing N N 287 
LEU CD1 HD12 sing N N 288 
LEU CD1 HD13 sing N N 289 
LEU CD2 HD21 sing N N 290 
LEU CD2 HD22 sing N N 291 
LEU CD2 HD23 sing N N 292 
LEU OXT HXT  sing N N 293 
LYS N   CA   sing N N 294 
LYS N   H    sing N N 295 
LYS N   H2   sing N N 296 
LYS CA  C    sing N N 297 
LYS CA  CB   sing N N 298 
LYS CA  HA   sing N N 299 
LYS C   O    doub N N 300 
LYS C   OXT  sing N N 301 
LYS CB  CG   sing N N 302 
LYS CB  HB2  sing N N 303 
LYS CB  HB3  sing N N 304 
LYS CG  CD   sing N N 305 
LYS CG  HG2  sing N N 306 
LYS CG  HG3  sing N N 307 
LYS CD  CE   sing N N 308 
LYS CD  HD2  sing N N 309 
LYS CD  HD3  sing N N 310 
LYS CE  NZ   sing N N 311 
LYS CE  HE2  sing N N 312 
LYS CE  HE3  sing N N 313 
LYS NZ  HZ1  sing N N 314 
LYS NZ  HZ2  sing N N 315 
LYS NZ  HZ3  sing N N 316 
LYS OXT HXT  sing N N 317 
MET N   CA   sing N N 318 
MET N   H    sing N N 319 
MET N   H2   sing N N 320 
MET CA  C    sing N N 321 
MET CA  CB   sing N N 322 
MET CA  HA   sing N N 323 
MET C   O    doub N N 324 
MET C   OXT  sing N N 325 
MET CB  CG   sing N N 326 
MET CB  HB2  sing N N 327 
MET CB  HB3  sing N N 328 
MET CG  SD   sing N N 329 
MET CG  HG2  sing N N 330 
MET CG  HG3  sing N N 331 
MET SD  CE   sing N N 332 
MET CE  HE1  sing N N 333 
MET CE  HE2  sing N N 334 
MET CE  HE3  sing N N 335 
MET OXT HXT  sing N N 336 
PHE N   CA   sing N N 337 
PHE N   H    sing N N 338 
PHE N   H2   sing N N 339 
PHE CA  C    sing N N 340 
PHE CA  CB   sing N N 341 
PHE CA  HA   sing N N 342 
PHE C   O    doub N N 343 
PHE C   OXT  sing N N 344 
PHE CB  CG   sing N N 345 
PHE CB  HB2  sing N N 346 
PHE CB  HB3  sing N N 347 
PHE CG  CD1  doub Y N 348 
PHE CG  CD2  sing Y N 349 
PHE CD1 CE1  sing Y N 350 
PHE CD1 HD1  sing N N 351 
PHE CD2 CE2  doub Y N 352 
PHE CD2 HD2  sing N N 353 
PHE CE1 CZ   doub Y N 354 
PHE CE1 HE1  sing N N 355 
PHE CE2 CZ   sing Y N 356 
PHE CE2 HE2  sing N N 357 
PHE CZ  HZ   sing N N 358 
PHE OXT HXT  sing N N 359 
PRO N   CA   sing N N 360 
PRO N   CD   sing N N 361 
PRO N   H    sing N N 362 
PRO CA  C    sing N N 363 
PRO CA  CB   sing N N 364 
PRO CA  HA   sing N N 365 
PRO C   O    doub N N 366 
PRO C   OXT  sing N N 367 
PRO CB  CG   sing N N 368 
PRO CB  HB2  sing N N 369 
PRO CB  HB3  sing N N 370 
PRO CG  CD   sing N N 371 
PRO CG  HG2  sing N N 372 
PRO CG  HG3  sing N N 373 
PRO CD  HD2  sing N N 374 
PRO CD  HD3  sing N N 375 
PRO OXT HXT  sing N N 376 
SO4 S   O1   doub N N 377 
SO4 S   O2   doub N N 378 
SO4 S   O3   sing N N 379 
SO4 S   O4   sing N N 380 
THR N   CA   sing N N 381 
THR N   H    sing N N 382 
THR N   H2   sing N N 383 
THR CA  C    sing N N 384 
THR CA  CB   sing N N 385 
THR CA  HA   sing N N 386 
THR C   O    doub N N 387 
THR C   OXT  sing N N 388 
THR CB  OG1  sing N N 389 
THR CB  CG2  sing N N 390 
THR CB  HB   sing N N 391 
THR OG1 HG1  sing N N 392 
THR CG2 HG21 sing N N 393 
THR CG2 HG22 sing N N 394 
THR CG2 HG23 sing N N 395 
THR OXT HXT  sing N N 396 
TRP N   CA   sing N N 397 
TRP N   H    sing N N 398 
TRP N   H2   sing N N 399 
TRP CA  C    sing N N 400 
TRP CA  CB   sing N N 401 
TRP CA  HA   sing N N 402 
TRP C   O    doub N N 403 
TRP C   OXT  sing N N 404 
TRP CB  CG   sing N N 405 
TRP CB  HB2  sing N N 406 
TRP CB  HB3  sing N N 407 
TRP CG  CD1  doub Y N 408 
TRP CG  CD2  sing Y N 409 
TRP CD1 NE1  sing Y N 410 
TRP CD1 HD1  sing N N 411 
TRP CD2 CE2  doub Y N 412 
TRP CD2 CE3  sing Y N 413 
TRP NE1 CE2  sing Y N 414 
TRP NE1 HE1  sing N N 415 
TRP CE2 CZ2  sing Y N 416 
TRP CE3 CZ3  doub Y N 417 
TRP CE3 HE3  sing N N 418 
TRP CZ2 CH2  doub Y N 419 
TRP CZ2 HZ2  sing N N 420 
TRP CZ3 CH2  sing Y N 421 
TRP CZ3 HZ3  sing N N 422 
TRP CH2 HH2  sing N N 423 
TRP OXT HXT  sing N N 424 
TYR N   CA   sing N N 425 
TYR N   H    sing N N 426 
TYR N   H2   sing N N 427 
TYR CA  C    sing N N 428 
TYR CA  CB   sing N N 429 
TYR CA  HA   sing N N 430 
TYR C   O    doub N N 431 
TYR C   OXT  sing N N 432 
TYR CB  CG   sing N N 433 
TYR CB  HB2  sing N N 434 
TYR CB  HB3  sing N N 435 
TYR CG  CD1  doub Y N 436 
TYR CG  CD2  sing Y N 437 
TYR CD1 CE1  sing Y N 438 
TYR CD1 HD1  sing N N 439 
TYR CD2 CE2  doub Y N 440 
TYR CD2 HD2  sing N N 441 
TYR CE1 CZ   doub Y N 442 
TYR CE1 HE1  sing N N 443 
TYR CE2 CZ   sing Y N 444 
TYR CE2 HE2  sing N N 445 
TYR CZ  OH   sing N N 446 
TYR OH  HH   sing N N 447 
TYR OXT HXT  sing N N 448 
VAL N   CA   sing N N 449 
VAL N   H    sing N N 450 
VAL N   H2   sing N N 451 
VAL CA  C    sing N N 452 
VAL CA  CB   sing N N 453 
VAL CA  HA   sing N N 454 
VAL C   O    doub N N 455 
VAL C   OXT  sing N N 456 
VAL CB  CG1  sing N N 457 
VAL CB  CG2  sing N N 458 
VAL CB  HB   sing N N 459 
VAL CG1 HG11 sing N N 460 
VAL CG1 HG12 sing N N 461 
VAL CG1 HG13 sing N N 462 
VAL CG2 HG21 sing N N 463 
VAL CG2 HG22 sing N N 464 
VAL CG2 HG23 sing N N 465 
VAL OXT HXT  sing N N 466 
# 
loop_
_pdbx_entity_nonpoly.entity_id 
_pdbx_entity_nonpoly.name 
_pdbx_entity_nonpoly.comp_id 
2 'SULFATE ION' SO4 
3 
;N-{(2R)-2-HYDROXY-2-[(8S,11S)-8-ISOPROPYL-6,9-DIOXO-2-OXA-7,10-DIAZABICYCLO[11.2.2]HEPTADECA-1(15),13,16-TRIEN-11-YL]ETHYL}-N-ISOPENTYLBENZENESULFONAMIDE
;
HBB 
4 water HOH 
# 
_pdbx_initial_refinement_model.id               1 
_pdbx_initial_refinement_model.entity_id_list   ? 
_pdbx_initial_refinement_model.type             'experimental model' 
_pdbx_initial_refinement_model.source_name      PDB 
_pdbx_initial_refinement_model.accession_code   1B6N 
_pdbx_initial_refinement_model.details          ? 
# 
